data_1MPX
#
_entry.id   1MPX
#
_cell.length_a   89.772
_cell.length_b   126.016
_cell.length_c   132.291
_cell.angle_alpha   90.00
_cell.angle_beta   91.06
_cell.angle_gamma   90.00
#
_symmetry.space_group_name_H-M   'P 1 21 1'
#
loop_
_entity.id
_entity.type
_entity.pdbx_description
1 polymer 'alpha-amino acid ester hydrolase'
2 non-polymer 'CALCIUM ION'
3 non-polymer GLYCEROL
4 water water
#
_entity_poly.entity_id   1
_entity_poly.type   'polypeptide(L)'
_entity_poly.pdbx_seq_one_letter_code
;QTSP(MSE)TPDITGKPFVAADASNDYIKREV(MSE)IP(MSE)RDGVKLHTVIVLPKGAKNAPIVLTRTPYDASGRTER
LASPH(MSE)KDLLSAGDDVFVEGGYIRVFQDVRGKYGSEGDYV(MSE)TRPLRGPLNPSEVDHATDAWDTIDWLVKNVS
ESNGKVG(MSE)IGSSYEGFTVV(MSE)ALTNPHPALKVAVPESP(MSE)IDGW(MSE)GDDWFNYGAFRQVNFDYFTGQ
LSKRGKGAGIARQGHDDYSNFLQAGSAGDFAKAAGLEQLPWWHKLTEHAAYDAFWQEQALDKV(MSE)ARTPLKVPT
(MSE)WLQGLWDQED(MSE)WGAIHSYAA(MSE)EPRDKRNTLNYLV(MSE)GPWRHSQVNYDGSALGALNFEGDTARQF
RHDVLRPFFDQYLVDGAPKADTPPVFIYNTGENHWDRLKAWPRSCDKGCAATSKPLYLQAGGKLSFQPPVAGQAGFEEYV
SDPAKPVPFVPRPVDFADRA(MSE)WTTWLVHDQRFVDGRPDVLTFVTEPLTEPLQIAGAPDVHLQASTSGSDSDWVVKL
IDVYPEE(MSE)ASNPK(MSE)GGYELPVSLAIFRGRYRESFSTPKPLTSNQPLAFQFGLPTANHTFQPGHRV(MSE)VQ
VQSSLFPLYDRNPQTYVPNIFFAKPGDYQKATQRVYVSPEQPSYISLPVR
;
_entity_poly.pdbx_strand_id   A,B,C,D
#
# COMPACT_ATOMS: atom_id res chain seq x y z
N THR A 2 -49.77 6.95 -9.06
CA THR A 2 -49.03 7.81 -8.07
C THR A 2 -48.80 9.22 -8.64
N SER A 3 -49.34 10.22 -7.95
CA SER A 3 -49.21 11.61 -8.39
C SER A 3 -47.73 12.06 -8.26
N PRO A 4 -47.25 12.86 -9.23
CA PRO A 4 -45.86 13.36 -9.20
C PRO A 4 -45.50 14.16 -7.94
N THR A 6 -46.63 13.66 -4.92
CA THR A 6 -46.74 12.87 -3.71
C THR A 6 -45.38 12.96 -3.01
N PRO A 7 -45.34 13.45 -1.77
CA PRO A 7 -44.07 13.55 -1.03
C PRO A 7 -43.32 12.24 -1.08
N ASP A 8 -42.08 12.27 -1.55
CA ASP A 8 -41.24 11.07 -1.64
C ASP A 8 -40.73 10.61 -0.26
N ILE A 9 -40.75 11.51 0.71
CA ILE A 9 -40.43 11.17 2.10
C ILE A 9 -41.81 11.21 2.78
N THR A 10 -42.35 10.04 3.10
CA THR A 10 -43.72 9.92 3.64
C THR A 10 -43.87 10.28 5.11
N GLY A 11 -45.13 10.54 5.49
CA GLY A 11 -45.47 10.84 6.88
C GLY A 11 -45.25 9.61 7.74
N LYS A 12 -45.64 8.44 7.20
CA LYS A 12 -45.45 7.16 7.87
C LYS A 12 -43.97 6.71 7.59
N PRO A 13 -43.11 6.69 8.64
CA PRO A 13 -41.69 6.35 8.48
C PRO A 13 -41.39 5.06 7.70
N PHE A 14 -40.28 5.08 6.95
CA PHE A 14 -39.84 3.92 6.16
C PHE A 14 -39.34 2.83 7.11
N VAL A 15 -39.72 1.58 6.83
CA VAL A 15 -39.35 0.42 7.63
C VAL A 15 -38.60 -0.59 6.77
N ALA A 16 -37.35 -0.86 7.13
CA ALA A 16 -36.52 -1.80 6.38
C ALA A 16 -37.07 -3.21 6.49
N ALA A 17 -36.98 -3.96 5.40
CA ALA A 17 -37.45 -5.35 5.38
C ALA A 17 -36.51 -6.19 6.22
N ASP A 18 -37.06 -7.21 6.88
CA ASP A 18 -36.25 -8.09 7.73
C ASP A 18 -36.67 -9.56 7.66
N ALA A 19 -37.28 -9.95 6.54
CA ALA A 19 -37.79 -11.33 6.38
C ALA A 19 -36.68 -12.40 6.36
N SER A 20 -35.54 -12.08 5.76
CA SER A 20 -34.43 -13.05 5.65
C SER A 20 -33.52 -13.09 6.90
N ASN A 21 -33.81 -12.24 7.90
CA ASN A 21 -33.01 -12.19 9.13
C ASN A 21 -33.04 -13.53 9.86
N ASP A 22 -31.89 -13.92 10.43
CA ASP A 22 -31.81 -15.17 11.21
C ASP A 22 -31.79 -14.84 12.70
N TYR A 23 -32.22 -13.62 13.03
CA TYR A 23 -32.30 -13.14 14.40
C TYR A 23 -33.51 -12.23 14.53
N ILE A 24 -33.83 -11.90 15.78
CA ILE A 24 -34.89 -10.96 16.10
C ILE A 24 -34.27 -9.93 17.04
N LYS A 25 -34.37 -8.67 16.68
CA LYS A 25 -33.89 -7.60 17.53
C LYS A 25 -35.09 -7.03 18.25
N ARG A 26 -35.00 -6.97 19.57
CA ARG A 26 -36.07 -6.49 20.41
C ARG A 26 -35.53 -5.42 21.34
N GLU A 27 -36.18 -4.26 21.34
CA GLU A 27 -35.77 -3.16 22.21
C GLU A 27 -36.72 -3.10 23.41
N VAL A 28 -36.19 -2.71 24.56
CA VAL A 28 -36.99 -2.62 25.79
C VAL A 28 -36.50 -1.49 26.67
N ILE A 30 -36.17 -0.74 30.39
CA ILE A 30 -36.23 -1.38 31.69
C ILE A 30 -36.23 -0.36 32.80
N PRO A 31 -37.28 -0.34 33.60
CA PRO A 31 -37.33 0.60 34.72
C PRO A 31 -36.43 0.14 35.88
N ARG A 33 -34.94 0.80 39.92
CA ARG A 33 -35.66 0.93 41.20
C ARG A 33 -36.16 2.37 41.46
N ASP A 34 -35.48 3.35 40.88
CA ASP A 34 -35.88 4.77 41.05
C ASP A 34 -36.83 5.30 39.94
N GLY A 35 -37.29 4.39 39.06
CA GLY A 35 -38.22 4.74 37.99
C GLY A 35 -37.58 5.11 36.66
N VAL A 36 -36.28 5.38 36.66
CA VAL A 36 -35.56 5.74 35.43
C VAL A 36 -35.44 4.50 34.51
N LYS A 37 -35.81 4.66 33.24
CA LYS A 37 -35.78 3.55 32.28
C LYS A 37 -34.51 3.55 31.46
N LEU A 38 -33.88 2.39 31.32
CA LEU A 38 -32.66 2.24 30.54
C LEU A 38 -32.95 1.51 29.22
N HIS A 39 -32.52 2.13 28.10
CA HIS A 39 -32.70 1.56 26.77
C HIS A 39 -31.83 0.31 26.63
N THR A 40 -32.47 -0.81 26.32
CA THR A 40 -31.81 -2.09 26.24
C THR A 40 -32.15 -2.78 24.90
N VAL A 41 -31.12 -3.30 24.23
CA VAL A 41 -31.28 -3.97 22.94
C VAL A 41 -30.97 -5.45 23.09
N ILE A 42 -31.95 -6.29 22.73
CA ILE A 42 -31.83 -7.74 22.86
C ILE A 42 -31.83 -8.38 21.46
N VAL A 43 -30.77 -9.13 21.16
CA VAL A 43 -30.64 -9.82 19.87
C VAL A 43 -30.71 -11.32 20.11
N LEU A 44 -31.77 -11.94 19.63
CA LEU A 44 -32.00 -13.35 19.83
C LEU A 44 -31.89 -14.11 18.54
N PRO A 45 -31.23 -15.25 18.56
CA PRO A 45 -31.22 -16.09 17.38
C PRO A 45 -32.65 -16.58 17.17
N LYS A 46 -33.09 -16.75 15.93
CA LYS A 46 -34.42 -17.24 15.69
C LYS A 46 -34.47 -18.69 16.17
N GLY A 47 -35.54 -19.05 16.87
CA GLY A 47 -35.71 -20.38 17.40
C GLY A 47 -34.99 -20.58 18.73
N ALA A 48 -34.51 -19.48 19.33
CA ALA A 48 -33.80 -19.55 20.61
C ALA A 48 -34.74 -20.02 21.71
N LYS A 49 -34.27 -20.99 22.48
CA LYS A 49 -35.05 -21.55 23.59
C LYS A 49 -34.10 -22.01 24.69
N ASN A 50 -34.40 -21.62 25.93
CA ASN A 50 -33.57 -21.96 27.08
C ASN A 50 -32.10 -21.57 26.81
N ALA A 51 -31.93 -20.39 26.21
CA ALA A 51 -30.63 -19.88 25.85
C ALA A 51 -30.09 -18.89 26.87
N PRO A 52 -28.80 -18.93 27.12
CA PRO A 52 -28.17 -18.01 28.04
C PRO A 52 -28.08 -16.61 27.46
N ILE A 53 -27.92 -15.62 28.33
CA ILE A 53 -27.82 -14.24 27.93
C ILE A 53 -26.40 -13.73 28.24
N VAL A 54 -25.85 -12.94 27.32
CA VAL A 54 -24.56 -12.27 27.55
C VAL A 54 -24.89 -10.79 27.52
N LEU A 55 -24.63 -10.11 28.64
CA LEU A 55 -24.99 -8.72 28.81
C LEU A 55 -23.78 -7.79 28.89
N THR A 56 -23.91 -6.63 28.26
CA THR A 56 -22.92 -5.58 28.29
C THR A 56 -23.66 -4.27 28.52
N ARG A 57 -23.15 -3.47 29.45
CA ARG A 57 -23.71 -2.16 29.75
C ARG A 57 -22.68 -1.16 29.25
N THR A 58 -23.12 -0.25 28.36
CA THR A 58 -22.20 0.64 27.67
C THR A 58 -22.66 2.10 27.55
N PRO A 59 -21.70 3.05 27.51
CA PRO A 59 -22.00 4.44 27.25
C PRO A 59 -21.73 4.77 25.76
N TYR A 60 -21.55 3.73 24.92
CA TYR A 60 -21.21 3.90 23.50
C TYR A 60 -22.30 3.46 22.51
N ASP A 61 -23.57 3.69 22.88
CA ASP A 61 -24.72 3.42 21.99
C ASP A 61 -25.01 1.92 21.79
N ALA A 62 -25.93 1.38 22.59
CA ALA A 62 -26.33 -0.03 22.51
C ALA A 62 -26.84 -0.42 21.10
N SER A 63 -27.62 0.47 20.47
CA SER A 63 -28.14 0.23 19.12
C SER A 63 -26.98 0.14 18.11
N GLY A 64 -25.99 1.01 18.28
CA GLY A 64 -24.81 1.01 17.42
C GLY A 64 -23.93 -0.20 17.64
N ARG A 65 -23.81 -0.63 18.89
CA ARG A 65 -22.97 -1.78 19.24
C ARG A 65 -23.56 -3.10 18.71
N THR A 66 -24.87 -3.11 18.44
CA THR A 66 -25.53 -4.30 17.89
C THR A 66 -25.79 -4.16 16.37
N GLU A 67 -25.05 -3.26 15.73
CA GLU A 67 -25.13 -3.07 14.29
C GLU A 67 -23.77 -2.72 13.68
N ARG A 68 -22.85 -3.67 13.75
CA ARG A 68 -21.53 -3.54 13.12
C ARG A 68 -21.77 -3.40 11.60
N LEU A 69 -22.76 -4.15 11.10
CA LEU A 69 -23.18 -4.10 9.70
C LEU A 69 -24.68 -4.41 9.63
N ALA A 70 -25.42 -3.60 8.87
CA ALA A 70 -26.85 -3.86 8.67
C ALA A 70 -26.89 -5.11 7.81
N SER A 71 -27.28 -6.23 8.41
CA SER A 71 -27.26 -7.50 7.70
C SER A 71 -28.26 -8.51 8.29
N PRO A 72 -28.78 -9.39 7.44
CA PRO A 72 -29.71 -10.45 7.91
C PRO A 72 -28.99 -11.58 8.67
N HIS A 73 -27.66 -11.60 8.68
CA HIS A 73 -26.91 -12.63 9.38
C HIS A 73 -26.44 -12.08 10.72
N LYS A 75 -24.19 -13.12 12.75
CA LYS A 75 -22.73 -13.14 12.89
C LYS A 75 -22.10 -11.85 12.33
N ASP A 76 -22.71 -11.29 11.29
CA ASP A 76 -22.23 -10.07 10.66
C ASP A 76 -22.83 -8.81 11.29
N LEU A 77 -24.06 -8.93 11.79
CA LEU A 77 -24.76 -7.82 12.44
C LEU A 77 -24.02 -7.40 13.70
N LEU A 78 -23.59 -8.39 14.48
CA LEU A 78 -22.88 -8.12 15.71
C LEU A 78 -21.39 -7.99 15.45
N SER A 79 -20.68 -7.45 16.44
CA SER A 79 -19.27 -7.20 16.35
C SER A 79 -18.42 -8.48 16.17
N ALA A 80 -17.19 -8.29 15.76
CA ALA A 80 -16.26 -9.38 15.55
C ALA A 80 -16.04 -10.17 16.83
N GLY A 81 -16.00 -9.45 17.97
CA GLY A 81 -15.78 -10.07 19.27
C GLY A 81 -16.94 -10.91 19.78
N ASP A 82 -18.13 -10.73 19.18
CA ASP A 82 -19.31 -11.49 19.56
C ASP A 82 -19.44 -12.78 18.73
N ASP A 83 -18.45 -13.08 17.89
CA ASP A 83 -18.50 -14.26 17.04
C ASP A 83 -18.78 -15.56 17.78
N VAL A 84 -18.15 -15.76 18.94
CA VAL A 84 -18.34 -17.00 19.71
C VAL A 84 -19.71 -17.08 20.38
N PHE A 85 -20.32 -15.93 20.64
CA PHE A 85 -21.64 -15.92 21.24
C PHE A 85 -22.70 -16.24 20.19
N VAL A 86 -22.49 -15.80 18.96
CA VAL A 86 -23.39 -16.11 17.87
C VAL A 86 -23.28 -17.63 17.59
N GLU A 87 -22.05 -18.12 17.55
CA GLU A 87 -21.79 -19.54 17.30
C GLU A 87 -22.38 -20.42 18.40
N GLY A 88 -22.42 -19.89 19.63
CA GLY A 88 -22.92 -20.64 20.78
C GLY A 88 -24.43 -20.54 21.02
N GLY A 89 -25.14 -19.80 20.18
CA GLY A 89 -26.58 -19.66 20.29
C GLY A 89 -27.04 -18.77 21.46
N TYR A 90 -26.16 -17.88 21.91
CA TYR A 90 -26.47 -16.96 23.01
C TYR A 90 -27.38 -15.81 22.57
N ILE A 91 -28.12 -15.27 23.51
CA ILE A 91 -28.93 -14.10 23.30
C ILE A 91 -28.00 -12.95 23.74
N ARG A 92 -27.76 -11.98 22.86
CA ARG A 92 -26.86 -10.86 23.17
C ARG A 92 -27.62 -9.60 23.55
N VAL A 93 -27.24 -9.02 24.69
CA VAL A 93 -27.89 -7.81 25.20
C VAL A 93 -26.90 -6.70 25.47
N PHE A 94 -27.20 -5.52 24.92
CA PHE A 94 -26.43 -4.32 25.14
C PHE A 94 -27.37 -3.30 25.73
N GLN A 95 -26.94 -2.59 26.76
CA GLN A 95 -27.79 -1.60 27.41
C GLN A 95 -27.08 -0.28 27.53
N ASP A 96 -27.80 0.79 27.22
CA ASP A 96 -27.29 2.15 27.37
C ASP A 96 -27.28 2.44 28.86
N VAL A 97 -26.14 2.85 29.39
CA VAL A 97 -26.07 3.19 30.78
C VAL A 97 -26.89 4.43 31.05
N ARG A 98 -27.23 4.61 32.31
CA ARG A 98 -27.98 5.74 32.78
C ARG A 98 -27.40 7.07 32.24
N GLY A 99 -28.25 7.86 31.58
CA GLY A 99 -27.87 9.16 31.07
C GLY A 99 -27.21 9.21 29.69
N LYS A 100 -27.15 8.07 28.99
CA LYS A 100 -26.53 8.03 27.66
C LYS A 100 -27.46 7.47 26.59
N TYR A 101 -27.34 8.05 25.39
CA TYR A 101 -28.11 7.67 24.22
C TYR A 101 -29.65 7.50 24.48
N GLY A 102 -30.18 6.28 24.32
CA GLY A 102 -31.62 6.05 24.50
C GLY A 102 -32.13 5.98 25.95
N SER A 103 -31.23 5.96 26.91
CA SER A 103 -31.60 5.86 28.34
C SER A 103 -31.96 7.20 28.96
N GLU A 104 -32.80 7.12 29.98
CA GLU A 104 -33.22 8.29 30.76
C GLU A 104 -32.22 8.45 31.89
N GLY A 105 -32.40 9.50 32.71
CA GLY A 105 -31.52 9.74 33.85
C GLY A 105 -30.36 10.66 33.55
N ASP A 106 -29.62 11.02 34.58
CA ASP A 106 -28.47 11.91 34.44
C ASP A 106 -27.20 11.08 34.32
N TYR A 107 -26.24 11.56 33.54
CA TYR A 107 -24.99 10.86 33.34
C TYR A 107 -23.89 11.44 34.18
N VAL A 108 -23.24 10.57 34.95
CA VAL A 108 -22.09 10.93 35.75
C VAL A 108 -20.97 10.00 35.28
N THR A 110 -18.23 7.48 34.85
CA THR A 110 -17.89 6.32 35.72
C THR A 110 -18.57 6.46 37.09
N ARG A 111 -19.89 6.66 37.05
CA ARG A 111 -20.73 6.85 38.25
C ARG A 111 -20.23 5.99 39.43
N PRO A 112 -19.76 6.64 40.49
CA PRO A 112 -19.22 5.92 41.64
C PRO A 112 -20.28 5.19 42.44
N LEU A 113 -19.85 4.17 43.17
CA LEU A 113 -20.72 3.39 44.02
C LEU A 113 -21.37 4.23 45.08
N ARG A 114 -22.52 3.78 45.56
CA ARG A 114 -23.18 4.45 46.65
C ARG A 114 -22.16 4.48 47.77
N GLY A 115 -21.95 5.65 48.34
CA GLY A 115 -20.99 5.83 49.41
C GLY A 115 -20.64 7.31 49.55
N PRO A 116 -19.42 7.61 49.99
CA PRO A 116 -18.98 9.01 50.19
C PRO A 116 -19.18 9.92 48.96
N LEU A 117 -18.97 9.39 47.75
CA LEU A 117 -19.10 10.17 46.51
C LEU A 117 -20.50 10.13 45.87
N ASN A 118 -21.36 9.23 46.36
CA ASN A 118 -22.71 9.04 45.79
C ASN A 118 -23.80 8.82 46.89
N PRO A 119 -24.52 9.89 47.26
CA PRO A 119 -25.57 9.80 48.28
C PRO A 119 -26.95 9.31 47.72
N SER A 120 -27.06 9.14 46.40
CA SER A 120 -28.31 8.67 45.77
C SER A 120 -28.56 7.18 46.09
N GLU A 121 -29.70 6.67 45.64
CA GLU A 121 -30.08 5.28 45.88
C GLU A 121 -29.65 4.35 44.73
N VAL A 122 -29.02 4.91 43.70
CA VAL A 122 -28.62 4.11 42.52
C VAL A 122 -27.18 4.33 42.05
N ASP A 123 -26.62 3.26 41.50
CA ASP A 123 -25.28 3.30 40.91
C ASP A 123 -25.24 2.16 39.86
N HIS A 124 -24.09 1.90 39.26
CA HIS A 124 -23.98 0.84 38.23
C HIS A 124 -24.21 -0.58 38.78
N ALA A 125 -24.05 -0.75 40.09
CA ALA A 125 -24.29 -2.03 40.73
C ALA A 125 -25.80 -2.31 40.80
N THR A 126 -26.57 -1.32 41.26
CA THR A 126 -28.03 -1.47 41.38
C THR A 126 -28.67 -1.52 39.99
N ASP A 127 -28.15 -0.73 39.06
CA ASP A 127 -28.68 -0.69 37.70
C ASP A 127 -28.47 -2.04 37.03
N ALA A 128 -27.32 -2.67 37.28
CA ALA A 128 -27.03 -3.98 36.69
C ALA A 128 -27.92 -5.04 37.34
N TRP A 129 -28.19 -4.90 38.64
CA TRP A 129 -29.03 -5.85 39.37
C TRP A 129 -30.46 -5.81 38.85
N ASP A 130 -31.01 -4.60 38.71
CA ASP A 130 -32.38 -4.42 38.22
C ASP A 130 -32.52 -4.87 36.78
N THR A 131 -31.43 -4.72 36.02
CA THR A 131 -31.43 -5.10 34.62
C THR A 131 -31.48 -6.59 34.46
N ILE A 132 -30.65 -7.30 35.23
CA ILE A 132 -30.61 -8.76 35.16
C ILE A 132 -31.91 -9.37 35.68
N ASP A 133 -32.47 -8.79 36.74
CA ASP A 133 -33.72 -9.29 37.31
C ASP A 133 -34.85 -9.20 36.29
N TRP A 134 -34.90 -8.08 35.57
CA TRP A 134 -35.91 -7.87 34.54
C TRP A 134 -35.71 -8.86 33.39
N LEU A 135 -34.47 -9.01 32.93
CA LEU A 135 -34.17 -9.89 31.79
C LEU A 135 -34.56 -11.34 32.04
N VAL A 136 -34.26 -11.87 33.22
CA VAL A 136 -34.59 -13.27 33.52
C VAL A 136 -36.11 -13.50 33.71
N LYS A 137 -36.83 -12.45 34.06
CA LYS A 137 -38.28 -12.53 34.27
C LYS A 137 -39.10 -12.15 33.02
N ASN A 138 -38.47 -11.51 32.04
CA ASN A 138 -39.19 -11.01 30.84
C ASN A 138 -38.73 -11.54 29.48
N VAL A 139 -37.64 -12.29 29.44
CA VAL A 139 -37.17 -12.87 28.19
C VAL A 139 -37.48 -14.36 28.27
N SER A 140 -38.63 -14.75 27.71
CA SER A 140 -39.10 -16.15 27.76
C SER A 140 -38.17 -17.15 27.07
N GLU A 141 -37.39 -16.68 26.11
CA GLU A 141 -36.47 -17.54 25.36
C GLU A 141 -35.19 -17.87 26.14
N SER A 142 -35.01 -17.26 27.31
CA SER A 142 -33.81 -17.47 28.13
C SER A 142 -33.98 -18.54 29.19
N ASN A 143 -32.84 -19.05 29.66
CA ASN A 143 -32.80 -20.06 30.72
C ASN A 143 -32.58 -19.41 32.10
N GLY A 144 -32.66 -18.07 32.15
CA GLY A 144 -32.48 -17.33 33.39
C GLY A 144 -31.03 -17.18 33.86
N LYS A 145 -30.06 -17.54 33.01
CA LYS A 145 -28.63 -17.44 33.37
C LYS A 145 -28.01 -16.33 32.54
N VAL A 146 -27.25 -15.47 33.21
CA VAL A 146 -26.65 -14.31 32.57
C VAL A 146 -25.14 -14.25 32.79
N GLY A 147 -24.43 -13.86 31.76
CA GLY A 147 -22.99 -13.66 31.82
C GLY A 147 -22.72 -12.23 31.41
N ILE A 149 -19.82 -9.23 30.15
CA ILE A 149 -18.54 -9.02 29.51
C ILE A 149 -18.50 -7.62 28.91
N GLY A 150 -17.29 -7.13 28.66
CA GLY A 150 -17.12 -5.84 28.07
C GLY A 150 -15.72 -5.33 28.26
N SER A 151 -15.26 -4.49 27.35
CA SER A 151 -13.91 -3.95 27.40
C SER A 151 -13.94 -2.46 27.74
N SER A 152 -12.95 -2.03 28.52
CA SER A 152 -12.80 -0.62 28.92
C SER A 152 -13.97 -0.13 29.83
N TYR A 153 -14.74 0.86 29.39
CA TYR A 153 -15.91 1.33 30.15
C TYR A 153 -16.91 0.16 30.26
N GLU A 154 -17.02 -0.64 29.19
CA GLU A 154 -17.92 -1.80 29.18
C GLU A 154 -17.40 -2.90 30.15
N GLY A 155 -16.11 -2.87 30.47
CA GLY A 155 -15.52 -3.76 31.46
C GLY A 155 -15.75 -3.20 32.86
N PHE A 156 -15.71 -1.88 32.97
CA PHE A 156 -15.94 -1.17 34.24
C PHE A 156 -17.38 -1.49 34.77
N THR A 157 -18.35 -1.55 33.86
CA THR A 157 -19.73 -1.86 34.27
C THR A 157 -19.84 -3.31 34.79
N VAL A 158 -18.98 -4.20 34.30
CA VAL A 158 -18.96 -5.57 34.78
C VAL A 158 -18.46 -5.59 36.24
N VAL A 159 -17.38 -4.85 36.50
CA VAL A 159 -16.80 -4.81 37.85
C VAL A 159 -17.79 -4.20 38.86
N ALA A 161 -21.00 -4.49 38.76
CA ALA A 161 -21.98 -5.53 39.04
C ALA A 161 -21.41 -6.55 40.04
N LEU A 162 -20.09 -6.80 39.95
CA LEU A 162 -19.42 -7.76 40.85
C LEU A 162 -19.39 -7.31 42.33
N THR A 163 -19.54 -6.00 42.60
CA THR A 163 -19.55 -5.50 44.00
C THR A 163 -20.74 -6.10 44.78
N ASN A 164 -21.84 -6.36 44.07
CA ASN A 164 -23.05 -6.95 44.66
C ASN A 164 -23.90 -7.51 43.50
N PRO A 165 -23.51 -8.71 43.02
CA PRO A 165 -24.15 -9.30 41.86
C PRO A 165 -25.46 -10.00 42.09
N HIS A 166 -26.31 -9.94 41.08
CA HIS A 166 -27.61 -10.59 41.09
C HIS A 166 -27.33 -12.11 41.04
N PRO A 167 -28.15 -12.92 41.73
CA PRO A 167 -27.97 -14.39 41.73
C PRO A 167 -27.91 -15.04 40.32
N ALA A 168 -28.56 -14.41 39.34
CA ALA A 168 -28.58 -14.93 37.96
C ALA A 168 -27.24 -14.72 37.20
N LEU A 169 -26.41 -13.80 37.69
CA LEU A 169 -25.08 -13.56 37.10
C LEU A 169 -24.16 -14.73 37.48
N LYS A 170 -23.91 -15.62 36.51
CA LYS A 170 -23.12 -16.83 36.73
C LYS A 170 -21.66 -16.73 36.34
N VAL A 171 -21.30 -15.72 35.56
CA VAL A 171 -19.92 -15.56 35.09
C VAL A 171 -19.67 -14.13 34.60
N ALA A 172 -18.43 -13.65 34.77
CA ALA A 172 -18.07 -12.28 34.41
C ALA A 172 -16.67 -12.20 33.82
N VAL A 173 -16.52 -11.37 32.79
CA VAL A 173 -15.23 -11.17 32.14
C VAL A 173 -14.97 -9.67 31.91
N PRO A 174 -14.43 -8.98 32.92
CA PRO A 174 -14.06 -7.58 32.77
C PRO A 174 -12.79 -7.49 31.94
N GLU A 175 -12.91 -6.93 30.73
CA GLU A 175 -11.77 -6.78 29.84
C GLU A 175 -11.28 -5.36 29.93
N SER A 176 -9.95 -5.21 30.11
CA SER A 176 -9.30 -3.91 30.26
C SER A 176 -10.18 -2.88 31.00
N PRO A 177 -10.69 -3.25 32.17
CA PRO A 177 -11.59 -2.39 32.92
C PRO A 177 -10.93 -1.14 33.46
N ILE A 179 -10.26 0.87 36.37
CA ILE A 179 -10.21 0.53 37.81
C ILE A 179 -9.67 1.67 38.65
N ASP A 180 -8.51 2.18 38.29
CA ASP A 180 -7.91 3.32 38.98
C ASP A 180 -7.35 4.30 37.94
N GLY A 181 -8.19 5.26 37.55
CA GLY A 181 -7.85 6.23 36.55
C GLY A 181 -6.83 7.28 36.95
N TRP A 182 -6.30 7.20 38.16
CA TRP A 182 -5.27 8.12 38.61
C TRP A 182 -3.92 7.40 38.68
N GLY A 184 -2.91 4.37 37.24
CA GLY A 184 -2.38 3.83 35.99
C GLY A 184 -3.33 3.46 34.88
N ASP A 185 -4.58 3.92 34.94
CA ASP A 185 -5.52 3.62 33.88
C ASP A 185 -5.68 4.85 32.93
N ASP A 186 -6.90 5.39 32.78
CA ASP A 186 -7.16 6.44 31.77
C ASP A 186 -6.75 7.87 32.00
N TRP A 187 -7.15 8.45 33.12
CA TRP A 187 -6.97 9.89 33.34
C TRP A 187 -5.55 10.35 33.63
N PHE A 188 -4.88 9.64 34.52
CA PHE A 188 -3.48 9.91 34.84
C PHE A 188 -2.76 8.57 34.95
N ASN A 189 -1.43 8.65 34.96
CA ASN A 189 -0.55 7.52 35.20
C ASN A 189 0.47 8.06 36.23
N TYR A 190 0.39 7.56 37.46
CA TYR A 190 1.24 8.04 38.56
C TYR A 190 1.19 9.59 38.65
N GLY A 191 -0.01 10.15 38.50
CA GLY A 191 -0.21 11.59 38.62
C GLY A 191 0.07 12.42 37.38
N ALA A 192 0.62 11.80 36.33
CA ALA A 192 0.91 12.51 35.08
C ALA A 192 -0.35 12.52 34.24
N PHE A 193 -0.86 13.71 33.90
CA PHE A 193 -2.11 13.84 33.16
C PHE A 193 -2.03 13.43 31.68
N ARG A 194 -2.99 12.63 31.25
CA ARG A 194 -3.05 12.12 29.88
C ARG A 194 -3.95 13.00 28.98
N GLN A 195 -3.32 13.79 28.11
CA GLN A 195 -4.02 14.72 27.22
C GLN A 195 -4.76 14.07 26.06
N VAL A 196 -4.51 12.78 25.82
CA VAL A 196 -5.19 12.05 24.77
C VAL A 196 -6.71 12.00 25.00
N ASN A 197 -7.13 12.10 26.27
CA ASN A 197 -8.54 12.02 26.62
C ASN A 197 -9.36 13.29 26.45
N PHE A 198 -8.74 14.39 26.02
CA PHE A 198 -9.49 15.64 25.81
C PHE A 198 -10.63 15.42 24.81
N ASP A 199 -10.35 14.68 23.74
CA ASP A 199 -11.36 14.38 22.70
C ASP A 199 -12.47 13.48 23.24
N TYR A 200 -12.13 12.62 24.20
CA TYR A 200 -13.10 11.73 24.83
C TYR A 200 -14.13 12.54 25.65
N PHE A 201 -13.68 13.63 26.26
CA PHE A 201 -14.56 14.46 27.08
C PHE A 201 -15.66 15.10 26.24
N THR A 202 -15.31 15.67 25.09
CA THR A 202 -16.32 16.28 24.21
C THR A 202 -17.11 15.19 23.48
N GLY A 203 -16.48 14.05 23.24
CA GLY A 203 -17.11 12.96 22.54
C GLY A 203 -18.21 12.30 23.36
N GLN A 204 -18.01 12.21 24.68
CA GLN A 204 -18.94 11.52 25.57
C GLN A 204 -19.78 12.42 26.49
N LEU A 205 -19.37 13.68 26.66
CA LEU A 205 -20.05 14.61 27.59
C LEU A 205 -20.70 15.83 26.93
N SER A 206 -20.57 15.96 25.62
CA SER A 206 -21.17 17.11 24.90
C SER A 206 -22.70 17.00 24.90
N LYS A 207 -23.20 15.80 24.63
CA LYS A 207 -24.65 15.51 24.58
C LYS A 207 -24.95 14.11 25.11
N ARG A 208 -26.24 13.84 25.31
CA ARG A 208 -26.67 12.53 25.77
C ARG A 208 -26.18 11.47 24.79
N GLY A 209 -26.29 11.77 23.50
CA GLY A 209 -25.89 10.87 22.44
C GLY A 209 -24.48 11.13 21.96
N LYS A 210 -24.31 11.08 20.63
CA LYS A 210 -23.01 11.25 20.01
C LYS A 210 -22.50 12.69 20.10
N GLY A 211 -21.24 12.83 20.48
CA GLY A 211 -20.60 14.13 20.57
C GLY A 211 -19.61 14.29 19.44
N ALA A 212 -18.53 14.99 19.70
CA ALA A 212 -17.49 15.19 18.71
C ALA A 212 -16.16 15.45 19.39
N GLY A 213 -15.10 15.44 18.60
CA GLY A 213 -13.78 15.74 19.09
C GLY A 213 -13.61 17.25 19.19
N ILE A 214 -12.41 17.68 19.53
CA ILE A 214 -12.09 19.09 19.67
C ILE A 214 -11.40 19.60 18.42
N ALA A 215 -11.86 20.72 17.88
CA ALA A 215 -11.25 21.32 16.69
C ALA A 215 -9.82 21.79 17.02
N ARG A 216 -8.87 21.37 16.19
CA ARG A 216 -7.47 21.72 16.36
C ARG A 216 -7.06 22.90 15.50
N GLN A 217 -5.98 23.55 15.90
CA GLN A 217 -5.42 24.65 15.14
C GLN A 217 -4.67 24.06 13.96
N GLY A 218 -4.11 22.86 14.14
CA GLY A 218 -3.34 22.21 13.11
C GLY A 218 -3.32 20.69 13.20
N HIS A 219 -2.51 20.09 12.36
CA HIS A 219 -2.41 18.64 12.24
C HIS A 219 -1.59 17.96 13.33
N ASP A 220 -0.48 18.55 13.68
CA ASP A 220 0.45 17.99 14.66
C ASP A 220 0.09 18.38 16.10
N ASP A 221 -0.33 17.39 16.90
CA ASP A 221 -0.68 17.64 18.29
C ASP A 221 0.52 18.06 19.12
N TYR A 222 1.71 17.64 18.70
CA TYR A 222 2.94 18.07 19.37
C TYR A 222 2.95 19.61 19.35
N SER A 223 2.66 20.17 18.17
CA SER A 223 2.60 21.62 18.00
C SER A 223 1.34 22.22 18.65
N ASN A 224 0.20 21.55 18.50
CA ASN A 224 -1.07 22.07 19.06
C ASN A 224 -1.01 22.30 20.57
N PHE A 225 -0.47 21.32 21.29
CA PHE A 225 -0.40 21.41 22.75
C PHE A 225 0.73 22.29 23.22
N LEU A 226 1.87 22.23 22.52
CA LEU A 226 3.02 23.06 22.87
C LEU A 226 2.67 24.55 22.69
N GLN A 227 2.02 24.88 21.58
CA GLN A 227 1.63 26.26 21.30
C GLN A 227 0.60 26.79 22.30
N ALA A 228 -0.31 25.91 22.74
CA ALA A 228 -1.37 26.31 23.69
C ALA A 228 -0.80 26.60 25.09
N GLY A 229 0.25 25.86 25.47
CA GLY A 229 0.87 26.02 26.78
C GLY A 229 0.58 24.84 27.69
N SER A 230 -0.11 25.10 28.79
CA SER A 230 -0.45 24.04 29.74
C SER A 230 -1.68 23.30 29.28
N ALA A 231 -2.00 22.22 29.98
CA ALA A 231 -3.18 21.43 29.69
C ALA A 231 -4.42 22.26 29.96
N GLY A 232 -4.36 23.09 31.00
CA GLY A 232 -5.45 23.99 31.35
C GLY A 232 -5.68 25.07 30.29
N ASP A 233 -4.60 25.53 29.65
CA ASP A 233 -4.71 26.55 28.59
C ASP A 233 -5.42 25.95 27.37
N PHE A 234 -5.01 24.75 26.98
CA PHE A 234 -5.60 24.06 25.85
C PHE A 234 -7.09 23.79 26.11
N ALA A 235 -7.40 23.30 27.30
CA ALA A 235 -8.77 22.96 27.69
C ALA A 235 -9.66 24.21 27.74
N LYS A 236 -9.12 25.28 28.29
CA LYS A 236 -9.86 26.54 28.39
C LYS A 236 -10.20 27.06 27.00
N ALA A 237 -9.22 26.99 26.10
CA ALA A 237 -9.38 27.44 24.73
C ALA A 237 -10.38 26.57 23.95
N ALA A 238 -10.47 25.29 24.32
CA ALA A 238 -11.39 24.36 23.64
C ALA A 238 -12.82 24.43 24.21
N GLY A 239 -13.02 25.24 25.26
CA GLY A 239 -14.33 25.42 25.87
C GLY A 239 -14.70 24.34 26.90
N LEU A 240 -13.69 23.61 27.40
CA LEU A 240 -13.93 22.51 28.36
C LEU A 240 -14.33 22.92 29.77
N GLU A 241 -14.25 24.22 30.09
CA GLU A 241 -14.67 24.69 31.40
C GLU A 241 -16.22 24.59 31.54
N GLN A 242 -16.89 24.28 30.41
CA GLN A 242 -18.35 24.07 30.40
C GLN A 242 -18.69 22.66 30.90
N LEU A 243 -17.68 21.78 30.94
CA LEU A 243 -17.87 20.40 31.39
C LEU A 243 -17.47 20.21 32.86
N PRO A 244 -18.41 19.81 33.70
CA PRO A 244 -18.11 19.55 35.12
C PRO A 244 -16.96 18.52 35.32
N TRP A 245 -16.83 17.55 34.41
CA TRP A 245 -15.77 16.54 34.52
C TRP A 245 -14.40 17.19 34.49
N TRP A 246 -14.23 18.19 33.64
CA TRP A 246 -12.96 18.87 33.54
C TRP A 246 -12.60 19.57 34.85
N HIS A 247 -13.60 20.17 35.51
CA HIS A 247 -13.37 20.83 36.80
C HIS A 247 -13.03 19.80 37.90
N LYS A 248 -13.58 18.59 37.77
CA LYS A 248 -13.30 17.53 38.73
C LYS A 248 -11.83 17.10 38.63
N LEU A 249 -11.33 17.02 37.39
CA LEU A 249 -9.95 16.62 37.15
C LEU A 249 -8.95 17.64 37.72
N THR A 250 -9.17 18.93 37.43
CA THR A 250 -8.25 19.98 37.88
C THR A 250 -8.37 20.28 39.39
N GLU A 251 -9.52 19.94 39.98
CA GLU A 251 -9.73 20.17 41.42
C GLU A 251 -9.14 19.03 42.23
N HIS A 252 -8.87 17.91 41.56
CA HIS A 252 -8.32 16.74 42.22
C HIS A 252 -7.10 16.23 41.45
N ALA A 253 -6.10 17.08 41.31
CA ALA A 253 -4.87 16.73 40.58
C ALA A 253 -4.07 15.67 41.33
N ALA A 254 -4.15 15.68 42.66
CA ALA A 254 -3.43 14.69 43.49
C ALA A 254 -4.36 13.52 43.81
N TYR A 255 -3.78 12.43 44.29
CA TYR A 255 -4.53 11.21 44.67
C TYR A 255 -5.24 11.41 46.01
N ASP A 256 -6.25 12.27 46.01
CA ASP A 256 -7.01 12.59 47.22
C ASP A 256 -8.22 11.64 47.37
N ALA A 257 -9.16 11.99 48.27
CA ALA A 257 -10.33 11.16 48.54
C ALA A 257 -11.17 10.88 47.29
N PHE A 258 -11.24 11.85 46.39
CA PHE A 258 -12.02 11.69 45.15
C PHE A 258 -11.54 10.45 44.36
N TRP A 259 -10.23 10.28 44.24
CA TRP A 259 -9.65 9.14 43.50
C TRP A 259 -9.52 7.86 44.32
N GLN A 260 -9.24 7.99 45.61
CA GLN A 260 -9.10 6.85 46.49
C GLN A 260 -10.41 6.08 46.61
N GLU A 261 -11.52 6.82 46.68
CA GLU A 261 -12.85 6.24 46.81
C GLU A 261 -13.36 5.60 45.50
N GLN A 262 -12.66 5.89 44.39
CA GLN A 262 -13.05 5.35 43.09
C GLN A 262 -12.21 4.13 42.67
N ALA A 263 -11.09 3.89 43.37
CA ALA A 263 -10.21 2.75 43.06
C ALA A 263 -10.94 1.42 43.27
N LEU A 264 -11.34 0.78 42.17
CA LEU A 264 -12.10 -0.47 42.23
C LEU A 264 -11.31 -1.68 42.63
N ASP A 265 -9.99 -1.63 42.52
CA ASP A 265 -9.16 -2.77 42.97
C ASP A 265 -9.23 -2.86 44.50
N LYS A 266 -9.34 -1.72 45.17
CA LYS A 266 -9.47 -1.69 46.62
C LYS A 266 -10.85 -2.20 47.02
N VAL A 267 -11.85 -1.96 46.16
CA VAL A 267 -13.21 -2.46 46.41
C VAL A 267 -13.22 -3.99 46.25
N ALA A 269 -10.79 -5.94 46.76
CA ALA A 269 -10.05 -6.52 47.89
C ALA A 269 -10.97 -6.88 49.06
N ARG A 270 -12.09 -6.16 49.20
CA ARG A 270 -13.08 -6.41 50.28
C ARG A 270 -14.41 -7.00 49.73
N THR A 271 -14.37 -7.49 48.50
CA THR A 271 -15.55 -8.08 47.84
C THR A 271 -15.41 -9.60 47.84
N PRO A 272 -16.39 -10.31 48.43
CA PRO A 272 -16.35 -11.78 48.46
C PRO A 272 -16.32 -12.40 47.05
N LEU A 273 -15.55 -13.47 46.87
CA LEU A 273 -15.47 -14.18 45.59
C LEU A 273 -16.63 -15.16 45.49
N LYS A 274 -17.60 -14.84 44.62
CA LYS A 274 -18.77 -15.73 44.42
C LYS A 274 -19.06 -16.00 42.92
N VAL A 275 -18.81 -14.99 42.07
CA VAL A 275 -19.02 -15.12 40.64
C VAL A 275 -17.67 -15.42 39.93
N PRO A 276 -17.57 -16.56 39.23
CA PRO A 276 -16.35 -16.88 38.46
C PRO A 276 -16.00 -15.68 37.60
N THR A 277 -14.82 -15.10 37.81
CA THR A 277 -14.40 -13.87 37.13
C THR A 277 -13.08 -14.03 36.43
N TRP A 279 -10.31 -11.77 34.73
CA TRP A 279 -9.69 -10.45 34.52
C TRP A 279 -8.82 -10.51 33.28
N LEU A 280 -9.07 -9.61 32.33
CA LEU A 280 -8.36 -9.62 31.06
C LEU A 280 -7.87 -8.26 30.64
N GLN A 281 -6.73 -8.23 29.98
CA GLN A 281 -6.15 -7.01 29.44
C GLN A 281 -5.03 -7.35 28.49
N GLY A 282 -4.55 -6.36 27.78
CA GLY A 282 -3.45 -6.55 26.89
C GLY A 282 -2.18 -6.23 27.61
N LEU A 283 -1.08 -6.83 27.18
CA LEU A 283 0.21 -6.55 27.76
C LEU A 283 0.63 -5.12 27.33
N TRP A 284 0.13 -4.71 26.16
CA TRP A 284 0.38 -3.37 25.64
C TRP A 284 -0.93 -2.54 25.68
N ASP A 285 -1.65 -2.64 26.80
CA ASP A 285 -2.91 -1.92 26.96
C ASP A 285 -2.63 -0.44 27.18
N GLN A 286 -2.76 0.34 26.11
CA GLN A 286 -2.41 1.76 26.16
C GLN A 286 -3.45 2.69 26.82
N GLU A 287 -4.55 2.13 27.33
CA GLU A 287 -5.57 2.96 28.00
C GLU A 287 -5.86 2.51 29.43
N ASP A 288 -5.86 1.19 29.67
CA ASP A 288 -6.13 0.64 31.00
C ASP A 288 -5.13 -0.46 31.38
N TRP A 290 -3.39 -0.69 34.20
CA TRP A 290 -3.41 -1.00 35.65
C TRP A 290 -4.53 -1.94 36.10
N GLY A 291 -5.72 -1.71 35.57
CA GLY A 291 -6.94 -2.39 35.99
C GLY A 291 -7.01 -3.89 36.22
N ALA A 292 -6.94 -4.67 35.16
CA ALA A 292 -7.13 -6.11 35.26
C ALA A 292 -6.14 -6.82 36.18
N ILE A 293 -4.86 -6.55 35.99
CA ILE A 293 -3.83 -7.20 36.78
C ILE A 293 -3.91 -6.85 38.27
N HIS A 294 -4.20 -5.60 38.59
CA HIS A 294 -4.28 -5.19 40.00
C HIS A 294 -5.55 -5.74 40.67
N SER A 295 -6.64 -5.80 39.91
CA SER A 295 -7.89 -6.32 40.42
C SER A 295 -7.77 -7.84 40.64
N TYR A 296 -7.10 -8.52 39.71
CA TYR A 296 -6.87 -9.95 39.82
C TYR A 296 -6.08 -10.25 41.09
N ALA A 297 -5.02 -9.49 41.33
CA ALA A 297 -4.16 -9.68 42.50
C ALA A 297 -4.89 -9.38 43.81
N ALA A 298 -5.88 -8.49 43.75
CA ALA A 298 -6.66 -8.12 44.94
C ALA A 298 -7.57 -9.26 45.42
N GLU A 300 -7.06 -12.87 44.15
CA GLU A 300 -6.45 -14.21 44.00
C GLU A 300 -6.07 -14.94 45.32
N PRO A 301 -5.54 -14.23 46.32
CA PRO A 301 -5.20 -14.89 47.60
C PRO A 301 -6.42 -15.59 48.27
N ARG A 302 -7.64 -15.14 47.96
CA ARG A 302 -8.87 -15.74 48.52
C ARG A 302 -9.56 -16.71 47.53
N ASP A 303 -8.90 -17.02 46.41
CA ASP A 303 -9.40 -17.97 45.42
C ASP A 303 -8.90 -19.36 45.86
N LYS A 304 -9.52 -19.88 46.92
CA LYS A 304 -9.12 -21.15 47.59
C LYS A 304 -8.91 -22.36 46.68
N ARG A 305 -9.88 -22.63 45.80
CA ARG A 305 -9.82 -23.79 44.89
C ARG A 305 -9.27 -23.45 43.51
N ASN A 306 -8.92 -22.18 43.30
CA ASN A 306 -8.39 -21.70 42.02
C ASN A 306 -9.40 -21.88 40.86
N THR A 307 -10.68 -21.66 41.14
CA THR A 307 -11.73 -21.78 40.11
C THR A 307 -12.69 -20.58 40.07
N LEU A 308 -12.37 -19.51 40.78
CA LEU A 308 -13.25 -18.32 40.82
C LEU A 308 -12.60 -17.02 40.32
N ASN A 309 -11.27 -17.02 40.18
CA ASN A 309 -10.53 -15.80 39.79
C ASN A 309 -9.45 -16.13 38.76
N TYR A 310 -9.62 -15.62 37.55
CA TYR A 310 -8.73 -15.92 36.44
C TYR A 310 -8.04 -14.68 35.87
N LEU A 311 -6.93 -14.91 35.17
CA LEU A 311 -6.16 -13.84 34.56
C LEU A 311 -5.86 -14.18 33.13
N VAL A 312 -6.00 -13.20 32.25
CA VAL A 312 -5.68 -13.34 30.83
C VAL A 312 -4.97 -12.06 30.39
N GLY A 314 -3.03 -10.98 26.90
CA GLY A 314 -2.58 -11.30 25.55
C GLY A 314 -1.65 -10.24 24.98
N PRO A 315 -1.12 -10.50 23.79
CA PRO A 315 -0.19 -9.57 23.13
C PRO A 315 -1.00 -8.54 22.37
N TRP A 316 -1.74 -7.74 23.15
CA TRP A 316 -2.73 -6.86 22.61
C TRP A 316 -2.66 -5.46 23.05
N ARG A 317 -3.23 -4.59 22.22
CA ARG A 317 -3.41 -3.22 22.57
C ARG A 317 -4.81 -3.17 23.18
N HIS A 318 -5.23 -2.01 23.62
CA HIS A 318 -6.52 -1.85 24.24
C HIS A 318 -7.69 -2.34 23.35
N SER A 319 -8.47 -3.28 23.90
CA SER A 319 -9.65 -3.88 23.22
C SER A 319 -9.35 -4.74 21.97
N GLN A 320 -8.07 -5.05 21.70
CA GLN A 320 -7.72 -5.89 20.54
C GLN A 320 -8.29 -7.31 20.68
N VAL A 321 -8.60 -7.71 21.92
CA VAL A 321 -9.18 -9.02 22.19
C VAL A 321 -10.47 -9.25 21.38
N ASN A 322 -11.16 -8.16 21.01
CA ASN A 322 -12.39 -8.24 20.25
C ASN A 322 -12.23 -8.00 18.75
N TYR A 323 -10.98 -7.98 18.29
CA TYR A 323 -10.68 -7.79 16.86
C TYR A 323 -9.67 -8.90 16.42
N ASP A 324 -8.72 -8.56 15.56
CA ASP A 324 -7.73 -9.53 15.08
C ASP A 324 -6.41 -9.34 15.88
N GLY A 325 -5.94 -10.41 16.51
CA GLY A 325 -4.72 -10.39 17.31
C GLY A 325 -3.54 -11.11 16.65
N SER A 326 -3.51 -11.09 15.32
CA SER A 326 -2.43 -11.75 14.56
C SER A 326 -1.19 -10.87 14.53
N ALA A 327 -1.36 -9.58 14.79
CA ALA A 327 -0.26 -8.64 14.74
C ALA A 327 -0.60 -7.35 15.48
N LEU A 328 0.44 -6.58 15.80
CA LEU A 328 0.31 -5.27 16.43
C LEU A 328 1.48 -4.45 15.92
N GLY A 329 1.19 -3.47 15.09
CA GLY A 329 2.21 -2.68 14.46
C GLY A 329 3.12 -3.62 13.66
N ALA A 330 4.42 -3.48 13.86
CA ALA A 330 5.41 -4.30 13.15
C ALA A 330 5.54 -5.74 13.72
N LEU A 331 4.94 -5.98 14.89
CA LEU A 331 5.01 -7.30 15.52
C LEU A 331 3.99 -8.29 14.95
N ASN A 332 4.45 -9.50 14.67
CA ASN A 332 3.59 -10.58 14.19
C ASN A 332 3.56 -11.66 15.25
N PHE A 333 2.36 -12.14 15.56
CA PHE A 333 2.18 -13.17 16.56
C PHE A 333 1.77 -14.48 15.90
N GLU A 334 1.69 -15.54 16.68
CA GLU A 334 1.38 -16.87 16.14
C GLU A 334 -0.11 -17.12 16.02
N GLY A 335 -0.68 -16.66 14.93
CA GLY A 335 -2.09 -16.80 14.65
C GLY A 335 -2.88 -15.67 15.25
N ASP A 336 -4.19 -15.68 15.02
CA ASP A 336 -5.08 -14.67 15.55
C ASP A 336 -5.28 -14.97 17.04
N THR A 337 -4.42 -14.38 17.88
CA THR A 337 -4.45 -14.63 19.33
C THR A 337 -5.74 -14.20 20.01
N ALA A 338 -6.42 -13.22 19.43
CA ALA A 338 -7.70 -12.75 19.98
C ALA A 338 -8.75 -13.82 19.74
N ARG A 339 -8.84 -14.31 18.51
CA ARG A 339 -9.80 -15.36 18.16
C ARG A 339 -9.49 -16.64 18.97
N GLN A 340 -8.20 -16.92 19.16
CA GLN A 340 -7.78 -18.08 19.93
C GLN A 340 -8.33 -17.98 21.34
N PHE A 341 -8.22 -16.82 21.95
CA PHE A 341 -8.74 -16.63 23.29
C PHE A 341 -10.26 -16.79 23.32
N ARG A 342 -10.93 -16.11 22.42
CA ARG A 342 -12.39 -16.12 22.38
C ARG A 342 -12.97 -17.52 22.17
N HIS A 343 -12.34 -18.30 21.30
CA HIS A 343 -12.83 -19.64 20.95
C HIS A 343 -12.35 -20.75 21.89
N ASP A 344 -11.06 -20.76 22.21
CA ASP A 344 -10.46 -21.83 23.03
C ASP A 344 -10.62 -21.67 24.53
N VAL A 345 -10.79 -20.44 25.00
CA VAL A 345 -10.85 -20.19 26.44
C VAL A 345 -12.17 -19.54 26.90
N LEU A 346 -12.53 -18.42 26.29
CA LEU A 346 -13.75 -17.69 26.69
C LEU A 346 -15.04 -18.47 26.46
N ARG A 347 -15.18 -19.07 25.28
CA ARG A 347 -16.41 -19.78 24.94
C ARG A 347 -16.70 -20.96 25.91
N PRO A 348 -15.74 -21.89 26.11
CA PRO A 348 -15.95 -22.99 27.06
C PRO A 348 -16.20 -22.50 28.50
N PHE A 349 -15.52 -21.42 28.90
CA PHE A 349 -15.66 -20.82 30.24
C PHE A 349 -17.12 -20.36 30.47
N PHE A 350 -17.66 -19.62 29.50
CA PHE A 350 -19.04 -19.11 29.56
C PHE A 350 -20.04 -20.26 29.49
N ASP A 351 -19.82 -21.18 28.57
CA ASP A 351 -20.70 -22.34 28.38
C ASP A 351 -20.85 -23.13 29.66
N GLN A 352 -19.74 -23.35 30.36
CA GLN A 352 -19.75 -24.14 31.60
C GLN A 352 -20.73 -23.61 32.64
N TYR A 353 -20.85 -22.29 32.74
CA TYR A 353 -21.69 -21.64 33.74
C TYR A 353 -23.04 -21.11 33.23
N LEU A 354 -23.23 -21.13 31.90
CA LEU A 354 -24.45 -20.55 31.31
C LEU A 354 -25.31 -21.50 30.48
N VAL A 355 -24.70 -22.50 29.84
CA VAL A 355 -25.43 -23.45 29.03
C VAL A 355 -25.80 -24.68 29.85
N ASP A 356 -27.10 -25.02 29.87
CA ASP A 356 -27.61 -26.17 30.62
C ASP A 356 -26.93 -27.48 30.23
N GLY A 357 -26.31 -28.14 31.21
CA GLY A 357 -25.64 -29.42 30.98
C GLY A 357 -24.30 -29.37 30.26
N ALA A 358 -23.75 -28.16 30.08
CA ALA A 358 -22.47 -27.99 29.39
C ALA A 358 -21.34 -28.63 30.21
N PRO A 359 -20.31 -29.12 29.54
CA PRO A 359 -19.20 -29.77 30.22
C PRO A 359 -18.25 -28.80 30.90
N LYS A 360 -17.39 -29.36 31.73
CA LYS A 360 -16.39 -28.61 32.43
C LYS A 360 -15.34 -28.16 31.43
N ALA A 361 -14.98 -26.89 31.50
CA ALA A 361 -13.96 -26.35 30.64
C ALA A 361 -12.62 -26.50 31.36
N ASP A 362 -11.57 -26.77 30.58
CA ASP A 362 -10.23 -26.88 31.13
C ASP A 362 -9.60 -25.46 31.11
N THR A 363 -10.21 -24.56 31.89
CA THR A 363 -9.78 -23.18 31.93
C THR A 363 -8.47 -23.03 32.69
N PRO A 364 -7.45 -22.48 32.04
CA PRO A 364 -6.18 -22.27 32.72
C PRO A 364 -6.34 -21.12 33.72
N PRO A 365 -5.93 -21.31 34.98
CA PRO A 365 -6.02 -20.22 35.97
C PRO A 365 -5.42 -18.92 35.45
N VAL A 366 -4.36 -19.04 34.65
CA VAL A 366 -3.67 -17.90 34.05
C VAL A 366 -3.37 -18.24 32.56
N PHE A 367 -3.80 -17.35 31.67
CA PHE A 367 -3.58 -17.51 30.21
C PHE A 367 -2.82 -16.28 29.81
N ILE A 368 -1.52 -16.41 29.63
CA ILE A 368 -0.66 -15.27 29.33
C ILE A 368 0.33 -15.55 28.20
N TYR A 369 0.42 -14.60 27.28
CA TYR A 369 1.27 -14.73 26.12
C TYR A 369 2.70 -14.31 26.40
N ASN A 370 3.65 -15.09 25.88
CA ASN A 370 5.05 -14.73 25.97
C ASN A 370 5.37 -14.01 24.67
N THR A 371 5.60 -12.71 24.78
CA THR A 371 5.85 -11.83 23.63
C THR A 371 7.27 -11.98 23.02
N GLY A 372 8.13 -12.75 23.67
CA GLY A 372 9.48 -13.01 23.17
C GLY A 372 9.61 -14.38 22.47
N GLU A 373 8.84 -15.38 22.93
CA GLU A 373 8.87 -16.73 22.37
C GLU A 373 7.67 -16.98 21.45
N ASN A 374 6.74 -16.03 21.45
CA ASN A 374 5.53 -16.09 20.61
C ASN A 374 4.64 -17.34 20.80
N HIS A 375 4.13 -17.51 22.00
CA HIS A 375 3.21 -18.59 22.32
C HIS A 375 2.51 -18.31 23.62
N TRP A 376 1.34 -18.90 23.79
CA TRP A 376 0.59 -18.76 25.01
C TRP A 376 1.21 -19.64 26.09
N ASP A 377 1.03 -19.21 27.34
CA ASP A 377 1.47 -19.97 28.51
C ASP A 377 0.21 -20.27 29.32
N ARG A 378 0.08 -21.51 29.77
CA ARG A 378 -1.04 -21.91 30.61
C ARG A 378 -0.44 -22.20 31.97
N LEU A 379 -0.76 -21.34 32.95
CA LEU A 379 -0.18 -21.43 34.29
C LEU A 379 -1.22 -21.47 35.40
N LYS A 380 -0.80 -21.89 36.59
CA LYS A 380 -1.69 -21.98 37.76
C LYS A 380 -1.62 -20.71 38.60
N ALA A 381 -0.58 -19.90 38.39
CA ALA A 381 -0.39 -18.68 39.15
C ALA A 381 0.40 -17.60 38.38
N TRP A 382 0.29 -16.38 38.87
CA TRP A 382 1.00 -15.22 38.32
C TRP A 382 1.06 -14.13 39.43
N PRO A 383 2.20 -13.41 39.56
CA PRO A 383 3.40 -13.57 38.73
C PRO A 383 4.27 -14.79 39.07
N ARG A 384 5.19 -15.11 38.16
CA ARG A 384 6.13 -16.23 38.35
C ARG A 384 7.35 -15.77 39.14
N SER A 385 7.66 -14.47 39.06
CA SER A 385 8.80 -13.89 39.75
C SER A 385 8.46 -12.52 40.36
N CYS A 386 8.95 -12.29 41.58
CA CYS A 386 8.74 -11.02 42.28
C CYS A 386 9.75 -10.90 43.43
N ASP A 387 9.74 -9.75 44.12
CA ASP A 387 10.69 -9.52 45.23
C ASP A 387 10.62 -10.61 46.33
N LYS A 388 9.42 -11.12 46.60
CA LYS A 388 9.26 -12.16 47.63
C LYS A 388 7.86 -12.82 47.57
N GLY A 389 7.82 -14.15 47.74
CA GLY A 389 6.58 -14.90 47.74
C GLY A 389 6.27 -15.64 46.45
N CYS A 390 7.14 -15.51 45.45
CA CYS A 390 6.94 -16.15 44.14
C CYS A 390 7.89 -17.34 43.93
N ALA A 391 7.65 -18.10 42.87
CA ALA A 391 8.48 -19.28 42.54
C ALA A 391 9.94 -18.88 42.25
N ALA A 392 10.13 -17.70 41.67
CA ALA A 392 11.46 -17.17 41.39
C ALA A 392 11.56 -15.79 42.04
N THR A 393 12.78 -15.32 42.26
CA THR A 393 13.01 -14.03 42.91
C THR A 393 13.60 -13.03 41.94
N SER A 394 13.17 -11.78 42.05
CA SER A 394 13.64 -10.71 41.20
C SER A 394 15.14 -10.47 41.34
N LYS A 395 15.74 -9.94 40.28
CA LYS A 395 17.16 -9.64 40.24
C LYS A 395 17.34 -8.18 39.80
N PRO A 396 18.15 -7.42 40.54
CA PRO A 396 18.42 -6.04 40.16
C PRO A 396 19.19 -5.94 38.85
N LEU A 397 18.68 -5.13 37.91
CA LEU A 397 19.35 -4.88 36.63
C LEU A 397 19.83 -3.43 36.75
N TYR A 398 21.10 -3.27 37.03
CA TYR A 398 21.71 -1.96 37.26
C TYR A 398 22.07 -1.15 36.03
N LEU A 399 21.66 0.11 36.04
CA LEU A 399 22.04 1.07 35.01
C LEU A 399 23.52 1.37 35.32
N GLN A 400 24.33 1.52 34.28
CA GLN A 400 25.79 1.72 34.46
C GLN A 400 26.33 2.91 33.70
N ALA A 401 27.47 3.42 34.18
CA ALA A 401 28.14 4.54 33.53
C ALA A 401 28.56 4.12 32.12
N GLY A 402 28.58 5.08 31.21
CA GLY A 402 28.94 4.81 29.84
C GLY A 402 27.80 4.19 29.03
N GLY A 403 26.57 4.31 29.56
CA GLY A 403 25.39 3.77 28.89
C GLY A 403 25.33 2.26 28.86
N LYS A 404 25.81 1.63 29.93
CA LYS A 404 25.82 0.18 30.01
C LYS A 404 24.69 -0.32 30.91
N LEU A 405 24.51 -1.63 30.96
CA LEU A 405 23.43 -2.25 31.71
C LEU A 405 23.84 -3.68 32.05
N SER A 406 23.69 -4.08 33.31
CA SER A 406 24.07 -5.43 33.75
C SER A 406 23.48 -5.79 35.10
N PHE A 407 23.59 -7.08 35.44
CA PHE A 407 23.12 -7.61 36.72
C PHE A 407 24.17 -7.49 37.84
N GLN A 408 25.33 -6.94 37.51
CA GLN A 408 26.40 -6.75 38.49
C GLN A 408 26.32 -5.34 39.06
N PRO A 409 26.39 -5.20 40.39
CA PRO A 409 26.35 -3.87 41.01
C PRO A 409 27.50 -2.98 40.49
N PRO A 410 27.28 -1.66 40.41
CA PRO A 410 28.32 -0.74 39.93
C PRO A 410 29.64 -0.85 40.71
N VAL A 411 30.76 -0.71 40.02
CA VAL A 411 32.08 -0.73 40.63
C VAL A 411 32.56 0.71 40.79
N ALA A 412 33.51 0.93 41.70
CA ALA A 412 34.04 2.26 41.96
C ALA A 412 35.04 2.69 40.89
N GLY A 413 35.37 3.98 40.85
CA GLY A 413 36.33 4.53 39.90
C GLY A 413 35.74 5.02 38.59
N GLN A 414 34.42 5.18 38.55
CA GLN A 414 33.73 5.64 37.34
C GLN A 414 32.82 6.83 37.66
N ALA A 415 32.27 7.44 36.63
CA ALA A 415 31.35 8.57 36.81
C ALA A 415 30.17 8.06 37.65
N GLY A 416 29.77 8.85 38.63
CA GLY A 416 28.70 8.47 39.53
C GLY A 416 27.29 8.68 39.01
N PHE A 417 27.17 9.36 37.87
CA PHE A 417 25.87 9.64 37.27
C PHE A 417 25.97 9.99 35.79
N GLU A 418 24.83 9.93 35.10
CA GLU A 418 24.72 10.35 33.72
C GLU A 418 23.81 11.55 33.74
N GLU A 419 24.12 12.54 32.93
CA GLU A 419 23.41 13.80 32.96
C GLU A 419 22.80 14.20 31.63
N TYR A 420 21.63 14.84 31.72
CA TYR A 420 20.94 15.39 30.56
C TYR A 420 20.09 16.55 30.97
N VAL A 421 19.86 17.46 30.03
CA VAL A 421 19.02 18.60 30.28
C VAL A 421 17.64 18.33 29.67
N SER A 422 16.61 18.53 30.48
CA SER A 422 15.23 18.38 30.05
C SER A 422 14.68 19.78 29.83
N ASP A 423 14.28 20.07 28.60
CA ASP A 423 13.74 21.38 28.21
C ASP A 423 12.24 21.24 27.85
N PRO A 424 11.35 21.82 28.69
CA PRO A 424 9.89 21.74 28.41
C PRO A 424 9.47 22.38 27.07
N ALA A 425 10.21 23.38 26.60
CA ALA A 425 9.91 24.02 25.31
C ALA A 425 10.21 23.08 24.13
N LYS A 426 11.03 22.07 24.39
CA LYS A 426 11.41 21.09 23.37
C LYS A 426 11.30 19.66 23.98
N PRO A 427 10.07 19.23 24.23
CA PRO A 427 9.84 17.93 24.87
C PRO A 427 10.10 16.77 23.97
N VAL A 428 10.31 15.61 24.57
CA VAL A 428 10.56 14.38 23.84
C VAL A 428 9.22 13.84 23.35
N PRO A 429 9.10 13.59 22.03
CA PRO A 429 7.85 13.06 21.47
C PRO A 429 7.63 11.60 21.85
N PHE A 430 6.39 11.23 22.19
CA PHE A 430 6.08 9.85 22.58
C PHE A 430 5.93 8.95 21.35
N VAL A 431 5.68 9.58 20.19
CA VAL A 431 5.63 8.89 18.88
C VAL A 431 6.18 9.90 17.86
N PRO A 432 6.64 9.43 16.70
CA PRO A 432 7.17 10.34 15.69
C PRO A 432 6.18 11.43 15.26
N ARG A 433 6.69 12.65 15.12
CA ARG A 433 5.90 13.78 14.65
C ARG A 433 5.69 13.59 13.13
N PRO A 434 4.56 14.08 12.58
CA PRO A 434 3.50 14.75 13.34
C PRO A 434 2.62 13.76 14.10
N VAL A 435 2.14 14.19 15.27
CA VAL A 435 1.30 13.37 16.11
C VAL A 435 -0.17 13.67 15.81
N ASP A 436 -0.87 12.67 15.35
CA ASP A 436 -2.28 12.80 15.00
C ASP A 436 -3.09 11.90 15.94
N PHE A 437 -3.71 12.50 16.97
CA PHE A 437 -4.51 11.70 17.94
C PHE A 437 -5.76 11.07 17.26
N ALA A 438 -6.14 11.60 16.09
CA ALA A 438 -7.26 11.04 15.31
C ALA A 438 -6.85 9.72 14.63
N ASP A 439 -5.57 9.63 14.25
CA ASP A 439 -5.02 8.43 13.61
C ASP A 439 -5.05 7.25 14.62
N ARG A 440 -6.06 6.38 14.48
CA ARG A 440 -6.22 5.22 15.36
C ARG A 440 -5.05 4.25 15.27
N ALA A 441 -4.47 4.11 14.08
CA ALA A 441 -3.32 3.21 13.89
C ALA A 441 -2.11 3.65 14.75
N TRP A 443 -2.23 5.54 17.61
CA TRP A 443 -2.55 5.41 19.03
C TRP A 443 -2.55 3.95 19.53
N THR A 444 -3.13 3.05 18.76
CA THR A 444 -3.21 1.65 19.15
C THR A 444 -1.84 0.93 19.11
N THR A 445 -0.88 1.49 18.38
CA THR A 445 0.45 0.85 18.25
C THR A 445 1.61 1.63 18.83
N TRP A 446 1.34 2.74 19.52
CA TRP A 446 2.43 3.55 20.04
C TRP A 446 3.35 2.84 21.03
N LEU A 447 2.80 1.97 21.85
CA LEU A 447 3.57 1.26 22.88
C LEU A 447 4.56 0.21 22.32
N VAL A 448 4.37 -0.22 21.08
CA VAL A 448 5.29 -1.20 20.46
C VAL A 448 6.17 -0.57 19.36
N HIS A 449 6.04 0.75 19.20
CA HIS A 449 6.82 1.48 18.20
C HIS A 449 8.30 1.43 18.51
N ASP A 450 9.09 1.29 17.44
CA ASP A 450 10.56 1.32 17.52
C ASP A 450 10.93 2.66 18.20
N GLN A 451 11.78 2.62 19.22
CA GLN A 451 12.19 3.85 19.95
C GLN A 451 13.45 4.52 19.40
N ARG A 452 13.92 4.07 18.24
CA ARG A 452 15.11 4.67 17.64
C ARG A 452 14.86 6.13 17.21
N PHE A 453 13.57 6.52 17.06
CA PHE A 453 13.22 7.89 16.68
C PHE A 453 13.60 8.92 17.79
N VAL A 454 13.86 8.43 19.02
CA VAL A 454 14.32 9.29 20.13
C VAL A 454 15.68 8.81 20.70
N ASP A 455 16.15 7.63 20.30
CA ASP A 455 17.43 7.12 20.76
C ASP A 455 18.51 7.94 20.08
N GLY A 456 19.36 8.57 20.87
CA GLY A 456 20.39 9.42 20.34
C GLY A 456 20.09 10.90 20.56
N ARG A 457 18.93 11.20 21.15
CA ARG A 457 18.58 12.58 21.48
C ARG A 457 19.37 12.89 22.76
N PRO A 458 19.86 14.11 22.91
CA PRO A 458 20.62 14.49 24.12
C PRO A 458 19.76 14.50 25.41
N ASP A 459 18.43 14.58 25.27
CA ASP A 459 17.52 14.60 26.45
C ASP A 459 16.88 13.21 26.74
N VAL A 460 17.52 12.16 26.23
CA VAL A 460 17.09 10.77 26.46
C VAL A 460 18.36 9.95 26.74
N LEU A 461 18.42 9.34 27.92
CA LEU A 461 19.56 8.49 28.29
C LEU A 461 19.29 7.09 27.84
N THR A 462 20.30 6.43 27.33
CA THR A 462 20.17 5.07 26.84
C THR A 462 21.21 4.18 27.50
N PHE A 463 20.73 3.11 28.13
CA PHE A 463 21.56 2.11 28.78
C PHE A 463 21.27 0.79 28.08
N VAL A 464 22.30 0.04 27.75
CA VAL A 464 22.10 -1.20 26.98
C VAL A 464 23.16 -2.26 27.29
N THR A 465 22.74 -3.53 27.27
CA THR A 465 23.64 -4.66 27.51
C THR A 465 24.28 -5.05 26.22
N GLU A 466 25.26 -5.93 26.30
CA GLU A 466 25.86 -6.49 25.11
C GLU A 466 24.83 -7.54 24.63
N PRO A 467 24.94 -8.01 23.39
CA PRO A 467 24.01 -9.02 22.90
C PRO A 467 24.02 -10.27 23.79
N LEU A 468 22.84 -10.82 24.06
CA LEU A 468 22.71 -11.98 24.92
C LEU A 468 23.15 -13.24 24.21
N THR A 469 23.78 -14.15 24.94
CA THR A 469 24.19 -15.45 24.38
C THR A 469 23.21 -16.55 24.85
N GLU A 470 22.41 -16.23 25.87
CA GLU A 470 21.43 -17.17 26.41
C GLU A 470 20.10 -16.41 26.62
N PRO A 471 18.96 -17.10 26.50
CA PRO A 471 17.66 -16.44 26.68
C PRO A 471 17.47 -15.94 28.11
N LEU A 472 16.84 -14.77 28.26
CA LEU A 472 16.57 -14.16 29.55
C LEU A 472 15.09 -13.98 29.62
N GLN A 473 14.45 -14.74 30.49
CA GLN A 473 13.01 -14.70 30.62
C GLN A 473 12.58 -13.93 31.85
N ILE A 474 11.67 -12.98 31.65
CA ILE A 474 11.08 -12.23 32.73
C ILE A 474 9.58 -12.55 32.73
N ALA A 475 8.97 -12.59 33.91
CA ALA A 475 7.58 -12.96 34.04
C ALA A 475 7.02 -12.35 35.31
N GLY A 476 6.75 -11.06 35.25
CA GLY A 476 6.18 -10.34 36.37
C GLY A 476 6.15 -8.86 36.10
N ALA A 477 6.07 -8.08 37.18
CA ALA A 477 6.02 -6.63 37.09
C ALA A 477 7.36 -6.03 37.50
N PRO A 478 8.11 -5.47 36.56
CA PRO A 478 9.38 -4.83 36.91
C PRO A 478 9.11 -3.64 37.82
N ASP A 479 10.04 -3.35 38.71
CA ASP A 479 9.90 -2.24 39.63
C ASP A 479 11.11 -1.33 39.49
N VAL A 480 10.87 -0.07 39.18
CA VAL A 480 11.96 0.89 39.01
C VAL A 480 12.44 1.41 40.37
N HIS A 481 13.76 1.42 40.55
CA HIS A 481 14.41 1.98 41.76
C HIS A 481 15.38 3.00 41.23
N LEU A 482 14.86 4.16 40.89
CA LEU A 482 15.64 5.24 40.32
C LEU A 482 16.22 6.18 41.36
N GLN A 483 17.51 6.47 41.22
CA GLN A 483 18.19 7.44 42.06
C GLN A 483 18.49 8.60 41.13
N ALA A 484 17.78 9.71 41.30
CA ALA A 484 17.96 10.85 40.39
C ALA A 484 17.76 12.20 41.05
N SER A 485 18.44 13.20 40.50
CA SER A 485 18.32 14.55 40.96
C SER A 485 17.95 15.46 39.81
N THR A 486 17.37 16.58 40.14
CA THR A 486 17.04 17.61 39.18
C THR A 486 17.49 18.94 39.77
N SER A 487 17.91 19.85 38.91
CA SER A 487 18.32 21.18 39.34
C SER A 487 17.06 22.05 39.59
N GLY A 488 15.90 21.57 39.13
CA GLY A 488 14.64 22.25 39.35
C GLY A 488 14.01 21.82 40.66
N SER A 489 12.70 21.99 40.79
CA SER A 489 11.96 21.59 42.01
C SER A 489 10.76 20.66 41.71
N ASP A 490 10.73 20.11 40.49
CA ASP A 490 9.74 19.13 40.08
C ASP A 490 10.28 18.47 38.81
N SER A 491 9.77 17.30 38.48
CA SER A 491 10.20 16.59 37.28
C SER A 491 9.45 15.32 37.10
N ASP A 492 9.28 14.90 35.85
CA ASP A 492 8.69 13.61 35.51
C ASP A 492 9.85 12.70 35.17
N TRP A 493 9.69 11.40 35.46
CA TRP A 493 10.69 10.41 35.14
C TRP A 493 10.01 9.31 34.34
N VAL A 494 10.50 9.09 33.13
CA VAL A 494 9.96 8.10 32.23
C VAL A 494 11.01 7.04 32.04
N VAL A 495 10.62 5.77 32.26
CA VAL A 495 11.54 4.65 32.11
C VAL A 495 10.95 3.63 31.16
N LYS A 496 11.73 3.22 30.17
CA LYS A 496 11.31 2.22 29.20
C LYS A 496 12.22 1.02 29.28
N LEU A 497 11.64 -0.16 29.46
CA LEU A 497 12.39 -1.41 29.43
C LEU A 497 12.21 -1.91 28.00
N ILE A 498 13.32 -2.05 27.28
CA ILE A 498 13.29 -2.37 25.86
C ILE A 498 14.02 -3.64 25.45
N ASP A 499 13.46 -4.33 24.47
CA ASP A 499 14.08 -5.48 23.86
C ASP A 499 14.64 -4.97 22.52
N VAL A 500 15.96 -4.91 22.41
CA VAL A 500 16.58 -4.50 21.17
C VAL A 500 16.80 -5.75 20.33
N TYR A 501 16.18 -5.81 19.17
CA TYR A 501 16.31 -6.97 18.29
C TYR A 501 17.75 -7.05 17.74
N PRO A 502 18.15 -8.24 17.28
CA PRO A 502 19.47 -8.41 16.68
C PRO A 502 19.69 -7.35 15.63
N GLU A 503 20.90 -6.78 15.57
CA GLU A 503 21.19 -5.68 14.64
C GLU A 503 20.77 -5.97 13.18
N GLU A 504 20.84 -7.23 12.79
CA GLU A 504 20.41 -7.66 11.46
C GLU A 504 19.28 -8.72 11.60
N ALA A 506 17.61 -10.40 8.54
CA ALA A 506 17.48 -10.58 7.08
C ALA A 506 16.12 -11.06 6.56
N SER A 507 15.42 -11.87 7.35
CA SER A 507 14.08 -12.40 6.95
C SER A 507 12.95 -11.35 7.15
N ASN A 508 13.24 -10.32 7.94
CA ASN A 508 12.31 -9.20 8.17
C ASN A 508 13.19 -7.97 8.45
N PRO A 509 13.79 -7.43 7.38
CA PRO A 509 14.79 -6.33 7.49
C PRO A 509 14.48 -5.15 8.39
N LYS A 510 13.23 -4.71 8.44
CA LYS A 510 12.84 -3.55 9.28
C LYS A 510 13.05 -3.79 10.79
N GLY A 512 15.65 -5.21 12.13
CA GLY A 512 17.06 -5.16 12.47
C GLY A 512 17.36 -3.97 13.38
N GLY A 513 17.72 -4.25 14.63
CA GLY A 513 18.05 -3.20 15.62
C GLY A 513 16.82 -2.51 16.21
N TYR A 514 15.64 -3.04 15.89
CA TYR A 514 14.35 -2.49 16.38
C TYR A 514 14.34 -2.41 17.91
N GLU A 515 13.95 -1.27 18.45
CA GLU A 515 13.90 -1.06 19.88
C GLU A 515 12.44 -1.16 20.36
N LEU A 516 12.04 -2.38 20.72
CA LEU A 516 10.67 -2.66 21.19
C LEU A 516 10.50 -2.44 22.68
N PRO A 517 9.63 -1.50 23.09
CA PRO A 517 9.37 -1.32 24.52
C PRO A 517 8.48 -2.42 25.03
N VAL A 518 9.04 -3.29 25.86
CA VAL A 518 8.29 -4.37 26.47
C VAL A 518 7.39 -3.79 27.57
N SER A 519 7.93 -2.81 28.30
CA SER A 519 7.23 -2.20 29.40
C SER A 519 7.78 -0.79 29.67
N LEU A 520 6.90 0.19 29.81
CA LEU A 520 7.32 1.56 30.11
C LEU A 520 6.30 2.29 30.99
N ALA A 521 6.78 3.29 31.72
CA ALA A 521 5.92 4.06 32.58
C ALA A 521 6.49 5.42 32.89
N ILE A 522 5.61 6.32 33.25
CA ILE A 522 5.99 7.68 33.64
C ILE A 522 5.59 7.88 35.09
N PHE A 523 6.36 8.69 35.80
CA PHE A 523 6.10 9.01 37.21
C PHE A 523 6.24 10.49 37.40
N ARG A 524 5.22 11.12 37.99
CA ARG A 524 5.25 12.56 38.27
C ARG A 524 5.97 12.75 39.62
N GLY A 525 7.18 13.33 39.54
CA GLY A 525 8.08 13.49 40.68
C GLY A 525 7.58 14.13 41.96
N ARG A 526 6.63 15.05 41.84
CA ARG A 526 6.07 15.72 43.02
C ARG A 526 5.40 14.70 44.00
N TYR A 527 5.06 13.51 43.50
CA TYR A 527 4.41 12.48 44.32
C TYR A 527 5.40 11.41 44.83
N ARG A 528 6.70 11.73 44.81
CA ARG A 528 7.75 10.79 45.25
C ARG A 528 7.51 10.23 46.66
N GLU A 529 7.17 11.12 47.59
CA GLU A 529 6.95 10.73 48.99
C GLU A 529 5.51 10.38 49.28
N SER A 530 4.57 10.93 48.51
CA SER A 530 3.15 10.67 48.71
C SER A 530 2.35 11.04 47.48
N PHE A 531 1.38 10.20 47.13
CA PHE A 531 0.52 10.46 45.99
C PHE A 531 -0.55 11.49 46.34
N SER A 532 -0.94 11.54 47.62
CA SER A 532 -1.96 12.48 48.10
C SER A 532 -1.39 13.87 48.50
N THR A 533 -0.13 13.89 48.90
CA THR A 533 0.54 15.12 49.36
C THR A 533 1.77 15.41 48.54
N PRO A 534 1.63 16.19 47.45
CA PRO A 534 2.77 16.52 46.62
C PRO A 534 3.75 17.41 47.36
N LYS A 535 5.02 17.27 47.03
CA LYS A 535 6.07 18.05 47.65
C LYS A 535 7.14 18.37 46.59
N PRO A 536 7.78 19.53 46.71
CA PRO A 536 8.83 19.90 45.78
C PRO A 536 10.04 18.99 45.90
N LEU A 537 10.72 18.74 44.80
CA LEU A 537 11.93 17.96 44.80
C LEU A 537 13.06 18.90 45.20
N THR A 538 13.92 18.42 46.10
CA THR A 538 15.04 19.22 46.58
C THR A 538 16.06 19.34 45.48
N SER A 539 16.30 20.59 45.04
CA SER A 539 17.21 20.86 43.94
C SER A 539 18.62 20.35 44.19
N ASN A 540 19.18 19.68 43.17
CA ASN A 540 20.55 19.14 43.19
C ASN A 540 20.81 18.06 44.22
N GLN A 541 19.75 17.40 44.67
CA GLN A 541 19.86 16.33 45.67
C GLN A 541 19.38 14.99 45.06
N PRO A 542 20.25 13.97 45.07
CA PRO A 542 19.84 12.64 44.60
C PRO A 542 18.70 12.12 45.48
N LEU A 543 17.61 11.69 44.86
CA LEU A 543 16.44 11.19 45.58
C LEU A 543 15.98 9.86 45.00
N ALA A 544 15.44 9.01 45.85
CA ALA A 544 14.98 7.70 45.44
C ALA A 544 13.53 7.74 44.96
N PHE A 545 13.32 7.25 43.75
CA PHE A 545 11.97 7.13 43.18
C PHE A 545 11.71 5.64 42.97
N GLN A 546 10.54 5.19 43.34
CA GLN A 546 10.18 3.80 43.16
C GLN A 546 8.78 3.69 42.61
N PHE A 547 8.65 3.00 41.47
CA PHE A 547 7.37 2.82 40.83
C PHE A 547 7.40 1.64 39.88
N GLY A 548 6.25 0.99 39.72
CA GLY A 548 6.17 -0.18 38.88
C GLY A 548 6.02 0.08 37.39
N LEU A 549 6.57 -0.83 36.60
CA LEU A 549 6.44 -0.81 35.17
C LEU A 549 5.40 -1.87 34.83
N PRO A 550 4.71 -1.71 33.70
CA PRO A 550 3.73 -2.71 33.26
C PRO A 550 4.26 -4.14 33.28
N THR A 551 3.36 -5.09 33.53
CA THR A 551 3.68 -6.49 33.56
C THR A 551 4.26 -6.96 32.23
N ALA A 552 5.15 -7.92 32.32
CA ALA A 552 5.77 -8.50 31.17
C ALA A 552 5.95 -10.02 31.33
N ASN A 553 5.71 -10.73 30.25
CA ASN A 553 5.97 -12.15 30.16
C ASN A 553 6.74 -12.21 28.86
N HIS A 554 8.04 -11.93 28.95
CA HIS A 554 8.86 -11.76 27.79
C HIS A 554 10.21 -12.40 27.89
N THR A 555 10.59 -13.12 26.85
CA THR A 555 11.92 -13.71 26.79
C THR A 555 12.79 -12.90 25.81
N PHE A 556 13.87 -12.33 26.32
CA PHE A 556 14.83 -11.64 25.48
C PHE A 556 15.69 -12.77 24.91
N GLN A 557 15.58 -13.00 23.62
CA GLN A 557 16.28 -14.13 22.98
C GLN A 557 17.73 -13.83 22.68
N PRO A 558 18.54 -14.88 22.45
CA PRO A 558 19.94 -14.68 22.08
C PRO A 558 20.07 -13.78 20.85
N GLY A 559 21.05 -12.88 20.85
CA GLY A 559 21.25 -11.95 19.77
C GLY A 559 20.61 -10.59 20.08
N HIS A 560 19.60 -10.59 20.97
CA HIS A 560 18.91 -9.37 21.39
C HIS A 560 19.69 -8.72 22.51
N ARG A 561 19.37 -7.48 22.82
CA ARG A 561 19.96 -6.79 23.94
C ARG A 561 18.81 -6.29 24.82
N VAL A 562 19.10 -6.02 26.07
CA VAL A 562 18.13 -5.42 26.98
C VAL A 562 18.54 -3.98 27.04
N VAL A 564 17.41 0.15 28.52
CA VAL A 564 16.61 1.00 29.35
C VAL A 564 16.81 2.43 28.86
N GLN A 565 15.71 3.14 28.64
CA GLN A 565 15.77 4.53 28.26
C GLN A 565 15.14 5.34 29.39
N VAL A 566 15.72 6.49 29.69
CA VAL A 566 15.22 7.38 30.71
C VAL A 566 15.10 8.78 30.12
N GLN A 567 13.95 9.42 30.34
CA GLN A 567 13.71 10.79 29.87
C GLN A 567 12.78 11.49 30.85
N SER A 568 12.50 12.77 30.62
CA SER A 568 11.67 13.55 31.55
C SER A 568 10.42 14.18 30.94
N SER A 569 10.08 13.74 29.72
CA SER A 569 8.84 14.15 29.06
C SER A 569 8.40 13.01 28.11
N LEU A 570 7.12 13.00 27.78
CA LEU A 570 6.50 11.96 26.92
C LEU A 570 5.27 12.67 26.37
N PHE A 571 5.54 13.54 25.42
CA PHE A 571 4.60 14.53 24.91
C PHE A 571 4.18 14.29 23.43
N PRO A 572 2.93 14.69 23.05
CA PRO A 572 1.95 15.36 23.92
C PRO A 572 1.01 14.44 24.73
N LEU A 573 1.28 13.13 24.77
CA LEU A 573 0.42 12.21 25.54
C LEU A 573 0.28 12.71 26.98
N TYR A 574 1.40 13.08 27.58
CA TYR A 574 1.41 13.60 28.95
C TYR A 574 1.75 15.07 28.93
N ASP A 575 1.04 15.86 29.74
CA ASP A 575 1.34 17.26 29.79
C ASP A 575 2.73 17.40 30.39
N ARG A 576 3.39 18.48 30.05
CA ARG A 576 4.75 18.71 30.49
C ARG A 576 4.85 19.16 31.92
N ASN A 577 5.77 18.56 32.64
CA ASN A 577 6.05 18.97 33.99
C ASN A 577 6.89 20.24 33.79
N PRO A 578 6.47 21.36 34.41
CA PRO A 578 7.18 22.64 34.23
C PRO A 578 8.58 22.64 34.83
N GLN A 579 8.85 21.71 35.74
CA GLN A 579 10.14 21.56 36.37
C GLN A 579 10.44 22.59 37.47
N THR A 580 9.46 23.43 37.76
CA THR A 580 9.49 24.32 38.93
C THR A 580 8.23 23.86 39.67
N TYR A 581 8.27 23.87 40.99
CA TYR A 581 7.13 23.42 41.77
C TYR A 581 6.00 24.43 41.77
N VAL A 582 4.89 24.07 41.15
CA VAL A 582 3.70 24.91 41.12
C VAL A 582 2.59 24.17 41.86
N PRO A 583 1.58 24.89 42.37
CA PRO A 583 0.48 24.25 43.11
C PRO A 583 -0.34 23.27 42.25
N ASN A 584 -0.56 23.62 40.99
CA ASN A 584 -1.36 22.80 40.07
C ASN A 584 -0.79 22.90 38.66
N ILE A 585 -0.20 21.79 38.19
CA ILE A 585 0.43 21.75 36.86
C ILE A 585 -0.57 22.01 35.72
N PHE A 586 -1.85 21.71 35.94
CA PHE A 586 -2.89 21.98 34.94
C PHE A 586 -2.89 23.48 34.59
N PHE A 587 -2.64 24.33 35.61
CA PHE A 587 -2.65 25.78 35.43
C PHE A 587 -1.28 26.44 35.49
N ALA A 588 -0.25 25.73 35.04
CA ALA A 588 1.09 26.29 35.02
C ALA A 588 1.11 27.46 34.04
N LYS A 589 1.81 28.53 34.43
CA LYS A 589 1.94 29.74 33.61
C LYS A 589 3.20 29.61 32.73
N PRO A 590 3.30 30.41 31.67
CA PRO A 590 4.46 30.33 30.75
C PRO A 590 5.83 30.41 31.43
N GLY A 591 5.95 31.26 32.45
CA GLY A 591 7.20 31.46 33.17
C GLY A 591 7.57 30.34 34.13
N ASP A 592 6.62 29.45 34.41
CA ASP A 592 6.87 28.32 35.31
C ASP A 592 7.72 27.24 34.62
N TYR A 593 7.67 27.19 33.29
CA TYR A 593 8.42 26.17 32.52
C TYR A 593 9.87 26.55 32.39
N GLN A 594 10.74 25.74 32.97
CA GLN A 594 12.17 25.99 32.96
C GLN A 594 12.96 24.73 32.67
N LYS A 595 14.10 24.90 32.01
CA LYS A 595 15.00 23.79 31.75
C LYS A 595 15.51 23.30 33.10
N ALA A 596 15.93 22.05 33.13
CA ALA A 596 16.47 21.46 34.36
C ALA A 596 17.53 20.44 34.01
N THR A 597 18.61 20.43 34.77
CA THR A 597 19.69 19.50 34.60
C THR A 597 19.37 18.26 35.43
N GLN A 598 19.15 17.14 34.74
CA GLN A 598 18.79 15.87 35.37
C GLN A 598 19.98 14.96 35.48
N ARG A 599 20.06 14.21 36.58
CA ARG A 599 21.14 13.27 36.80
C ARG A 599 20.60 11.94 37.28
N VAL A 600 20.93 10.88 36.55
CA VAL A 600 20.54 9.54 36.93
C VAL A 600 21.78 8.89 37.53
N TYR A 601 21.73 8.61 38.82
CA TYR A 601 22.86 8.03 39.51
C TYR A 601 23.05 6.54 39.25
N VAL A 602 24.30 6.17 39.04
CA VAL A 602 24.68 4.80 38.73
C VAL A 602 25.95 4.39 39.54
N SER A 603 26.07 4.93 40.75
CA SER A 603 27.23 4.66 41.61
C SER A 603 26.93 3.53 42.61
N PRO A 604 27.97 2.94 43.21
CA PRO A 604 27.78 1.88 44.21
C PRO A 604 26.95 2.33 45.41
N GLU A 605 27.08 3.60 45.78
CA GLU A 605 26.38 4.17 46.94
C GLU A 605 24.92 4.53 46.62
N GLN A 606 24.68 4.95 45.37
CA GLN A 606 23.34 5.34 44.92
C GLN A 606 23.08 4.74 43.52
N PRO A 607 22.84 3.43 43.47
CA PRO A 607 22.63 2.73 42.21
C PRO A 607 21.19 2.71 41.71
N SER A 608 20.98 3.15 40.48
CA SER A 608 19.68 3.10 39.84
C SER A 608 19.56 1.73 39.23
N TYR A 609 18.44 1.07 39.43
CA TYR A 609 18.23 -0.24 38.87
C TYR A 609 16.77 -0.56 38.71
N ILE A 610 16.49 -1.61 37.98
CA ILE A 610 15.15 -2.10 37.80
C ILE A 610 15.10 -3.49 38.41
N SER A 611 14.20 -3.70 39.36
CA SER A 611 14.02 -5.01 39.94
C SER A 611 13.31 -5.83 38.88
N LEU A 612 14.08 -6.67 38.19
CA LEU A 612 13.57 -7.47 37.09
C LEU A 612 13.04 -8.83 37.57
N PRO A 613 11.81 -9.19 37.17
CA PRO A 613 11.21 -10.46 37.57
C PRO A 613 11.72 -11.64 36.72
N VAL A 614 13.01 -11.94 36.83
CA VAL A 614 13.62 -13.01 36.07
C VAL A 614 13.20 -14.37 36.64
N ARG A 615 13.11 -15.38 35.76
CA ARG A 615 12.81 -16.75 36.17
C ARG A 615 13.72 -17.72 35.40
N THR B 2 50.13 8.79 -2.86
CA THR B 2 49.50 7.99 -3.95
C THR B 2 49.38 8.83 -5.22
N SER B 3 49.92 8.32 -6.32
CA SER B 3 49.86 9.03 -7.61
C SER B 3 48.40 9.13 -8.10
N PRO B 4 47.99 10.31 -8.60
CA PRO B 4 46.62 10.50 -9.13
C PRO B 4 46.26 9.53 -10.28
N THR B 6 47.28 6.40 -10.53
CA THR B 6 47.29 5.03 -10.07
C THR B 6 45.92 4.43 -10.38
N PRO B 7 45.86 3.35 -11.17
CA PRO B 7 44.58 2.71 -11.48
C PRO B 7 43.78 2.43 -10.21
N ASP B 8 42.55 2.93 -10.15
CA ASP B 8 41.69 2.73 -8.98
C ASP B 8 41.12 1.30 -8.89
N ILE B 9 41.18 0.57 -10.02
CA ILE B 9 40.82 -0.85 -10.04
C ILE B 9 42.18 -1.54 -10.21
N THR B 10 42.68 -2.13 -9.13
CA THR B 10 44.03 -2.74 -9.10
C THR B 10 44.13 -4.09 -9.83
N GLY B 11 45.38 -4.46 -10.15
CA GLY B 11 45.66 -5.74 -10.79
C GLY B 11 45.39 -6.89 -9.84
N LYS B 12 45.67 -6.65 -8.55
CA LYS B 12 45.40 -7.64 -7.49
C LYS B 12 43.92 -7.44 -7.03
N PRO B 13 43.06 -8.45 -7.27
CA PRO B 13 41.62 -8.35 -6.91
C PRO B 13 41.31 -7.89 -5.47
N PHE B 14 40.23 -7.10 -5.34
CA PHE B 14 39.78 -6.60 -4.03
C PHE B 14 39.20 -7.76 -3.22
N VAL B 15 39.57 -7.83 -1.95
CA VAL B 15 39.13 -8.88 -1.05
C VAL B 15 38.33 -8.27 0.11
N ALA B 16 37.07 -8.65 0.23
CA ALA B 16 36.21 -8.13 1.29
C ALA B 16 36.72 -8.57 2.66
N ALA B 17 36.63 -7.67 3.63
CA ALA B 17 37.04 -7.98 4.99
C ALA B 17 36.05 -8.98 5.58
N ASP B 18 36.53 -9.84 6.48
CA ASP B 18 35.67 -10.88 7.08
C ASP B 18 35.99 -11.22 8.54
N ALA B 19 36.66 -10.29 9.24
CA ALA B 19 37.08 -10.54 10.64
C ALA B 19 35.92 -10.77 11.61
N SER B 20 34.83 -10.03 11.41
CA SER B 20 33.67 -10.12 12.28
C SER B 20 32.72 -11.31 11.96
N ASN B 21 33.01 -12.07 10.91
CA ASN B 21 32.17 -13.22 10.54
C ASN B 21 32.11 -14.27 11.66
N ASP B 22 30.92 -14.86 11.86
CA ASP B 22 30.75 -15.94 12.86
C ASP B 22 30.70 -17.30 12.14
N TYR B 23 31.15 -17.31 10.88
CA TYR B 23 31.22 -18.51 10.07
C TYR B 23 32.46 -18.49 9.21
N ILE B 24 32.74 -19.60 8.57
CA ILE B 24 33.82 -19.75 7.65
C ILE B 24 33.25 -20.37 6.38
N LYS B 25 33.40 -19.69 5.26
CA LYS B 25 32.95 -20.20 3.97
C LYS B 25 34.14 -20.81 3.25
N ARG B 26 34.02 -22.09 2.90
CA ARG B 26 35.08 -22.83 2.24
C ARG B 26 34.56 -23.45 0.95
N GLU B 27 35.21 -23.13 -0.16
CA GLU B 27 34.83 -23.70 -1.44
C GLU B 27 35.75 -24.86 -1.77
N VAL B 28 35.22 -25.86 -2.47
CA VAL B 28 36.00 -27.02 -2.87
C VAL B 28 35.53 -27.56 -4.21
N ILE B 30 35.12 -30.99 -5.88
CA ILE B 30 35.08 -32.42 -5.57
C ILE B 30 35.09 -33.25 -6.83
N PRO B 31 36.13 -34.05 -7.04
CA PRO B 31 36.18 -34.89 -8.23
C PRO B 31 35.22 -36.07 -8.12
N ARG B 33 33.66 -39.76 -9.74
CA ARG B 33 34.35 -41.00 -10.16
C ARG B 33 34.90 -40.95 -11.58
N ASP B 34 34.30 -40.10 -12.42
CA ASP B 34 34.75 -39.93 -13.82
C ASP B 34 35.72 -38.74 -14.03
N GLY B 35 36.25 -38.18 -12.92
CA GLY B 35 37.21 -37.07 -12.98
C GLY B 35 36.60 -35.66 -13.03
N VAL B 36 35.32 -35.54 -13.39
CA VAL B 36 34.66 -34.23 -13.46
C VAL B 36 34.53 -33.67 -12.04
N LYS B 37 34.87 -32.39 -11.87
CA LYS B 37 34.84 -31.75 -10.55
C LYS B 37 33.59 -30.91 -10.38
N LEU B 38 32.93 -31.06 -9.22
CA LEU B 38 31.74 -30.28 -8.90
C LEU B 38 32.06 -29.20 -7.86
N HIS B 39 31.66 -27.96 -8.16
CA HIS B 39 31.86 -26.82 -7.26
C HIS B 39 30.95 -26.94 -6.05
N THR B 40 31.55 -26.94 -4.87
CA THR B 40 30.82 -27.14 -3.63
C THR B 40 31.17 -26.06 -2.61
N VAL B 41 30.15 -25.47 -1.99
CA VAL B 41 30.34 -24.43 -0.99
C VAL B 41 29.96 -24.95 0.38
N ILE B 42 30.88 -24.81 1.33
CA ILE B 42 30.70 -25.31 2.69
C ILE B 42 30.73 -24.15 3.68
N VAL B 43 29.63 -23.94 4.39
CA VAL B 43 29.56 -22.88 5.41
C VAL B 43 29.56 -23.51 6.79
N LEU B 44 30.62 -23.24 7.55
CA LEU B 44 30.79 -23.80 8.87
C LEU B 44 30.68 -22.74 9.93
N PRO B 45 29.95 -23.02 11.00
CA PRO B 45 29.94 -22.10 12.13
C PRO B 45 31.35 -22.07 12.70
N LYS B 46 31.84 -20.92 13.13
CA LYS B 46 33.17 -20.86 13.72
C LYS B 46 33.11 -21.69 15.00
N GLY B 47 34.14 -22.50 15.22
CA GLY B 47 34.22 -23.35 16.39
C GLY B 47 33.49 -24.68 16.23
N ALA B 48 32.99 -24.96 15.02
CA ALA B 48 32.26 -26.21 14.75
C ALA B 48 33.15 -27.41 15.01
N LYS B 49 32.63 -28.36 15.76
CA LYS B 49 33.35 -29.59 16.10
C LYS B 49 32.34 -30.74 16.18
N ASN B 50 32.66 -31.84 15.50
CA ASN B 50 31.77 -33.01 15.44
C ASN B 50 30.34 -32.60 15.06
N ALA B 51 30.25 -31.70 14.08
CA ALA B 51 28.97 -31.16 13.63
C ALA B 51 28.47 -31.88 12.39
N PRO B 52 27.17 -32.12 12.33
CA PRO B 52 26.58 -32.78 11.16
C PRO B 52 26.53 -31.86 9.95
N ILE B 53 26.39 -32.44 8.77
CA ILE B 53 26.32 -31.68 7.55
C ILE B 53 24.92 -31.81 6.93
N VAL B 54 24.41 -30.71 6.40
CA VAL B 54 23.14 -30.71 5.67
C VAL B 54 23.53 -30.31 4.25
N LEU B 55 23.30 -31.23 3.30
CA LEU B 55 23.69 -31.04 1.92
C LEU B 55 22.52 -30.85 0.97
N THR B 56 22.71 -29.95 0.02
CA THR B 56 21.75 -29.69 -1.04
C THR B 56 22.51 -29.60 -2.36
N ARG B 57 22.02 -30.28 -3.37
CA ARG B 57 22.63 -30.26 -4.70
C ARG B 57 21.67 -29.48 -5.58
N THR B 58 22.18 -28.43 -6.23
CA THR B 58 21.34 -27.49 -6.95
C THR B 58 21.86 -27.01 -8.32
N PRO B 59 20.93 -26.72 -9.25
CA PRO B 59 21.28 -26.11 -10.52
C PRO B 59 21.06 -24.57 -10.47
N TYR B 60 20.87 -24.02 -9.26
CA TYR B 60 20.56 -22.60 -9.07
C TYR B 60 21.68 -21.79 -8.36
N ASP B 61 22.94 -22.13 -8.63
CA ASP B 61 24.11 -21.39 -8.11
C ASP B 61 24.37 -21.57 -6.60
N ALA B 62 25.25 -22.52 -6.27
CA ALA B 62 25.58 -22.82 -4.86
C ALA B 62 26.12 -21.59 -4.12
N SER B 63 26.95 -20.78 -4.81
CA SER B 63 27.51 -19.55 -4.21
C SER B 63 26.38 -18.54 -3.91
N GLY B 64 25.43 -18.42 -4.83
CA GLY B 64 24.29 -17.52 -4.65
C GLY B 64 23.33 -18.02 -3.57
N ARG B 65 23.17 -19.34 -3.47
CA ARG B 65 22.27 -19.95 -2.48
C ARG B 65 22.81 -19.81 -1.05
N THR B 66 24.12 -19.58 -0.93
CA THR B 66 24.76 -19.41 0.39
C THR B 66 25.08 -17.93 0.65
N GLU B 67 24.37 -17.03 -0.06
CA GLU B 67 24.52 -15.59 0.13
C GLU B 67 23.21 -14.86 -0.12
N ARG B 68 22.25 -15.10 0.77
CA ARG B 68 20.98 -14.41 0.75
C ARG B 68 21.29 -12.92 0.99
N LEU B 69 22.19 -12.66 1.94
CA LEU B 69 22.67 -11.32 2.25
C LEU B 69 24.16 -11.38 2.61
N ALA B 70 24.96 -10.49 2.02
CA ALA B 70 26.39 -10.41 2.35
C ALA B 70 26.43 -9.88 3.78
N SER B 71 26.72 -10.77 4.72
CA SER B 71 26.69 -10.39 6.13
C SER B 71 27.63 -11.26 6.97
N PRO B 72 28.13 -10.70 8.08
CA PRO B 72 28.98 -11.45 9.01
C PRO B 72 28.20 -12.46 9.87
N HIS B 73 26.86 -12.40 9.86
CA HIS B 73 26.05 -13.32 10.64
C HIS B 73 25.56 -14.45 9.75
N LYS B 75 23.22 -16.59 10.19
CA LYS B 75 21.77 -16.67 10.11
C LYS B 75 21.23 -15.78 8.98
N ASP B 76 21.89 -14.65 8.75
CA ASP B 76 21.50 -13.70 7.71
C ASP B 76 22.15 -14.03 6.36
N LEU B 77 23.34 -14.61 6.41
CA LEU B 77 24.04 -15.00 5.19
C LEU B 77 23.27 -16.07 4.43
N LEU B 78 22.77 -17.05 5.17
CA LEU B 78 22.02 -18.14 4.58
C LEU B 78 20.56 -17.81 4.45
N SER B 79 19.85 -18.61 3.69
CA SER B 79 18.45 -18.40 3.41
C SER B 79 17.56 -18.51 4.66
N ALA B 80 16.35 -18.00 4.54
CA ALA B 80 15.39 -18.02 5.63
C ALA B 80 15.09 -19.44 6.09
N GLY B 81 15.02 -20.37 5.13
CA GLY B 81 14.73 -21.77 5.41
C GLY B 81 15.83 -22.52 6.11
N ASP B 82 17.03 -21.95 6.11
CA ASP B 82 18.17 -22.55 6.79
C ASP B 82 18.30 -22.06 8.23
N ASP B 83 17.35 -21.24 8.68
CA ASP B 83 17.38 -20.72 10.04
C ASP B 83 17.58 -21.78 11.12
N VAL B 84 16.88 -22.90 11.00
CA VAL B 84 16.97 -23.96 11.99
C VAL B 84 18.31 -24.69 11.97
N PHE B 85 18.96 -24.74 10.82
CA PHE B 85 20.26 -25.38 10.72
C PHE B 85 21.35 -24.48 11.34
N VAL B 86 21.20 -23.17 11.18
CA VAL B 86 22.13 -22.23 11.77
C VAL B 86 21.97 -22.29 13.30
N GLU B 87 20.73 -22.34 13.77
CA GLU B 87 20.43 -22.42 15.20
C GLU B 87 20.94 -23.73 15.82
N GLY B 88 20.96 -24.80 15.02
CA GLY B 88 21.40 -26.12 15.48
C GLY B 88 22.90 -26.38 15.36
N GLY B 89 23.66 -25.42 14.85
CA GLY B 89 25.11 -25.57 14.70
C GLY B 89 25.54 -26.52 13.59
N TYR B 90 24.72 -26.63 12.55
CA TYR B 90 25.02 -27.50 11.42
C TYR B 90 25.99 -26.84 10.44
N ILE B 91 26.71 -27.68 9.71
CA ILE B 91 27.55 -27.24 8.63
C ILE B 91 26.63 -27.33 7.41
N ARG B 92 26.49 -26.23 6.67
CA ARG B 92 25.62 -26.19 5.50
C ARG B 92 26.41 -26.27 4.22
N VAL B 93 26.03 -27.18 3.34
CA VAL B 93 26.71 -27.38 2.09
C VAL B 93 25.76 -27.33 0.90
N PHE B 94 26.13 -26.52 -0.11
CA PHE B 94 25.40 -26.44 -1.36
C PHE B 94 26.40 -26.81 -2.46
N GLN B 95 25.98 -27.62 -3.41
CA GLN B 95 26.83 -28.03 -4.51
C GLN B 95 26.17 -27.78 -5.84
N ASP B 96 26.93 -27.22 -6.77
CA ASP B 96 26.47 -27.01 -8.13
C ASP B 96 26.42 -28.38 -8.81
N VAL B 97 25.27 -28.75 -9.35
CA VAL B 97 25.16 -30.02 -10.05
C VAL B 97 26.03 -29.97 -11.31
N ARG B 98 26.35 -31.15 -11.81
CA ARG B 98 27.13 -31.32 -13.00
C ARG B 98 26.61 -30.44 -14.16
N GLY B 99 27.52 -29.66 -14.76
CA GLY B 99 27.19 -28.82 -15.91
C GLY B 99 26.58 -27.45 -15.62
N LYS B 100 26.51 -27.06 -14.34
CA LYS B 100 25.93 -25.76 -13.96
C LYS B 100 26.87 -24.90 -13.13
N TYR B 101 26.82 -23.59 -13.40
CA TYR B 101 27.63 -22.58 -12.72
C TYR B 101 29.13 -22.96 -12.57
N GLY B 102 29.63 -23.14 -11.35
CA GLY B 102 31.05 -23.43 -11.12
C GLY B 102 31.49 -24.87 -11.38
N SER B 103 30.54 -25.78 -11.60
CA SER B 103 30.88 -27.18 -11.83
C SER B 103 31.28 -27.45 -13.28
N GLU B 104 32.08 -28.49 -13.45
CA GLU B 104 32.51 -28.94 -14.77
C GLU B 104 31.46 -29.96 -15.24
N GLY B 105 31.66 -30.52 -16.44
CA GLY B 105 30.75 -31.53 -16.99
C GLY B 105 29.66 -30.98 -17.88
N ASP B 106 28.90 -31.87 -18.50
CA ASP B 106 27.80 -31.48 -19.38
C ASP B 106 26.50 -31.48 -18.59
N TYR B 107 25.60 -30.57 -18.91
CA TYR B 107 24.32 -30.48 -18.24
C TYR B 107 23.23 -31.12 -19.03
N VAL B 108 22.53 -32.06 -18.39
CA VAL B 108 21.37 -32.70 -18.96
C VAL B 108 20.23 -32.43 -17.96
N THR B 110 17.43 -32.51 -15.48
CA THR B 110 17.05 -33.63 -14.58
C THR B 110 17.68 -34.95 -15.07
N ARG B 111 19.01 -34.92 -15.20
CA ARG B 111 19.81 -36.07 -15.69
C ARG B 111 19.25 -37.40 -15.20
N PRO B 112 18.76 -38.23 -16.14
CA PRO B 112 18.17 -39.52 -15.76
C PRO B 112 19.17 -40.50 -15.14
N LEU B 113 18.64 -41.43 -14.37
CA LEU B 113 19.44 -42.48 -13.74
C LEU B 113 20.05 -43.34 -14.79
N ARG B 114 21.15 -44.00 -14.44
CA ARG B 114 21.80 -44.91 -15.34
C ARG B 114 20.77 -45.98 -15.71
N GLY B 115 20.59 -46.20 -17.00
CA GLY B 115 19.62 -47.16 -17.50
C GLY B 115 19.37 -46.89 -18.99
N PRO B 116 18.16 -47.21 -19.47
CA PRO B 116 17.79 -47.00 -20.89
C PRO B 116 18.05 -45.58 -21.44
N LEU B 117 17.84 -44.56 -20.61
CA LEU B 117 18.04 -43.16 -21.04
C LEU B 117 19.45 -42.62 -20.75
N ASN B 118 20.26 -43.38 -20.01
CA ASN B 118 21.61 -42.94 -19.63
C ASN B 118 22.63 -44.11 -19.63
N PRO B 119 23.36 -44.29 -20.73
CA PRO B 119 24.36 -45.35 -20.85
C PRO B 119 25.74 -45.00 -20.20
N SER B 120 25.90 -43.77 -19.71
CA SER B 120 27.16 -43.34 -19.06
C SER B 120 27.33 -44.00 -17.67
N GLU B 121 28.47 -43.76 -17.04
CA GLU B 121 28.77 -44.34 -15.74
C GLU B 121 28.35 -43.40 -14.57
N VAL B 122 27.80 -42.23 -14.90
CA VAL B 122 27.42 -41.27 -13.85
C VAL B 122 26.01 -40.68 -14.00
N ASP B 123 25.42 -40.38 -12.85
CA ASP B 123 24.12 -39.73 -12.76
C ASP B 123 24.07 -38.96 -11.41
N HIS B 124 22.90 -38.47 -11.02
CA HIS B 124 22.77 -37.73 -9.75
C HIS B 124 22.95 -38.61 -8.51
N ALA B 125 22.68 -39.91 -8.65
CA ALA B 125 22.87 -40.85 -7.55
C ALA B 125 24.39 -41.05 -7.27
N THR B 126 25.16 -41.29 -8.31
CA THR B 126 26.61 -41.48 -8.16
C THR B 126 27.28 -40.17 -7.77
N ASP B 127 26.79 -39.06 -8.30
CA ASP B 127 27.37 -37.75 -7.98
C ASP B 127 27.14 -37.42 -6.51
N ALA B 128 25.99 -37.83 -5.98
CA ALA B 128 25.66 -37.58 -4.58
C ALA B 128 26.50 -38.51 -3.69
N TRP B 129 26.74 -39.73 -4.15
CA TRP B 129 27.53 -40.71 -3.39
C TRP B 129 28.96 -40.24 -3.26
N ASP B 130 29.57 -39.86 -4.39
CA ASP B 130 30.96 -39.39 -4.42
C ASP B 130 31.12 -38.11 -3.61
N THR B 131 30.07 -37.29 -3.60
CA THR B 131 30.08 -36.03 -2.87
C THR B 131 30.09 -36.27 -1.38
N ILE B 132 29.18 -37.12 -0.91
CA ILE B 132 29.07 -37.42 0.51
C ILE B 132 30.34 -38.12 1.02
N ASP B 133 30.90 -39.02 0.20
CA ASP B 133 32.11 -39.76 0.58
C ASP B 133 33.25 -38.79 0.81
N TRP B 134 33.41 -37.84 -0.11
CA TRP B 134 34.44 -36.84 -0.01
C TRP B 134 34.24 -35.95 1.21
N LEU B 135 32.99 -35.54 1.45
CA LEU B 135 32.68 -34.65 2.57
C LEU B 135 33.03 -35.24 3.93
N VAL B 136 32.68 -36.49 4.16
CA VAL B 136 32.96 -37.14 5.45
C VAL B 136 34.47 -37.39 5.66
N LYS B 137 35.21 -37.53 4.56
CA LYS B 137 36.66 -37.77 4.62
C LYS B 137 37.52 -36.49 4.57
N ASN B 138 36.91 -35.35 4.21
CA ASN B 138 37.66 -34.10 4.04
C ASN B 138 37.21 -32.89 4.87
N VAL B 139 36.10 -33.01 5.59
CA VAL B 139 35.62 -31.93 6.45
C VAL B 139 35.91 -32.37 7.88
N SER B 140 37.08 -31.95 8.38
CA SER B 140 37.53 -32.33 9.73
C SER B 140 36.64 -31.87 10.86
N GLU B 141 35.83 -30.85 10.62
CA GLU B 141 34.95 -30.29 11.65
C GLU B 141 33.64 -31.08 11.80
N SER B 142 33.41 -32.07 10.94
CA SER B 142 32.19 -32.84 10.97
C SER B 142 32.30 -34.18 11.67
N ASN B 143 31.13 -34.71 12.05
CA ASN B 143 31.03 -36.01 12.70
C ASN B 143 30.78 -37.14 11.67
N GLY B 144 30.82 -36.79 10.38
CA GLY B 144 30.65 -37.77 9.31
C GLY B 144 29.21 -38.18 9.00
N LYS B 145 28.22 -37.48 9.58
CA LYS B 145 26.80 -37.77 9.34
C LYS B 145 26.24 -36.66 8.45
N VAL B 146 25.51 -37.07 7.43
CA VAL B 146 24.96 -36.13 6.46
C VAL B 146 23.47 -36.28 6.28
N GLY B 147 22.78 -35.15 6.23
CA GLY B 147 21.36 -35.13 5.94
C GLY B 147 21.19 -34.36 4.63
N ILE B 149 18.48 -32.28 1.92
CA ILE B 149 17.23 -31.56 1.85
C ILE B 149 17.24 -30.65 0.63
N GLY B 150 16.06 -30.19 0.24
CA GLY B 150 15.95 -29.29 -0.90
C GLY B 150 14.56 -29.30 -1.47
N SER B 151 14.17 -28.20 -2.09
CA SER B 151 12.85 -28.07 -2.68
C SER B 151 12.93 -28.02 -4.18
N SER B 152 11.93 -28.60 -4.84
CA SER B 152 11.84 -28.60 -6.30
C SER B 152 13.00 -29.42 -6.96
N TYR B 153 13.81 -28.78 -7.80
CA TYR B 153 14.97 -29.46 -8.41
C TYR B 153 15.93 -29.90 -7.29
N GLU B 154 16.02 -29.06 -6.24
CA GLU B 154 16.89 -29.38 -5.08
C GLU B 154 16.32 -30.56 -4.27
N GLY B 155 15.02 -30.84 -4.43
CA GLY B 155 14.38 -32.01 -3.82
C GLY B 155 14.58 -33.24 -4.72
N PHE B 156 14.60 -33.01 -6.03
CA PHE B 156 14.79 -34.06 -7.03
C PHE B 156 16.17 -34.72 -6.85
N THR B 157 17.18 -33.90 -6.49
CA THR B 157 18.54 -34.42 -6.26
C THR B 157 18.58 -35.28 -4.99
N VAL B 158 17.71 -34.99 -4.02
CA VAL B 158 17.64 -35.80 -2.80
C VAL B 158 17.08 -37.18 -3.16
N VAL B 159 16.04 -37.20 -3.98
CA VAL B 159 15.41 -38.46 -4.39
C VAL B 159 16.38 -39.34 -5.17
N ALA B 161 19.55 -39.45 -4.81
CA ALA B 161 20.48 -40.01 -3.84
C ALA B 161 19.85 -41.22 -3.11
N LEU B 162 18.54 -41.16 -2.88
CA LEU B 162 17.81 -42.25 -2.20
C LEU B 162 17.72 -43.55 -3.03
N THR B 163 17.93 -43.46 -4.34
CA THR B 163 17.89 -44.68 -5.19
C THR B 163 19.02 -45.63 -4.80
N ASN B 164 20.14 -45.06 -4.35
CA ASN B 164 21.31 -45.82 -3.90
C ASN B 164 22.17 -44.89 -3.02
N PRO B 165 21.77 -44.74 -1.75
CA PRO B 165 22.40 -43.81 -0.83
C PRO B 165 23.69 -44.26 -0.17
N HIS B 166 24.58 -43.30 0.04
CA HIS B 166 25.85 -43.52 0.72
C HIS B 166 25.52 -43.81 2.18
N PRO B 167 26.29 -44.71 2.84
CA PRO B 167 26.03 -45.06 4.26
C PRO B 167 26.03 -43.85 5.22
N ALA B 168 26.73 -42.76 4.87
CA ALA B 168 26.78 -41.57 5.70
C ALA B 168 25.48 -40.75 5.65
N LEU B 169 24.65 -41.00 4.65
CA LEU B 169 23.36 -40.30 4.52
C LEU B 169 22.38 -40.91 5.54
N LYS B 170 22.13 -40.17 6.63
CA LYS B 170 21.29 -40.66 7.73
C LYS B 170 19.84 -40.22 7.69
N VAL B 171 19.52 -39.22 6.88
CA VAL B 171 18.16 -38.68 6.83
C VAL B 171 17.98 -37.81 5.57
N ALA B 172 16.75 -37.79 5.03
CA ALA B 172 16.46 -37.07 3.80
C ALA B 172 15.07 -36.42 3.81
N VAL B 173 14.98 -35.21 3.26
CA VAL B 173 13.73 -34.49 3.19
C VAL B 173 13.57 -33.90 1.78
N PRO B 174 13.00 -34.67 0.86
CA PRO B 174 12.71 -34.16 -0.46
C PRO B 174 11.46 -33.28 -0.39
N GLU B 175 11.64 -31.99 -0.63
CA GLU B 175 10.55 -31.03 -0.60
C GLU B 175 10.10 -30.74 -2.03
N SER B 176 8.79 -30.81 -2.25
CA SER B 176 8.18 -30.61 -3.56
C SER B 176 9.09 -31.09 -4.71
N PRO B 177 9.53 -32.34 -4.66
CA PRO B 177 10.46 -32.85 -5.67
C PRO B 177 9.83 -33.06 -7.01
N ILE B 179 9.11 -35.37 -9.70
CA ILE B 179 8.99 -36.84 -9.73
C ILE B 179 8.50 -37.36 -11.07
N ASP B 180 7.38 -36.84 -11.54
CA ASP B 180 6.83 -37.21 -12.83
C ASP B 180 6.37 -35.95 -13.54
N GLY B 181 7.27 -35.36 -14.33
CA GLY B 181 7.01 -34.12 -15.04
C GLY B 181 5.98 -34.20 -16.15
N TRP B 182 5.42 -35.38 -16.42
CA TRP B 182 4.40 -35.53 -17.44
C TRP B 182 3.02 -35.71 -16.81
N GLY B 184 1.96 -35.09 -13.52
CA GLY B 184 1.45 -33.99 -12.69
C GLY B 184 2.42 -33.04 -12.04
N ASP B 185 3.69 -33.05 -12.45
CA ASP B 185 4.64 -32.13 -11.88
C ASP B 185 4.88 -30.90 -12.82
N ASP B 186 6.11 -30.66 -13.26
CA ASP B 186 6.44 -29.42 -14.01
C ASP B 186 6.05 -29.26 -15.48
N TRP B 187 6.47 -30.19 -16.32
CA TRP B 187 6.31 -30.02 -17.79
C TRP B 187 4.89 -30.15 -18.34
N PHE B 188 4.17 -31.16 -17.87
CA PHE B 188 2.78 -31.36 -18.26
C PHE B 188 2.00 -31.77 -17.02
N ASN B 189 0.68 -31.69 -17.14
CA ASN B 189 -0.24 -32.19 -16.12
C ASN B 189 -1.25 -33.01 -16.94
N TYR B 190 -1.19 -34.33 -16.78
CA TYR B 190 -2.05 -35.26 -17.56
C TYR B 190 -1.95 -34.96 -19.08
N GLY B 191 -0.72 -34.69 -19.55
CA GLY B 191 -0.48 -34.43 -20.97
C GLY B 191 -0.70 -33.02 -21.47
N ALA B 192 -1.28 -32.14 -20.64
CA ALA B 192 -1.49 -30.73 -21.03
C ALA B 192 -0.20 -29.96 -20.76
N PHE B 193 0.37 -29.36 -21.81
CA PHE B 193 1.66 -28.66 -21.69
C PHE B 193 1.58 -27.35 -20.93
N ARG B 194 2.58 -27.12 -20.07
CA ARG B 194 2.64 -25.93 -19.21
C ARG B 194 3.61 -24.90 -19.79
N GLN B 195 3.03 -23.86 -20.37
CA GLN B 195 3.78 -22.79 -21.04
C GLN B 195 4.53 -21.87 -20.09
N VAL B 196 4.21 -21.95 -18.80
CA VAL B 196 4.90 -21.14 -17.78
C VAL B 196 6.41 -21.45 -17.73
N ASN B 197 6.79 -22.66 -18.14
CA ASN B 197 8.18 -23.07 -18.09
C ASN B 197 9.07 -22.63 -19.26
N PHE B 198 8.51 -21.91 -20.23
CA PHE B 198 9.32 -21.43 -21.36
C PHE B 198 10.48 -20.56 -20.84
N ASP B 199 10.18 -19.69 -19.87
CA ASP B 199 11.18 -18.80 -19.28
C ASP B 199 12.23 -19.55 -18.50
N TYR B 200 11.84 -20.69 -17.91
CA TYR B 200 12.75 -21.54 -17.18
C TYR B 200 13.79 -22.18 -18.15
N PHE B 201 13.36 -22.49 -19.36
CA PHE B 201 14.25 -23.10 -20.35
C PHE B 201 15.40 -22.17 -20.72
N THR B 202 15.11 -20.91 -21.01
CA THR B 202 16.18 -19.96 -21.36
C THR B 202 16.96 -19.54 -20.10
N GLY B 203 16.27 -19.53 -18.97
CA GLY B 203 16.89 -19.16 -17.72
C GLY B 203 17.93 -20.16 -17.24
N GLN B 204 17.69 -21.44 -17.53
CA GLN B 204 18.58 -22.54 -17.08
C GLN B 204 19.43 -23.19 -18.17
N LEU B 205 19.03 -23.05 -19.44
CA LEU B 205 19.72 -23.74 -20.54
C LEU B 205 20.47 -22.84 -21.53
N SER B 206 20.39 -21.52 -21.33
CA SER B 206 21.08 -20.57 -22.24
C SER B 206 22.60 -20.70 -22.09
N LYS B 207 23.06 -20.92 -20.87
CA LYS B 207 24.49 -21.09 -20.60
C LYS B 207 24.73 -21.78 -19.25
N ARG B 208 25.97 -22.18 -19.03
CA ARG B 208 26.35 -22.86 -17.79
C ARG B 208 25.83 -22.12 -16.56
N GLY B 209 25.99 -20.81 -16.55
CA GLY B 209 25.56 -19.98 -15.44
C GLY B 209 24.17 -19.40 -15.61
N LYS B 210 24.02 -18.14 -15.21
CA LYS B 210 22.73 -17.44 -15.25
C LYS B 210 22.31 -17.13 -16.69
N GLY B 211 21.03 -17.35 -16.96
CA GLY B 211 20.46 -17.08 -18.26
C GLY B 211 19.51 -15.93 -18.13
N ALA B 212 18.49 -15.92 -18.96
CA ALA B 212 17.48 -14.88 -18.92
C ALA B 212 16.16 -15.43 -19.37
N GLY B 213 15.11 -14.63 -19.18
CA GLY B 213 13.78 -15.00 -19.62
C GLY B 213 13.67 -14.73 -21.11
N ILE B 214 12.48 -14.88 -21.64
CA ILE B 214 12.21 -14.67 -23.06
C ILE B 214 11.58 -13.30 -23.27
N ALA B 215 12.14 -12.54 -24.21
CA ALA B 215 11.60 -11.21 -24.55
C ALA B 215 10.20 -11.36 -25.11
N ARG B 216 9.28 -10.56 -24.59
CA ARG B 216 7.89 -10.61 -24.99
C ARG B 216 7.53 -9.48 -25.93
N GLN B 217 6.46 -9.67 -26.69
CA GLN B 217 5.95 -8.64 -27.58
C GLN B 217 5.19 -7.62 -26.73
N GLY B 218 4.56 -8.09 -25.65
CA GLY B 218 3.78 -7.24 -24.77
C GLY B 218 3.70 -7.71 -23.33
N HIS B 219 2.91 -6.98 -22.54
CA HIS B 219 2.76 -7.21 -21.11
C HIS B 219 1.89 -8.41 -20.74
N ASP B 220 0.76 -8.54 -21.42
CA ASP B 220 -0.20 -9.60 -21.15
C ASP B 220 0.16 -10.91 -21.88
N ASP B 221 0.51 -11.94 -21.13
CA ASP B 221 0.85 -13.25 -21.71
C ASP B 221 -0.36 -13.92 -22.34
N TYR B 222 -1.57 -13.58 -21.87
CA TYR B 222 -2.80 -14.08 -22.48
C TYR B 222 -2.76 -13.65 -23.97
N SER B 223 -2.39 -12.38 -24.20
CA SER B 223 -2.28 -11.86 -25.57
C SER B 223 -1.02 -12.40 -26.27
N ASN B 224 0.10 -12.45 -25.56
CA ASN B 224 1.37 -12.91 -26.16
C ASN B 224 1.26 -14.30 -26.76
N PHE B 225 0.72 -15.24 -26.00
CA PHE B 225 0.60 -16.60 -26.47
C PHE B 225 -0.52 -16.81 -27.48
N LEU B 226 -1.62 -16.10 -27.30
CA LEU B 226 -2.77 -16.21 -28.22
C LEU B 226 -2.38 -15.68 -29.60
N GLN B 227 -1.67 -14.56 -29.62
CA GLN B 227 -1.22 -13.95 -30.88
C GLN B 227 -0.18 -14.83 -31.59
N ALA B 228 0.69 -15.47 -30.81
CA ALA B 228 1.75 -16.32 -31.37
C ALA B 228 1.16 -17.60 -32.03
N GLY B 229 0.07 -18.12 -31.45
CA GLY B 229 -0.58 -19.33 -31.98
C GLY B 229 -0.42 -20.52 -31.06
N SER B 230 0.26 -21.55 -31.54
CA SER B 230 0.51 -22.74 -30.75
C SER B 230 1.73 -22.53 -29.86
N ALA B 231 1.98 -23.50 -29.00
CA ALA B 231 3.14 -23.46 -28.12
C ALA B 231 4.40 -23.54 -28.96
N GLY B 232 4.34 -24.32 -30.04
CA GLY B 232 5.45 -24.49 -30.95
C GLY B 232 5.77 -23.20 -31.71
N ASP B 233 4.73 -22.43 -32.03
CA ASP B 233 4.89 -21.14 -32.73
C ASP B 233 5.62 -20.15 -31.83
N PHE B 234 5.19 -20.10 -30.57
CA PHE B 234 5.81 -19.21 -29.59
C PHE B 234 7.26 -19.59 -29.35
N ALA B 235 7.50 -20.89 -29.19
CA ALA B 235 8.84 -21.41 -28.94
C ALA B 235 9.80 -21.13 -30.12
N LYS B 236 9.32 -21.37 -31.33
CA LYS B 236 10.13 -21.15 -32.53
C LYS B 236 10.52 -19.69 -32.67
N ALA B 237 9.56 -18.81 -32.46
CA ALA B 237 9.78 -17.38 -32.55
C ALA B 237 10.78 -16.89 -31.49
N ALA B 238 10.79 -17.55 -30.32
CA ALA B 238 11.68 -17.18 -29.22
C ALA B 238 13.10 -17.79 -29.36
N GLY B 239 13.31 -18.60 -30.41
CA GLY B 239 14.62 -19.23 -30.66
C GLY B 239 14.89 -20.51 -29.88
N LEU B 240 13.82 -21.14 -29.35
CA LEU B 240 13.97 -22.36 -28.52
C LEU B 240 14.34 -23.63 -29.27
N GLU B 241 14.33 -23.59 -30.60
CA GLU B 241 14.73 -24.76 -31.38
C GLU B 241 16.27 -24.99 -31.25
N GLN B 242 16.97 -24.01 -30.64
CA GLN B 242 18.42 -24.12 -30.39
C GLN B 242 18.68 -25.01 -29.16
N LEU B 243 17.64 -25.19 -28.33
CA LEU B 243 17.74 -25.97 -27.11
C LEU B 243 17.26 -27.42 -27.30
N PRO B 244 18.16 -28.39 -27.11
CA PRO B 244 17.79 -29.80 -27.23
C PRO B 244 16.58 -30.19 -26.33
N TRP B 245 16.45 -29.57 -25.15
CA TRP B 245 15.35 -29.86 -24.25
C TRP B 245 14.00 -29.61 -24.90
N TRP B 246 13.90 -28.52 -25.67
CA TRP B 246 12.66 -28.20 -26.35
C TRP B 246 12.29 -29.30 -27.35
N HIS B 247 13.29 -29.83 -28.04
CA HIS B 247 13.08 -30.92 -29.00
C HIS B 247 12.66 -32.21 -28.28
N LYS B 248 13.19 -32.44 -27.09
CA LYS B 248 12.85 -33.63 -26.31
C LYS B 248 11.38 -33.59 -25.92
N LEU B 249 10.89 -32.40 -25.55
CA LEU B 249 9.50 -32.23 -25.15
C LEU B 249 8.53 -32.48 -26.31
N THR B 250 8.81 -31.86 -27.46
CA THR B 250 7.91 -32.00 -28.63
C THR B 250 7.99 -33.37 -29.28
N GLU B 251 9.10 -34.07 -29.08
CA GLU B 251 9.28 -35.42 -29.65
C GLU B 251 8.62 -36.46 -28.76
N HIS B 252 8.29 -36.05 -27.53
CA HIS B 252 7.65 -36.94 -26.57
C HIS B 252 6.43 -36.26 -25.94
N ALA B 253 5.47 -35.91 -26.77
CA ALA B 253 4.25 -35.25 -26.30
C ALA B 253 3.40 -36.21 -25.46
N ALA B 254 3.44 -37.50 -25.80
CA ALA B 254 2.68 -38.51 -25.07
C ALA B 254 3.56 -39.17 -24.00
N TYR B 255 2.92 -39.93 -23.10
CA TYR B 255 3.61 -40.62 -21.99
C TYR B 255 4.31 -41.89 -22.49
N ASP B 256 5.32 -41.72 -23.33
CA ASP B 256 6.06 -42.85 -23.91
C ASP B 256 7.21 -43.28 -22.98
N ALA B 257 8.15 -44.09 -23.49
CA ALA B 257 9.27 -44.60 -22.68
C ALA B 257 10.11 -43.49 -22.05
N PHE B 258 10.29 -42.39 -22.77
CA PHE B 258 11.07 -41.24 -22.28
C PHE B 258 10.57 -40.77 -20.90
N TRP B 259 9.26 -40.61 -20.76
CA TRP B 259 8.67 -40.16 -19.47
C TRP B 259 8.49 -41.30 -18.48
N GLN B 260 8.14 -42.50 -18.96
CA GLN B 260 7.93 -43.65 -18.08
C GLN B 260 9.22 -44.00 -17.32
N GLU B 261 10.35 -43.93 -18.02
CA GLU B 261 11.66 -44.24 -17.43
C GLU B 261 12.17 -43.13 -16.50
N GLN B 262 11.53 -41.97 -16.51
CA GLN B 262 11.94 -40.84 -15.66
C GLN B 262 11.05 -40.70 -14.41
N ALA B 263 9.92 -41.43 -14.38
CA ALA B 263 9.00 -41.38 -13.24
C ALA B 263 9.68 -41.94 -11.99
N LEU B 264 10.02 -41.04 -11.05
CA LEU B 264 10.74 -41.44 -9.84
C LEU B 264 9.88 -42.11 -8.79
N ASP B 265 8.57 -41.96 -8.87
CA ASP B 265 7.69 -42.64 -7.91
C ASP B 265 7.68 -44.15 -8.20
N LYS B 266 7.82 -44.51 -9.48
CA LYS B 266 7.91 -45.91 -9.87
C LYS B 266 9.26 -46.46 -9.38
N VAL B 267 10.30 -45.61 -9.38
CA VAL B 267 11.62 -46.03 -8.89
C VAL B 267 11.58 -46.24 -7.37
N ALA B 269 9.07 -47.10 -5.67
CA ALA B 269 8.26 -48.31 -5.42
C ALA B 269 9.12 -49.58 -5.34
N ARG B 270 10.25 -49.58 -6.06
CA ARG B 270 11.19 -50.73 -6.06
C ARG B 270 12.52 -50.38 -5.36
N THR B 271 12.49 -49.35 -4.51
CA THR B 271 13.65 -48.92 -3.75
C THR B 271 13.46 -49.30 -2.29
N PRO B 272 14.38 -50.10 -1.73
CA PRO B 272 14.28 -50.50 -0.31
C PRO B 272 14.29 -49.29 0.64
N LEU B 273 13.48 -49.35 1.69
CA LEU B 273 13.43 -48.26 2.69
C LEU B 273 14.60 -48.45 3.64
N LYS B 274 15.57 -47.55 3.55
CA LYS B 274 16.79 -47.60 4.36
C LYS B 274 17.02 -46.27 5.13
N VAL B 275 16.89 -45.16 4.42
CA VAL B 275 17.09 -43.84 4.97
C VAL B 275 15.74 -43.21 5.39
N PRO B 276 15.61 -42.79 6.67
CA PRO B 276 14.41 -42.10 7.13
C PRO B 276 14.16 -40.94 6.19
N THR B 277 13.02 -40.95 5.51
CA THR B 277 12.68 -39.95 4.51
C THR B 277 11.38 -39.25 4.83
N TRP B 279 8.73 -36.96 2.94
CA TRP B 279 8.20 -36.40 1.69
C TRP B 279 7.37 -35.19 2.02
N LEU B 280 7.69 -34.06 1.40
CA LEU B 280 7.01 -32.81 1.70
C LEU B 280 6.59 -32.07 0.46
N GLN B 281 5.47 -31.37 0.57
CA GLN B 281 4.96 -30.50 -0.48
C GLN B 281 3.87 -29.61 0.08
N GLY B 282 3.45 -28.65 -0.72
CA GLY B 282 2.38 -27.77 -0.34
C GLY B 282 1.09 -28.33 -0.90
N LEU B 283 -0.01 -28.02 -0.23
CA LEU B 283 -1.32 -28.46 -0.70
C LEU B 283 -1.66 -27.68 -1.98
N TRP B 284 -1.11 -26.47 -2.09
CA TRP B 284 -1.28 -25.63 -3.25
C TRP B 284 0.06 -25.50 -4.01
N ASP B 285 0.75 -26.62 -4.16
CA ASP B 285 2.03 -26.65 -4.85
C ASP B 285 1.79 -26.49 -6.35
N GLN B 286 1.95 -25.26 -6.84
CA GLN B 286 1.67 -24.95 -8.25
C GLN B 286 2.73 -25.40 -9.26
N GLU B 287 3.80 -26.05 -8.81
CA GLU B 287 4.84 -26.54 -9.74
C GLU B 287 5.04 -28.06 -9.67
N ASP B 288 5.03 -28.62 -8.47
CA ASP B 288 5.22 -30.07 -8.28
C ASP B 288 4.17 -30.68 -7.33
N TRP B 290 2.28 -33.40 -7.88
CA TRP B 290 2.26 -34.86 -7.94
C TRP B 290 3.32 -35.58 -7.10
N GLY B 291 4.54 -35.07 -7.14
CA GLY B 291 5.69 -35.72 -6.56
C GLY B 291 5.70 -36.33 -5.16
N ALA B 292 5.65 -35.48 -4.14
CA ALA B 292 5.77 -35.94 -2.76
C ALA B 292 4.72 -36.94 -2.33
N ILE B 293 3.45 -36.63 -2.60
CA ILE B 293 2.37 -37.51 -2.19
C ILE B 293 2.43 -38.88 -2.91
N HIS B 294 2.75 -38.88 -4.19
CA HIS B 294 2.83 -40.14 -4.96
C HIS B 294 4.06 -40.98 -4.58
N SER B 295 5.16 -40.32 -4.24
CA SER B 295 6.37 -41.02 -3.84
C SER B 295 6.17 -41.60 -2.46
N TYR B 296 5.51 -40.86 -1.59
CA TYR B 296 5.20 -41.30 -0.24
C TYR B 296 4.35 -42.56 -0.29
N ALA B 297 3.33 -42.56 -1.16
CA ALA B 297 2.42 -43.69 -1.29
C ALA B 297 3.12 -44.93 -1.85
N ALA B 298 4.12 -44.70 -2.68
CA ALA B 298 4.90 -45.80 -3.29
C ALA B 298 5.76 -46.55 -2.27
N GLU B 300 5.10 -46.20 1.54
CA GLU B 300 4.45 -46.38 2.84
C GLU B 300 4.02 -47.82 3.21
N PRO B 301 3.51 -48.60 2.24
CA PRO B 301 3.13 -50.01 2.54
C PRO B 301 4.30 -50.85 3.10
N ARG B 302 5.54 -50.47 2.80
CA ARG B 302 6.74 -51.18 3.28
C ARG B 302 7.39 -50.53 4.53
N ASP B 303 6.71 -49.52 5.10
CA ASP B 303 7.17 -48.83 6.30
C ASP B 303 6.56 -49.58 7.50
N LYS B 304 7.09 -50.78 7.75
CA LYS B 304 6.57 -51.73 8.78
C LYS B 304 6.33 -51.15 10.17
N ARG B 305 7.32 -50.42 10.69
CA ARG B 305 7.21 -49.83 12.04
C ARG B 305 6.79 -48.34 12.02
N ASN B 306 6.51 -47.81 10.82
CA ASN B 306 6.07 -46.42 10.64
C ASN B 306 7.11 -45.37 11.15
N THR B 307 8.40 -45.69 10.97
CA THR B 307 9.48 -44.79 11.40
C THR B 307 10.51 -44.46 10.30
N LEU B 308 10.21 -44.84 9.05
CA LEU B 308 11.15 -44.59 7.93
C LEU B 308 10.57 -43.76 6.78
N ASN B 309 9.25 -43.59 6.74
CA ASN B 309 8.60 -42.89 5.63
C ASN B 309 7.55 -41.93 6.16
N TYR B 310 7.79 -40.63 5.98
CA TYR B 310 6.91 -39.59 6.52
C TYR B 310 6.32 -38.71 5.44
N LEU B 311 5.21 -38.05 5.78
CA LEU B 311 4.53 -37.15 4.88
C LEU B 311 4.24 -35.84 5.56
N VAL B 312 4.47 -34.76 4.83
CA VAL B 312 4.19 -33.41 5.32
C VAL B 312 3.53 -32.63 4.18
N GLY B 314 1.72 -28.89 3.93
CA GLY B 314 1.31 -27.65 4.56
C GLY B 314 0.46 -26.79 3.65
N PRO B 315 -0.05 -25.68 4.18
CA PRO B 315 -0.92 -24.76 3.42
C PRO B 315 -0.01 -23.83 2.64
N TRP B 316 0.71 -24.39 1.67
CA TRP B 316 1.75 -23.70 1.00
C TRP B 316 1.74 -23.75 -0.49
N ARG B 317 2.34 -22.72 -1.07
CA ARG B 317 2.57 -22.70 -2.48
C ARG B 317 3.95 -23.37 -2.64
N HIS B 318 4.39 -23.55 -3.85
CA HIS B 318 5.66 -24.20 -4.13
C HIS B 318 6.83 -23.50 -3.40
N SER B 319 7.54 -24.29 -2.58
CA SER B 319 8.72 -23.83 -1.82
C SER B 319 8.47 -22.83 -0.69
N GLN B 320 7.19 -22.58 -0.34
CA GLN B 320 6.85 -21.65 0.76
C GLN B 320 7.36 -22.16 2.11
N VAL B 321 7.64 -23.48 2.19
CA VAL B 321 8.15 -24.09 3.42
C VAL B 321 9.47 -23.45 3.87
N ASN B 322 10.18 -22.80 2.93
CA ASN B 322 11.45 -22.13 3.23
C ASN B 322 11.34 -20.61 3.38
N TYR B 323 10.11 -20.12 3.44
CA TYR B 323 9.85 -18.69 3.61
C TYR B 323 8.82 -18.51 4.73
N ASP B 324 7.91 -17.56 4.60
CA ASP B 324 6.90 -17.30 5.62
C ASP B 324 5.57 -17.97 5.21
N GLY B 325 5.06 -18.85 6.08
CA GLY B 325 3.81 -19.58 5.83
C GLY B 325 2.62 -19.06 6.63
N SER B 326 2.63 -17.77 6.98
CA SER B 326 1.55 -17.15 7.74
C SER B 326 0.35 -16.85 6.87
N ALA B 327 0.56 -16.78 5.57
CA ALA B 327 -0.50 -16.47 4.64
C ALA B 327 -0.15 -16.84 3.22
N LEU B 328 -1.18 -16.90 2.38
CA LEU B 328 -1.03 -17.18 0.94
C LEU B 328 -2.17 -16.43 0.25
N GLY B 329 -1.80 -15.42 -0.53
CA GLY B 329 -2.79 -14.57 -1.16
C GLY B 329 -3.67 -13.95 -0.06
N ALA B 330 -4.97 -14.03 -0.25
CA ALA B 330 -5.94 -13.48 0.72
C ALA B 330 -6.17 -14.42 1.93
N LEU B 331 -5.62 -15.64 1.88
CA LEU B 331 -5.78 -16.60 2.98
C LEU B 331 -4.79 -16.35 4.11
N ASN B 332 -5.30 -16.38 5.33
CA ASN B 332 -4.48 -16.22 6.52
C ASN B 332 -4.50 -17.51 7.32
N PHE B 333 -3.32 -17.99 7.68
CA PHE B 333 -3.18 -19.21 8.45
C PHE B 333 -2.83 -18.89 9.90
N GLU B 334 -2.82 -19.92 10.75
CA GLU B 334 -2.55 -19.74 12.17
C GLU B 334 -1.09 -19.77 12.50
N GLY B 335 -0.45 -18.60 12.34
CA GLY B 335 0.97 -18.45 12.61
C GLY B 335 1.80 -18.81 11.39
N ASP B 336 3.10 -18.66 11.53
CA ASP B 336 4.02 -18.96 10.47
C ASP B 336 4.17 -20.48 10.37
N THR B 337 3.31 -21.11 9.56
CA THR B 337 3.29 -22.58 9.41
C THR B 337 4.56 -23.18 8.86
N ALA B 338 5.30 -22.40 8.09
CA ALA B 338 6.59 -22.85 7.53
C ALA B 338 7.61 -22.92 8.67
N ARG B 339 7.70 -21.86 9.45
CA ARG B 339 8.61 -21.82 10.59
C ARG B 339 8.22 -22.91 11.62
N GLN B 340 6.92 -23.15 11.78
CA GLN B 340 6.43 -24.17 12.69
C GLN B 340 6.93 -25.54 12.26
N PHE B 341 6.85 -25.83 10.97
CA PHE B 341 7.33 -27.09 10.47
C PHE B 341 8.84 -27.23 10.66
N ARG B 342 9.59 -26.22 10.24
CA ARG B 342 11.04 -26.24 10.33
C ARG B 342 11.55 -26.41 11.76
N HIS B 343 10.92 -25.73 12.71
CA HIS B 343 11.36 -25.78 14.11
C HIS B 343 10.79 -26.95 14.93
N ASP B 344 9.49 -27.19 14.81
CA ASP B 344 8.79 -28.23 15.61
C ASP B 344 8.92 -29.65 15.09
N VAL B 345 9.12 -29.80 13.78
CA VAL B 345 9.17 -31.14 13.17
C VAL B 345 10.51 -31.47 12.48
N LEU B 346 10.93 -30.61 11.55
CA LEU B 346 12.17 -30.84 10.80
C LEU B 346 13.42 -30.90 11.68
N ARG B 347 13.58 -29.93 12.59
CA ARG B 347 14.80 -29.89 13.44
C ARG B 347 14.99 -31.14 14.31
N PRO B 348 13.98 -31.51 15.11
CA PRO B 348 14.07 -32.73 15.93
C PRO B 348 14.32 -34.00 15.09
N PHE B 349 13.74 -34.05 13.90
CA PHE B 349 13.90 -35.20 12.97
C PHE B 349 15.35 -35.30 12.51
N PHE B 350 15.90 -34.19 12.07
CA PHE B 350 17.29 -34.15 11.60
C PHE B 350 18.25 -34.39 12.78
N ASP B 351 17.97 -33.75 13.92
CA ASP B 351 18.80 -33.88 15.12
C ASP B 351 18.92 -35.33 15.58
N GLN B 352 17.80 -36.05 15.54
CA GLN B 352 17.76 -37.44 15.94
C GLN B 352 18.79 -38.30 15.20
N TYR B 353 18.92 -38.08 13.90
CA TYR B 353 19.83 -38.88 13.07
C TYR B 353 21.18 -38.25 12.77
N LEU B 354 21.38 -36.99 13.16
CA LEU B 354 22.63 -36.28 12.81
C LEU B 354 23.45 -35.70 13.97
N VAL B 355 22.79 -35.26 15.04
CA VAL B 355 23.47 -34.65 16.17
C VAL B 355 23.82 -35.71 17.24
N ASP B 356 25.10 -35.74 17.63
CA ASP B 356 25.58 -36.68 18.64
C ASP B 356 24.88 -36.43 19.97
N GLY B 357 24.34 -37.51 20.56
CA GLY B 357 23.66 -37.43 21.85
C GLY B 357 22.24 -36.89 21.81
N ALA B 358 21.72 -36.58 20.62
CA ALA B 358 20.37 -36.03 20.48
C ALA B 358 19.33 -37.13 20.70
N PRO B 359 18.21 -36.77 21.32
CA PRO B 359 17.16 -37.73 21.58
C PRO B 359 16.35 -38.05 20.34
N LYS B 360 15.59 -39.12 20.39
CA LYS B 360 14.71 -39.47 19.30
C LYS B 360 13.59 -38.47 19.37
N ALA B 361 13.03 -38.14 18.22
CA ALA B 361 11.95 -37.18 18.15
C ALA B 361 10.65 -37.92 18.02
N ASP B 362 9.57 -37.30 18.51
CA ASP B 362 8.24 -37.87 18.40
C ASP B 362 7.63 -37.37 17.07
N THR B 363 8.29 -37.73 15.96
CA THR B 363 7.87 -37.28 14.65
C THR B 363 6.55 -37.90 14.28
N PRO B 364 5.56 -37.07 13.92
CA PRO B 364 4.28 -37.60 13.49
C PRO B 364 4.43 -38.24 12.12
N PRO B 365 3.96 -39.48 11.94
CA PRO B 365 4.04 -40.16 10.65
C PRO B 365 3.50 -39.28 9.51
N VAL B 366 2.47 -38.50 9.80
CA VAL B 366 1.87 -37.60 8.84
C VAL B 366 1.61 -36.24 9.54
N PHE B 367 2.03 -35.16 8.90
CA PHE B 367 1.88 -33.79 9.43
C PHE B 367 1.21 -33.03 8.31
N ILE B 368 -0.10 -32.83 8.44
CA ILE B 368 -0.87 -32.22 7.39
C ILE B 368 -1.83 -31.14 7.91
N TYR B 369 -1.84 -30.01 7.24
CA TYR B 369 -2.65 -28.88 7.65
C TYR B 369 -4.08 -28.99 7.12
N ASN B 370 -5.04 -28.65 7.97
CA ASN B 370 -6.43 -28.61 7.56
C ASN B 370 -6.70 -27.18 7.17
N THR B 371 -6.87 -26.97 5.86
CA THR B 371 -7.04 -25.63 5.29
C THR B 371 -8.42 -25.00 5.55
N GLY B 372 -9.35 -25.78 6.09
CA GLY B 372 -10.68 -25.30 6.43
C GLY B 372 -10.85 -24.94 7.92
N GLU B 373 -10.15 -25.68 8.80
CA GLU B 373 -10.22 -25.46 10.26
C GLU B 373 -8.99 -24.68 10.75
N ASN B 374 -8.03 -24.47 9.85
CA ASN B 374 -6.79 -23.73 10.16
C ASN B 374 -5.96 -24.25 11.34
N HIS B 375 -5.53 -25.49 11.23
CA HIS B 375 -4.66 -26.11 12.22
C HIS B 375 -3.99 -27.33 11.65
N TRP B 376 -2.87 -27.70 12.24
CA TRP B 376 -2.14 -28.89 11.81
C TRP B 376 -2.81 -30.13 12.36
N ASP B 377 -2.63 -31.23 11.63
CA ASP B 377 -3.11 -32.54 12.05
C ASP B 377 -1.89 -33.43 12.14
N ARG B 378 -1.79 -34.18 13.23
CA ARG B 378 -0.72 -35.15 13.42
C ARG B 378 -1.41 -36.51 13.33
N LEU B 379 -1.12 -37.26 12.29
CA LEU B 379 -1.78 -38.55 12.05
C LEU B 379 -0.79 -39.68 11.85
N LYS B 380 -1.30 -40.92 11.95
CA LYS B 380 -0.47 -42.10 11.78
C LYS B 380 -0.50 -42.61 10.33
N ALA B 381 -1.49 -42.16 9.56
CA ALA B 381 -1.62 -42.58 8.17
C ALA B 381 -2.37 -41.55 7.31
N TRP B 382 -2.20 -41.67 6.00
CA TRP B 382 -2.84 -40.82 5.02
C TRP B 382 -2.89 -41.58 3.66
N PRO B 383 -4.00 -41.48 2.89
CA PRO B 383 -5.19 -40.67 3.23
C PRO B 383 -6.09 -41.30 4.28
N ARG B 384 -6.98 -40.48 4.83
CA ARG B 384 -7.95 -40.92 5.84
C ARG B 384 -9.19 -41.50 5.17
N SER B 385 -9.46 -41.08 3.94
CA SER B 385 -10.61 -41.55 3.18
C SER B 385 -10.24 -41.82 1.70
N CYS B 386 -10.71 -42.94 1.18
CA CYS B 386 -10.47 -43.30 -0.23
C CYS B 386 -11.52 -44.35 -0.69
N ASP B 387 -11.48 -44.71 -1.97
CA ASP B 387 -12.44 -45.67 -2.54
C ASP B 387 -12.45 -47.03 -1.82
N LYS B 388 -11.27 -47.48 -1.38
CA LYS B 388 -11.15 -48.77 -0.67
C LYS B 388 -9.80 -48.90 0.05
N GLY B 389 -9.84 -49.42 1.27
CA GLY B 389 -8.62 -49.64 2.07
C GLY B 389 -8.32 -48.58 3.14
N CYS B 390 -9.16 -47.55 3.25
CA CYS B 390 -8.95 -46.46 4.25
C CYS B 390 -9.96 -46.53 5.39
N ALA B 391 -9.72 -45.71 6.42
CA ALA B 391 -10.59 -45.64 7.61
C ALA B 391 -12.01 -45.22 7.24
N ALA B 392 -12.12 -44.31 6.26
CA ALA B 392 -13.40 -43.85 5.75
C ALA B 392 -13.45 -44.16 4.25
N THR B 393 -14.65 -44.23 3.70
CA THR B 393 -14.84 -44.54 2.28
C THR B 393 -15.38 -43.32 1.52
N SER B 394 -14.90 -43.14 0.30
CA SER B 394 -15.30 -42.01 -0.53
C SER B 394 -16.80 -42.01 -0.80
N LYS B 395 -17.34 -40.81 -1.03
CA LYS B 395 -18.77 -40.61 -1.31
C LYS B 395 -18.90 -39.82 -2.61
N PRO B 396 -19.68 -40.33 -3.57
CA PRO B 396 -19.90 -39.62 -4.83
C PRO B 396 -20.63 -38.28 -4.65
N LEU B 397 -20.04 -37.19 -5.16
CA LEU B 397 -20.66 -35.86 -5.14
C LEU B 397 -21.09 -35.60 -6.58
N TYR B 398 -22.37 -35.79 -6.85
CA TYR B 398 -22.92 -35.66 -8.19
C TYR B 398 -23.19 -34.26 -8.68
N LEU B 399 -22.74 -33.98 -9.90
CA LEU B 399 -23.04 -32.72 -10.57
C LEU B 399 -24.52 -32.87 -10.99
N GLN B 400 -25.30 -31.81 -10.88
CA GLN B 400 -26.74 -31.88 -11.18
C GLN B 400 -27.20 -30.82 -12.18
N ALA B 401 -28.33 -31.09 -12.83
CA ALA B 401 -28.93 -30.17 -13.78
C ALA B 401 -29.34 -28.92 -13.00
N GLY B 402 -29.30 -27.77 -13.67
CA GLY B 402 -29.65 -26.51 -13.05
C GLY B 402 -28.51 -25.92 -12.23
N GLY B 403 -27.28 -26.43 -12.44
CA GLY B 403 -26.10 -25.94 -11.74
C GLY B 403 -26.08 -26.29 -10.27
N LYS B 404 -26.64 -27.45 -9.93
CA LYS B 404 -26.70 -27.89 -8.54
C LYS B 404 -25.64 -28.96 -8.27
N LEU B 405 -25.49 -29.32 -7.01
CA LEU B 405 -24.48 -30.26 -6.59
C LEU B 405 -24.92 -30.93 -5.28
N SER B 406 -24.87 -32.26 -5.23
CA SER B 406 -25.29 -33.00 -4.02
C SER B 406 -24.78 -34.43 -3.99
N PHE B 407 -24.94 -35.09 -2.85
CA PHE B 407 -24.52 -36.49 -2.67
C PHE B 407 -25.62 -37.50 -3.11
N GLN B 408 -26.76 -36.98 -3.58
CA GLN B 408 -27.86 -37.84 -4.06
C GLN B 408 -27.74 -38.01 -5.56
N PRO B 409 -27.81 -39.26 -6.05
CA PRO B 409 -27.73 -39.52 -7.50
C PRO B 409 -28.83 -38.75 -8.25
N PRO B 410 -28.59 -38.40 -9.51
CA PRO B 410 -29.57 -37.65 -10.31
C PRO B 410 -30.92 -38.37 -10.44
N VAL B 411 -32.01 -37.61 -10.41
CA VAL B 411 -33.36 -38.17 -10.58
C VAL B 411 -33.82 -37.91 -12.03
N ALA B 412 -34.74 -38.73 -12.51
CA ALA B 412 -35.25 -38.60 -13.89
C ALA B 412 -36.16 -37.38 -14.02
N GLY B 413 -36.41 -36.96 -15.27
CA GLY B 413 -37.29 -35.83 -15.55
C GLY B 413 -36.58 -34.53 -15.90
N GLN B 414 -35.34 -34.37 -15.46
CA GLN B 414 -34.56 -33.15 -15.73
C GLN B 414 -33.70 -33.29 -16.98
N ALA B 415 -33.04 -32.19 -17.37
CA ALA B 415 -32.14 -32.20 -18.54
C ALA B 415 -31.00 -33.18 -18.28
N GLY B 416 -30.59 -33.91 -19.32
CA GLY B 416 -29.55 -34.93 -19.19
C GLY B 416 -28.12 -34.41 -19.16
N PHE B 417 -27.93 -33.16 -19.53
CA PHE B 417 -26.60 -32.57 -19.56
C PHE B 417 -26.65 -31.03 -19.52
N GLU B 418 -25.49 -30.45 -19.27
CA GLU B 418 -25.31 -29.02 -19.30
C GLU B 418 -24.34 -28.78 -20.43
N GLU B 419 -24.60 -27.75 -21.23
CA GLU B 419 -23.81 -27.49 -22.42
C GLU B 419 -23.13 -26.15 -22.43
N TYR B 420 -21.98 -26.10 -23.10
CA TYR B 420 -21.23 -24.87 -23.28
C TYR B 420 -20.32 -24.98 -24.48
N VAL B 421 -20.03 -23.86 -25.11
CA VAL B 421 -19.14 -23.83 -26.26
C VAL B 421 -17.77 -23.39 -25.80
N SER B 422 -16.75 -24.13 -26.21
CA SER B 422 -15.37 -23.82 -25.90
C SER B 422 -14.75 -23.30 -27.17
N ASP B 423 -14.28 -22.06 -27.12
CA ASP B 423 -13.67 -21.39 -28.26
C ASP B 423 -12.17 -21.14 -27.97
N PRO B 424 -11.28 -21.83 -28.69
CA PRO B 424 -9.83 -21.63 -28.51
C PRO B 424 -9.34 -20.19 -28.82
N ALA B 425 -10.08 -19.43 -29.63
CA ALA B 425 -9.72 -18.03 -29.94
C ALA B 425 -10.03 -17.12 -28.74
N LYS B 426 -10.89 -17.59 -27.85
CA LYS B 426 -11.30 -16.85 -26.67
C LYS B 426 -11.23 -17.80 -25.45
N PRO B 427 -10.01 -18.18 -25.06
CA PRO B 427 -9.82 -19.14 -23.98
C PRO B 427 -10.10 -18.56 -22.60
N VAL B 428 -10.40 -19.42 -21.65
CA VAL B 428 -10.68 -19.00 -20.28
C VAL B 428 -9.35 -18.70 -19.59
N PRO B 429 -9.22 -17.51 -19.02
CA PRO B 429 -7.98 -17.13 -18.33
C PRO B 429 -7.82 -17.88 -17.00
N PHE B 430 -6.61 -18.34 -16.70
CA PHE B 430 -6.34 -19.09 -15.47
C PHE B 430 -6.19 -18.16 -14.28
N VAL B 431 -5.88 -16.89 -14.58
CA VAL B 431 -5.81 -15.79 -13.58
C VAL B 431 -6.31 -14.54 -14.30
N PRO B 432 -6.76 -13.52 -13.56
CA PRO B 432 -7.23 -12.30 -14.21
C PRO B 432 -6.19 -11.65 -15.14
N ARG B 433 -6.64 -11.16 -16.28
CA ARG B 433 -5.80 -10.46 -17.23
C ARG B 433 -5.53 -9.05 -16.65
N PRO B 434 -4.37 -8.45 -16.94
CA PRO B 434 -3.31 -9.07 -17.77
C PRO B 434 -2.51 -10.09 -16.98
N VAL B 435 -2.01 -11.10 -17.68
CA VAL B 435 -1.24 -12.16 -17.07
C VAL B 435 0.25 -11.92 -17.29
N ASP B 436 0.99 -11.83 -16.20
CA ASP B 436 2.44 -11.63 -16.27
C ASP B 436 3.13 -12.78 -15.56
N PHE B 437 3.61 -13.77 -16.33
CA PHE B 437 4.28 -14.96 -15.74
C PHE B 437 5.47 -14.57 -14.85
N ALA B 438 6.14 -13.47 -15.18
CA ALA B 438 7.28 -12.96 -14.40
C ALA B 438 6.87 -12.48 -12.99
N ASP B 439 5.67 -11.89 -12.88
CA ASP B 439 5.14 -11.41 -11.57
C ASP B 439 5.01 -12.60 -10.61
N ARG B 440 5.98 -12.73 -9.70
CA ARG B 440 6.02 -13.83 -8.73
C ARG B 440 4.79 -13.91 -7.83
N ALA B 441 4.27 -12.76 -7.43
CA ALA B 441 3.08 -12.71 -6.57
C ALA B 441 1.88 -13.41 -7.24
N TRP B 443 1.93 -15.74 -9.79
CA TRP B 443 2.20 -17.16 -9.98
C TRP B 443 2.11 -17.99 -8.70
N THR B 444 2.68 -17.50 -7.62
CA THR B 444 2.68 -18.24 -6.35
C THR B 444 1.30 -18.35 -5.71
N THR B 445 0.40 -17.42 -6.06
CA THR B 445 -0.95 -17.41 -5.43
C THR B 445 -2.09 -17.74 -6.37
N TRP B 446 -1.81 -18.14 -7.60
CA TRP B 446 -2.88 -18.40 -8.55
C TRP B 446 -3.86 -19.50 -8.14
N LEU B 447 -3.36 -20.53 -7.48
CA LEU B 447 -4.19 -21.66 -7.08
C LEU B 447 -5.20 -21.36 -5.97
N VAL B 448 -5.00 -20.25 -5.25
CA VAL B 448 -5.93 -19.85 -4.17
C VAL B 448 -6.74 -18.60 -4.53
N HIS B 449 -6.58 -18.12 -5.76
CA HIS B 449 -7.28 -16.95 -6.24
C HIS B 449 -8.81 -17.19 -6.29
N ASP B 450 -9.56 -16.15 -5.96
CA ASP B 450 -11.03 -16.16 -6.03
C ASP B 450 -11.38 -16.46 -7.51
N GLN B 451 -12.22 -17.46 -7.74
CA GLN B 451 -12.58 -17.83 -9.14
C GLN B 451 -13.80 -17.07 -9.68
N ARG B 452 -14.26 -16.04 -8.97
CA ARG B 452 -15.41 -15.28 -9.44
C ARG B 452 -15.09 -14.50 -10.73
N PHE B 453 -13.79 -14.29 -11.01
CA PHE B 453 -13.38 -13.59 -12.24
C PHE B 453 -13.77 -14.38 -13.53
N VAL B 454 -14.07 -15.69 -13.38
CA VAL B 454 -14.53 -16.53 -14.51
C VAL B 454 -15.93 -17.15 -14.25
N ASP B 455 -16.43 -17.07 -13.01
CA ASP B 455 -17.74 -17.61 -12.68
C ASP B 455 -18.76 -16.69 -13.32
N GLY B 456 -19.60 -17.25 -14.16
CA GLY B 456 -20.60 -16.47 -14.89
C GLY B 456 -20.23 -16.34 -16.37
N ARG B 457 -19.05 -16.86 -16.76
CA ARG B 457 -18.67 -16.88 -18.17
C ARG B 457 -19.49 -18.02 -18.80
N PRO B 458 -19.94 -17.84 -20.04
CA PRO B 458 -20.74 -18.89 -20.71
C PRO B 458 -19.94 -20.16 -21.02
N ASP B 459 -18.60 -20.05 -21.08
CA ASP B 459 -17.73 -21.21 -21.35
C ASP B 459 -17.14 -21.86 -20.07
N VAL B 460 -17.78 -21.59 -18.94
CA VAL B 460 -17.41 -22.18 -17.66
C VAL B 460 -18.72 -22.61 -16.97
N LEU B 461 -18.84 -23.91 -16.69
CA LEU B 461 -20.03 -24.43 -16.00
C LEU B 461 -19.80 -24.35 -14.50
N THR B 462 -20.83 -23.94 -13.78
CA THR B 462 -20.75 -23.83 -12.34
C THR B 462 -21.84 -24.68 -11.70
N PHE B 463 -21.43 -25.53 -10.77
CA PHE B 463 -22.33 -26.40 -10.01
C PHE B 463 -22.07 -26.07 -8.56
N VAL B 464 -23.12 -25.92 -7.78
CA VAL B 464 -22.95 -25.51 -6.38
C VAL B 464 -24.06 -26.04 -5.45
N THR B 465 -23.70 -26.31 -4.20
CA THR B 465 -24.66 -26.79 -3.21
C THR B 465 -25.27 -25.62 -2.53
N GLU B 466 -26.26 -25.89 -1.70
CA GLU B 466 -26.85 -24.86 -0.87
C GLU B 466 -25.87 -24.71 0.30
N PRO B 467 -25.96 -23.63 1.09
CA PRO B 467 -25.07 -23.44 2.23
C PRO B 467 -25.13 -24.63 3.19
N LEU B 468 -23.98 -25.08 3.66
CA LEU B 468 -23.90 -26.22 4.57
C LEU B 468 -24.35 -25.81 5.97
N THR B 469 -25.09 -26.71 6.62
CA THR B 469 -25.54 -26.48 8.01
C THR B 469 -24.63 -27.25 8.98
N GLU B 470 -23.87 -28.22 8.46
CA GLU B 470 -22.91 -29.01 9.24
C GLU B 470 -21.56 -29.06 8.49
N PRO B 471 -20.45 -29.11 9.22
CA PRO B 471 -19.12 -29.16 8.59
C PRO B 471 -18.95 -30.43 7.75
N LEU B 472 -18.29 -30.30 6.60
CA LEU B 472 -18.02 -31.43 5.71
C LEU B 472 -16.52 -31.52 5.57
N GLN B 473 -15.95 -32.58 6.10
CA GLN B 473 -14.51 -32.76 6.08
C GLN B 473 -14.09 -33.76 5.01
N ILE B 474 -13.14 -33.37 4.17
CA ILE B 474 -12.57 -34.28 3.17
C ILE B 474 -11.08 -34.43 3.51
N ALA B 475 -10.54 -35.63 3.32
CA ALA B 475 -9.17 -35.92 3.70
C ALA B 475 -8.60 -37.01 2.83
N GLY B 476 -8.29 -36.65 1.61
CA GLY B 476 -7.71 -37.56 0.64
C GLY B 476 -7.63 -36.93 -0.72
N ALA B 477 -7.56 -37.76 -1.75
CA ALA B 477 -7.46 -37.30 -3.12
C ALA B 477 -8.77 -37.52 -3.87
N PRO B 478 -9.49 -36.42 -4.18
CA PRO B 478 -10.73 -36.54 -4.94
C PRO B 478 -10.44 -37.12 -6.32
N ASP B 479 -11.38 -37.85 -6.89
CA ASP B 479 -11.22 -38.48 -8.18
C ASP B 479 -12.38 -38.09 -9.08
N VAL B 480 -12.08 -37.45 -10.19
CA VAL B 480 -13.12 -37.01 -11.13
C VAL B 480 -13.64 -38.16 -12.00
N HIS B 481 -14.95 -38.30 -12.04
CA HIS B 481 -15.62 -39.28 -12.91
C HIS B 481 -16.53 -38.48 -13.81
N LEU B 482 -15.93 -37.90 -14.84
CA LEU B 482 -16.63 -37.04 -15.77
C LEU B 482 -17.21 -37.80 -16.95
N GLN B 483 -18.46 -37.53 -17.24
CA GLN B 483 -19.15 -38.11 -18.40
C GLN B 483 -19.38 -36.92 -19.30
N ALA B 484 -18.62 -36.80 -20.39
CA ALA B 484 -18.74 -35.65 -21.27
C ALA B 484 -18.51 -35.95 -22.74
N SER B 485 -19.11 -35.12 -23.59
CA SER B 485 -18.96 -35.22 -25.01
C SER B 485 -18.51 -33.89 -25.58
N THR B 486 -17.87 -33.96 -26.73
CA THR B 486 -17.46 -32.78 -27.46
C THR B 486 -17.87 -32.99 -28.90
N SER B 487 -18.22 -31.91 -29.59
CA SER B 487 -18.60 -31.98 -30.98
C SER B 487 -17.33 -32.03 -31.86
N GLY B 488 -16.17 -31.76 -31.24
CA GLY B 488 -14.89 -31.83 -31.93
C GLY B 488 -14.32 -33.24 -31.82
N SER B 489 -13.00 -33.37 -32.01
CA SER B 489 -12.34 -34.68 -31.92
C SER B 489 -11.20 -34.70 -30.87
N ASP B 490 -11.15 -33.66 -30.04
CA ASP B 490 -10.17 -33.56 -28.93
C ASP B 490 -10.68 -32.47 -28.00
N SER B 491 -10.21 -32.46 -26.77
CA SER B 491 -10.63 -31.45 -25.80
C SER B 491 -9.92 -31.63 -24.48
N ASP B 492 -9.74 -30.53 -23.76
CA ASP B 492 -9.20 -30.56 -22.42
C ASP B 492 -10.38 -30.41 -21.49
N TRP B 493 -10.30 -31.03 -20.30
CA TRP B 493 -11.33 -30.92 -19.29
C TRP B 493 -10.67 -30.44 -18.00
N VAL B 494 -11.12 -29.31 -17.50
CA VAL B 494 -10.60 -28.71 -16.30
C VAL B 494 -11.70 -28.76 -15.24
N VAL B 495 -11.38 -29.32 -14.08
CA VAL B 495 -12.34 -29.43 -12.99
C VAL B 495 -11.76 -28.80 -11.74
N LYS B 496 -12.53 -27.92 -11.11
CA LYS B 496 -12.10 -27.24 -9.89
C LYS B 496 -13.08 -27.56 -8.78
N LEU B 497 -12.55 -27.99 -7.64
CA LEU B 497 -13.35 -28.25 -6.45
C LEU B 497 -13.14 -27.01 -5.59
N ILE B 498 -14.22 -26.29 -5.33
CA ILE B 498 -14.14 -25.00 -4.65
C ILE B 498 -14.91 -24.93 -3.34
N ASP B 499 -14.36 -24.16 -2.41
CA ASP B 499 -14.99 -23.86 -1.17
C ASP B 499 -15.48 -22.42 -1.36
N VAL B 500 -16.80 -22.24 -1.40
CA VAL B 500 -17.38 -20.91 -1.51
C VAL B 500 -17.62 -20.41 -0.08
N TYR B 501 -16.97 -19.32 0.28
CA TYR B 501 -17.12 -18.76 1.62
C TYR B 501 -18.55 -18.21 1.80
N PRO B 502 -19.00 -18.07 3.05
CA PRO B 502 -20.33 -17.49 3.32
C PRO B 502 -20.46 -16.21 2.54
N GLU B 503 -21.62 -15.96 1.96
CA GLU B 503 -21.83 -14.75 1.12
C GLU B 503 -21.36 -13.44 1.78
N GLU B 504 -21.49 -13.36 3.10
CA GLU B 504 -21.01 -12.20 3.86
C GLU B 504 -19.96 -12.66 4.90
N ALA B 506 -18.28 -10.18 7.37
CA ALA B 506 -18.13 -8.82 7.91
C ALA B 506 -16.75 -8.48 8.55
N SER B 507 -16.11 -9.48 9.15
CA SER B 507 -14.78 -9.28 9.78
C SER B 507 -13.63 -9.26 8.75
N ASN B 508 -13.90 -9.78 7.56
CA ASN B 508 -12.93 -9.75 6.45
C ASN B 508 -13.77 -9.68 5.16
N PRO B 509 -14.32 -8.49 4.87
CA PRO B 509 -15.28 -8.28 3.77
C PRO B 509 -14.96 -8.86 2.40
N LYS B 510 -13.70 -8.81 1.99
CA LYS B 510 -13.30 -9.35 0.67
C LYS B 510 -13.54 -10.86 0.53
N GLY B 512 -16.22 -12.43 1.52
CA GLY B 512 -17.63 -12.71 1.33
C GLY B 512 -17.92 -13.28 -0.05
N GLY B 513 -18.32 -14.56 -0.10
CA GLY B 513 -18.64 -15.25 -1.36
C GLY B 513 -17.41 -15.67 -2.16
N TYR B 514 -16.23 -15.55 -1.54
CA TYR B 514 -14.94 -15.89 -2.16
C TYR B 514 -14.94 -17.35 -2.61
N GLU B 515 -14.57 -17.58 -3.86
CA GLU B 515 -14.52 -18.93 -4.42
C GLU B 515 -13.10 -19.46 -4.42
N LEU B 516 -12.74 -20.13 -3.33
CA LEU B 516 -11.41 -20.69 -3.13
C LEU B 516 -11.28 -22.09 -3.73
N PRO B 517 -10.38 -22.29 -4.71
CA PRO B 517 -10.17 -23.64 -5.24
C PRO B 517 -9.36 -24.48 -4.26
N VAL B 518 -9.99 -25.44 -3.64
CA VAL B 518 -9.31 -26.34 -2.73
C VAL B 518 -8.42 -27.30 -3.53
N SER B 519 -8.91 -27.71 -4.69
CA SER B 519 -8.20 -28.67 -5.53
C SER B 519 -8.69 -28.56 -6.99
N LEU B 520 -7.76 -28.48 -7.94
CA LEU B 520 -8.14 -28.41 -9.36
C LEU B 520 -7.15 -29.15 -10.25
N ALA B 521 -7.64 -29.59 -11.41
CA ALA B 521 -6.79 -30.29 -12.34
C ALA B 521 -7.29 -30.18 -13.77
N ILE B 522 -6.37 -30.36 -14.70
CA ILE B 522 -6.68 -30.36 -16.12
C ILE B 522 -6.31 -31.72 -16.67
N PHE B 523 -7.09 -32.19 -17.64
CA PHE B 523 -6.85 -33.49 -18.29
C PHE B 523 -6.97 -33.29 -19.77
N ARG B 524 -5.95 -33.73 -20.52
CA ARG B 524 -5.95 -33.62 -21.97
C ARG B 524 -6.69 -34.86 -22.53
N GLY B 525 -7.87 -34.61 -23.08
CA GLY B 525 -8.80 -35.64 -23.56
C GLY B 525 -8.29 -36.73 -24.48
N ARG B 526 -7.31 -36.43 -25.32
CA ARG B 526 -6.76 -37.43 -26.25
C ARG B 526 -6.16 -38.65 -25.50
N TYR B 527 -5.86 -38.48 -24.21
CA TYR B 527 -5.27 -39.55 -23.39
C TYR B 527 -6.30 -40.30 -22.54
N ARG B 528 -7.58 -40.14 -22.87
CA ARG B 528 -8.67 -40.77 -22.12
C ARG B 528 -8.48 -42.28 -21.94
N GLU B 529 -8.18 -42.96 -23.04
CA GLU B 529 -8.03 -44.42 -23.04
C GLU B 529 -6.60 -44.88 -22.71
N SER B 530 -5.63 -44.01 -22.97
CA SER B 530 -4.24 -44.32 -22.72
C SER B 530 -3.37 -43.09 -22.78
N PHE B 531 -2.44 -42.98 -21.83
CA PHE B 531 -1.53 -41.86 -21.77
C PHE B 531 -0.42 -41.99 -22.82
N SER B 532 -0.10 -43.23 -23.18
CA SER B 532 0.96 -43.49 -24.17
C SER B 532 0.43 -43.52 -25.61
N THR B 533 -0.87 -43.81 -25.78
CA THR B 533 -1.48 -43.92 -27.10
C THR B 533 -2.66 -42.99 -27.23
N PRO B 534 -2.42 -41.76 -27.70
CA PRO B 534 -3.52 -40.81 -27.86
C PRO B 534 -4.50 -41.27 -28.93
N LYS B 535 -5.78 -40.96 -28.74
CA LYS B 535 -6.82 -41.34 -29.68
C LYS B 535 -7.84 -40.20 -29.78
N PRO B 536 -8.42 -40.02 -30.97
CA PRO B 536 -9.41 -38.97 -31.14
C PRO B 536 -10.67 -39.24 -30.31
N LEU B 537 -11.33 -38.18 -29.86
CA LEU B 537 -12.56 -38.31 -29.12
C LEU B 537 -13.66 -38.41 -30.15
N THR B 538 -14.56 -39.37 -29.95
CA THR B 538 -15.66 -39.59 -30.87
C THR B 538 -16.63 -38.44 -30.75
N SER B 539 -16.80 -37.69 -31.85
CA SER B 539 -17.67 -36.51 -31.84
C SER B 539 -19.10 -36.83 -31.44
N ASN B 540 -19.65 -36.00 -30.55
CA ASN B 540 -21.05 -36.10 -30.09
C ASN B 540 -21.39 -37.37 -29.32
N GLN B 541 -20.38 -38.00 -28.75
CA GLN B 541 -20.57 -39.22 -27.98
C GLN B 541 -20.13 -39.00 -26.52
N PRO B 542 -21.02 -39.25 -25.56
CA PRO B 542 -20.66 -39.15 -24.14
C PRO B 542 -19.58 -40.20 -23.82
N LEU B 543 -18.47 -39.75 -23.24
CA LEU B 543 -17.36 -40.64 -22.90
C LEU B 543 -16.94 -40.42 -21.45
N ALA B 544 -16.44 -41.48 -20.82
CA ALA B 544 -16.04 -41.45 -19.42
C ALA B 544 -14.57 -41.03 -19.26
N PHE B 545 -14.34 -40.00 -18.45
CA PHE B 545 -12.98 -39.51 -18.16
C PHE B 545 -12.78 -39.67 -16.67
N GLN B 546 -11.65 -40.23 -16.28
CA GLN B 546 -11.33 -40.41 -14.87
C GLN B 546 -9.95 -39.93 -14.59
N PHE B 547 -9.82 -38.99 -13.65
CA PHE B 547 -8.52 -38.44 -13.27
C PHE B 547 -8.56 -37.83 -11.88
N GLY B 548 -7.43 -37.89 -11.20
CA GLY B 548 -7.34 -37.40 -9.85
C GLY B 548 -7.15 -35.90 -9.72
N LEU B 549 -7.72 -35.35 -8.64
CA LEU B 549 -7.55 -33.96 -8.30
C LEU B 549 -6.55 -33.93 -7.15
N PRO B 550 -5.85 -32.82 -6.99
CA PRO B 550 -4.90 -32.67 -5.89
C PRO B 550 -5.48 -33.04 -4.51
N THR B 551 -4.64 -33.60 -3.67
CA THR B 551 -4.98 -33.97 -2.33
C THR B 551 -5.54 -32.78 -1.55
N ALA B 552 -6.48 -33.06 -0.67
CA ALA B 552 -7.07 -32.06 0.16
C ALA B 552 -7.31 -32.59 1.58
N ASN B 553 -7.08 -31.72 2.55
CA ASN B 553 -7.37 -31.97 3.95
C ASN B 553 -8.09 -30.69 4.31
N HIS B 554 -9.38 -30.67 4.03
CA HIS B 554 -10.15 -29.47 4.15
C HIS B 554 -11.54 -29.67 4.69
N THR B 555 -11.93 -28.83 5.63
CA THR B 555 -13.29 -28.87 6.18
C THR B 555 -14.09 -27.68 5.61
N PHE B 556 -15.16 -27.99 4.88
CA PHE B 556 -16.06 -26.97 4.37
C PHE B 556 -16.96 -26.68 5.56
N GLN B 557 -16.81 -25.49 6.14
CA GLN B 557 -17.52 -25.13 7.37
C GLN B 557 -18.96 -24.68 7.11
N PRO B 558 -19.78 -24.66 8.17
CA PRO B 558 -21.17 -24.17 8.05
C PRO B 558 -21.21 -22.76 7.44
N GLY B 559 -22.14 -22.53 6.51
CA GLY B 559 -22.26 -21.24 5.85
C GLY B 559 -21.56 -21.25 4.48
N HIS B 560 -20.58 -22.15 4.32
CA HIS B 560 -19.86 -22.27 3.07
C HIS B 560 -20.67 -23.17 2.14
N ARG B 561 -20.32 -23.14 0.86
CA ARG B 561 -20.92 -24.02 -0.12
C ARG B 561 -19.79 -24.79 -0.77
N VAL B 562 -20.11 -25.95 -1.33
CA VAL B 562 -19.16 -26.71 -2.10
C VAL B 562 -19.52 -26.37 -3.54
N VAL B 564 -18.25 -26.80 -7.90
CA VAL B 564 -17.43 -27.44 -8.91
C VAL B 564 -17.57 -26.62 -10.19
N GLN B 565 -16.43 -26.24 -10.76
CA GLN B 565 -16.41 -25.53 -12.03
C GLN B 565 -15.80 -26.45 -13.08
N VAL B 566 -16.36 -26.43 -14.28
CA VAL B 566 -15.85 -27.22 -15.38
C VAL B 566 -15.66 -26.30 -16.57
N GLN B 567 -14.51 -26.40 -17.22
CA GLN B 567 -14.19 -25.61 -18.42
C GLN B 567 -13.23 -26.44 -19.32
N SER B 568 -12.90 -25.92 -20.49
CA SER B 568 -12.05 -26.66 -21.44
C SER B 568 -10.76 -25.94 -21.86
N SER B 569 -10.43 -24.88 -21.12
CA SER B 569 -9.17 -24.16 -21.31
C SER B 569 -8.75 -23.55 -19.94
N LEU B 570 -7.47 -23.27 -19.81
CA LEU B 570 -6.87 -22.73 -18.57
C LEU B 570 -5.59 -22.09 -19.09
N PHE B 571 -5.79 -20.92 -19.70
CA PHE B 571 -4.80 -20.22 -20.50
C PHE B 571 -4.30 -18.89 -19.87
N PRO B 572 -3.04 -18.49 -20.12
CA PRO B 572 -2.05 -19.21 -20.93
C PRO B 572 -1.19 -20.26 -20.21
N LEU B 573 -1.52 -20.62 -18.96
CA LEU B 573 -0.72 -21.62 -18.24
C LEU B 573 -0.59 -22.90 -19.08
N TYR B 574 -1.70 -23.36 -19.64
CA TYR B 574 -1.73 -24.54 -20.49
C TYR B 574 -2.00 -24.14 -21.92
N ASP B 575 -1.26 -24.73 -22.87
CA ASP B 575 -1.52 -24.42 -24.26
C ASP B 575 -2.92 -24.91 -24.61
N ARG B 576 -3.52 -24.29 -25.60
CA ARG B 576 -4.87 -24.59 -25.98
C ARG B 576 -5.00 -25.86 -26.78
N ASN B 577 -5.96 -26.69 -26.39
CA ASN B 577 -6.30 -27.87 -27.13
C ASN B 577 -7.05 -27.31 -28.36
N PRO B 578 -6.59 -27.63 -29.57
CA PRO B 578 -7.25 -27.11 -30.79
C PRO B 578 -8.68 -27.61 -30.99
N GLN B 579 -9.02 -28.70 -30.31
CA GLN B 579 -10.34 -29.30 -30.34
C GLN B 579 -10.65 -30.10 -31.60
N THR B 580 -9.64 -30.24 -32.46
CA THR B 580 -9.69 -31.16 -33.60
C THR B 580 -8.45 -32.05 -33.33
N TYR B 581 -8.52 -33.31 -33.68
CA TYR B 581 -7.42 -34.21 -33.40
C TYR B 581 -6.26 -34.00 -34.38
N VAL B 582 -5.12 -33.60 -33.83
CA VAL B 582 -3.89 -33.41 -34.61
C VAL B 582 -2.83 -34.33 -34.00
N PRO B 583 -1.82 -34.72 -34.79
CA PRO B 583 -0.78 -35.63 -34.28
C PRO B 583 0.01 -35.05 -33.09
N ASN B 584 0.31 -33.77 -33.16
CA ASN B 584 1.09 -33.10 -32.14
C ASN B 584 0.56 -31.67 -31.89
N ILE B 585 -0.07 -31.48 -30.74
CA ILE B 585 -0.66 -30.15 -30.38
C ILE B 585 0.41 -29.03 -30.31
N PHE B 586 1.65 -29.40 -30.01
CA PHE B 586 2.74 -28.42 -29.99
C PHE B 586 2.81 -27.69 -31.36
N PHE B 587 2.54 -28.43 -32.44
CA PHE B 587 2.62 -27.89 -33.79
C PHE B 587 1.27 -27.69 -34.50
N ALA B 588 0.21 -27.49 -33.74
CA ALA B 588 -1.11 -27.24 -34.33
C ALA B 588 -1.03 -26.00 -35.21
N LYS B 589 -1.71 -26.05 -36.36
CA LYS B 589 -1.74 -24.94 -37.32
C LYS B 589 -2.98 -24.08 -37.03
N PRO B 590 -3.02 -22.85 -37.53
CA PRO B 590 -4.16 -21.94 -37.29
C PRO B 590 -5.56 -22.55 -37.58
N GLY B 591 -5.66 -23.31 -38.67
CA GLY B 591 -6.92 -23.92 -39.07
C GLY B 591 -7.38 -25.11 -38.20
N ASP B 592 -6.47 -25.66 -37.42
CA ASP B 592 -6.79 -26.79 -36.53
C ASP B 592 -7.65 -26.35 -35.33
N TYR B 593 -7.57 -25.07 -34.96
CA TYR B 593 -8.33 -24.55 -33.80
C TYR B 593 -9.78 -24.27 -34.19
N GLN B 594 -10.69 -25.03 -33.60
CA GLN B 594 -12.11 -24.88 -33.88
C GLN B 594 -12.92 -24.88 -32.61
N LYS B 595 -14.04 -24.15 -32.64
CA LYS B 595 -14.96 -24.13 -31.52
C LYS B 595 -15.55 -25.53 -31.40
N ALA B 596 -16.00 -25.87 -30.22
CA ALA B 596 -16.60 -27.17 -29.98
C ALA B 596 -17.68 -27.06 -28.94
N THR B 597 -18.76 -27.78 -29.16
CA THR B 597 -19.88 -27.81 -28.26
C THR B 597 -19.66 -28.95 -27.26
N GLN B 598 -19.48 -28.56 -25.99
CA GLN B 598 -19.20 -29.50 -24.91
C GLN B 598 -20.44 -29.78 -24.08
N ARG B 599 -20.59 -31.03 -23.65
CA ARG B 599 -21.70 -31.42 -22.82
C ARG B 599 -21.23 -32.22 -21.62
N VAL B 600 -21.59 -31.77 -20.43
CA VAL B 600 -21.26 -32.48 -19.21
C VAL B 600 -22.55 -33.15 -18.79
N TYR B 601 -22.55 -34.47 -18.81
CA TYR B 601 -23.73 -35.25 -18.49
C TYR B 601 -23.97 -35.38 -16.99
N VAL B 602 -25.24 -35.21 -16.60
CA VAL B 602 -25.65 -35.24 -15.21
C VAL B 602 -26.97 -36.05 -15.06
N SER B 603 -27.07 -37.14 -15.83
CA SER B 603 -28.29 -37.97 -15.82
C SER B 603 -28.09 -39.23 -14.98
N PRO B 604 -29.19 -39.89 -14.59
CA PRO B 604 -29.10 -41.13 -13.82
C PRO B 604 -28.27 -42.22 -14.53
N GLU B 605 -28.35 -42.25 -15.85
CA GLU B 605 -27.65 -43.25 -16.67
C GLU B 605 -26.19 -42.90 -16.89
N GLN B 606 -25.89 -41.61 -17.01
CA GLN B 606 -24.51 -41.13 -17.25
C GLN B 606 -24.21 -39.95 -16.31
N PRO B 607 -24.02 -40.23 -15.03
CA PRO B 607 -23.78 -39.19 -14.04
C PRO B 607 -22.31 -38.77 -13.91
N SER B 608 -22.07 -37.47 -13.94
CA SER B 608 -20.74 -36.92 -13.71
C SER B 608 -20.68 -36.68 -12.21
N TYR B 609 -19.59 -37.07 -11.59
CA TYR B 609 -19.42 -36.89 -10.17
C TYR B 609 -17.98 -36.90 -9.76
N ILE B 610 -17.73 -36.48 -8.54
CA ILE B 610 -16.40 -36.49 -7.98
C ILE B 610 -16.43 -37.42 -6.79
N SER B 611 -15.56 -38.43 -6.81
CA SER B 611 -15.42 -39.33 -5.68
C SER B 611 -14.72 -38.50 -4.61
N LEU B 612 -15.50 -38.04 -3.65
CA LEU B 612 -15.02 -37.16 -2.59
C LEU B 612 -14.57 -37.97 -1.37
N PRO B 613 -13.34 -37.74 -0.90
CA PRO B 613 -12.81 -38.48 0.25
C PRO B 613 -13.33 -37.92 1.59
N VAL B 614 -14.62 -38.08 1.84
CA VAL B 614 -15.25 -37.58 3.04
C VAL B 614 -14.90 -38.47 4.23
N ARG B 615 -14.79 -37.85 5.41
CA ARG B 615 -14.52 -38.60 6.64
C ARG B 615 -15.48 -38.15 7.76
N THR C 2 -16.70 21.52 42.96
CA THR C 2 -17.65 20.74 42.09
C THR C 2 -17.97 19.38 42.73
N SER C 3 -19.25 19.15 43.02
CA SER C 3 -19.68 17.90 43.66
C SER C 3 -19.47 16.68 42.71
N PRO C 4 -19.07 15.53 43.28
CA PRO C 4 -18.85 14.31 42.48
C PRO C 4 -20.09 13.83 41.73
N THR C 6 -22.39 15.74 40.47
CA THR C 6 -22.85 16.76 39.53
C THR C 6 -22.85 16.10 38.14
N PRO C 7 -24.02 16.08 37.47
CA PRO C 7 -24.11 15.49 36.13
C PRO C 7 -23.02 16.03 35.19
N ASP C 8 -22.29 15.13 34.54
CA ASP C 8 -21.22 15.51 33.63
C ASP C 8 -21.75 15.94 32.25
N ILE C 9 -22.99 15.58 31.97
CA ILE C 9 -23.67 16.07 30.79
C ILE C 9 -24.69 17.04 31.39
N THR C 10 -24.43 18.33 31.22
CA THR C 10 -25.25 19.40 31.85
C THR C 10 -26.65 19.55 31.32
N GLY C 11 -26.85 19.29 30.04
CA GLY C 11 -28.16 19.43 29.42
C GLY C 11 -28.19 20.64 28.50
N LYS C 12 -27.45 21.69 28.87
CA LYS C 12 -27.36 22.90 28.05
C LYS C 12 -26.39 22.62 26.87
N PRO C 13 -26.64 23.22 25.70
CA PRO C 13 -25.78 22.98 24.52
C PRO C 13 -24.31 23.30 24.76
N PHE C 14 -23.42 22.39 24.34
CA PHE C 14 -21.99 22.62 24.48
C PHE C 14 -21.54 23.55 23.36
N VAL C 15 -21.16 24.76 23.73
CA VAL C 15 -20.70 25.75 22.77
C VAL C 15 -19.24 25.50 22.44
N ALA C 16 -18.96 25.15 21.18
CA ALA C 16 -17.58 24.92 20.74
C ALA C 16 -16.85 26.25 20.70
N ALA C 17 -15.53 26.20 20.85
CA ALA C 17 -14.71 27.40 20.81
C ALA C 17 -14.73 28.00 19.41
N ASP C 18 -14.79 29.32 19.33
CA ASP C 18 -14.81 30.01 18.04
C ASP C 18 -13.99 31.32 18.01
N ALA C 19 -13.30 31.63 19.11
CA ALA C 19 -12.52 32.87 19.20
C ALA C 19 -11.45 32.97 18.12
N SER C 20 -10.71 31.88 17.90
CA SER C 20 -9.62 31.84 16.93
C SER C 20 -10.08 31.65 15.46
N ASN C 21 -11.39 31.46 15.25
CA ASN C 21 -11.91 31.29 13.89
C ASN C 21 -11.62 32.55 13.04
N ASP C 22 -11.32 32.34 11.77
CA ASP C 22 -11.08 33.46 10.84
C ASP C 22 -12.31 33.65 9.96
N TYR C 23 -13.43 33.07 10.40
CA TYR C 23 -14.71 33.16 9.71
C TYR C 23 -15.83 33.25 10.74
N ILE C 24 -17.03 33.51 10.26
CA ILE C 24 -18.22 33.57 11.09
C ILE C 24 -19.24 32.66 10.41
N LYS C 25 -19.86 31.78 11.19
CA LYS C 25 -20.88 30.89 10.64
C LYS C 25 -22.22 31.30 11.26
N ARG C 26 -23.19 31.57 10.40
CA ARG C 26 -24.52 31.98 10.82
C ARG C 26 -25.55 31.07 10.21
N GLU C 27 -26.44 30.56 11.03
CA GLU C 27 -27.51 29.70 10.57
C GLU C 27 -28.81 30.48 10.68
N VAL C 28 -29.63 30.44 9.64
CA VAL C 28 -30.90 31.16 9.61
C VAL C 28 -31.98 30.37 8.88
N ILE C 30 -34.76 30.90 6.50
CA ILE C 30 -35.32 31.87 5.55
C ILE C 30 -36.73 31.48 5.08
N PRO C 31 -37.72 32.33 5.35
CA PRO C 31 -39.09 32.04 4.92
C PRO C 31 -39.29 32.17 3.42
N ARG C 33 -42.00 32.07 0.00
CA ARG C 33 -43.27 32.77 -0.26
C ARG C 33 -44.52 32.07 0.31
N ASP C 34 -44.40 30.78 0.65
CA ASP C 34 -45.53 30.01 1.20
C ASP C 34 -45.43 29.75 2.71
N GLY C 35 -44.50 30.44 3.39
CA GLY C 35 -44.33 30.31 4.83
C GLY C 35 -43.30 29.27 5.27
N VAL C 36 -42.98 28.31 4.40
CA VAL C 36 -42.02 27.26 4.71
C VAL C 36 -40.60 27.85 4.78
N LYS C 37 -39.89 27.57 5.88
CA LYS C 37 -38.55 28.09 6.08
C LYS C 37 -37.49 27.07 5.66
N LEU C 38 -36.42 27.56 5.02
CA LEU C 38 -35.33 26.70 4.57
C LEU C 38 -34.06 27.00 5.38
N HIS C 39 -33.45 25.95 5.93
CA HIS C 39 -32.23 26.07 6.74
C HIS C 39 -31.06 26.50 5.85
N THR C 40 -30.51 27.66 6.15
CA THR C 40 -29.43 28.24 5.37
C THR C 40 -28.23 28.54 6.24
N VAL C 41 -27.06 28.06 5.81
CA VAL C 41 -25.81 28.25 6.52
C VAL C 41 -24.94 29.26 5.74
N ILE C 42 -24.58 30.36 6.39
CA ILE C 42 -23.78 31.42 5.78
C ILE C 42 -22.42 31.51 6.46
N VAL C 43 -21.36 31.32 5.69
CA VAL C 43 -19.99 31.39 6.21
C VAL C 43 -19.29 32.61 5.62
N LEU C 44 -18.99 33.59 6.46
CA LEU C 44 -18.34 34.83 6.02
C LEU C 44 -16.94 34.94 6.56
N PRO C 45 -16.00 35.43 5.75
CA PRO C 45 -14.66 35.69 6.26
C PRO C 45 -14.74 36.82 7.26
N LYS C 46 -13.97 36.77 8.33
CA LYS C 46 -14.01 37.84 9.32
C LYS C 46 -13.53 39.13 8.65
N GLY C 47 -14.26 40.22 8.90
CA GLY C 47 -13.93 41.51 8.31
C GLY C 47 -14.45 41.67 6.87
N ALA C 48 -15.41 40.82 6.49
CA ALA C 48 -15.98 40.86 5.14
C ALA C 48 -16.77 42.15 4.95
N LYS C 49 -16.50 42.81 3.83
CA LYS C 49 -17.18 44.07 3.47
C LYS C 49 -17.37 44.09 1.95
N ASN C 50 -18.61 44.32 1.51
CA ASN C 50 -18.94 44.36 0.06
C ASN C 50 -18.46 43.09 -0.68
N ALA C 51 -18.55 41.94 -0.01
CA ALA C 51 -18.12 40.67 -0.58
C ALA C 51 -19.29 39.97 -1.27
N PRO C 52 -19.04 39.33 -2.40
CA PRO C 52 -20.08 38.60 -3.11
C PRO C 52 -20.44 37.31 -2.40
N ILE C 53 -21.55 36.72 -2.80
CA ILE C 53 -22.02 35.49 -2.21
C ILE C 53 -22.05 34.39 -3.26
N VAL C 54 -21.58 33.20 -2.88
CA VAL C 54 -21.67 32.03 -3.74
C VAL C 54 -22.64 31.10 -3.03
N LEU C 55 -23.71 30.75 -3.71
CA LEU C 55 -24.78 29.96 -3.14
C LEU C 55 -24.94 28.59 -3.77
N THR C 56 -25.22 27.60 -2.92
CA THR C 56 -25.49 26.23 -3.36
C THR C 56 -26.71 25.72 -2.58
N ARG C 57 -27.64 25.10 -3.28
CA ARG C 57 -28.85 24.53 -2.68
C ARG C 57 -28.70 23.01 -2.80
N THR C 58 -28.75 22.33 -1.65
CA THR C 58 -28.45 20.92 -1.60
C THR C 58 -29.39 20.06 -0.74
N PRO C 59 -29.57 18.79 -1.14
CA PRO C 59 -30.32 17.82 -0.33
C PRO C 59 -29.33 16.93 0.49
N TYR C 60 -28.06 17.37 0.58
CA TYR C 60 -27.02 16.59 1.25
C TYR C 60 -26.47 17.22 2.53
N ASP C 61 -27.33 17.90 3.30
CA ASP C 61 -26.95 18.50 4.61
C ASP C 61 -26.04 19.74 4.49
N ALA C 62 -26.64 20.93 4.56
CA ALA C 62 -25.91 22.21 4.46
C ALA C 62 -24.88 22.37 5.57
N SER C 63 -25.22 21.92 6.77
CA SER C 63 -24.31 22.00 7.92
C SER C 63 -23.09 21.09 7.70
N GLY C 64 -23.33 19.92 7.13
CA GLY C 64 -22.26 18.97 6.83
C GLY C 64 -21.38 19.45 5.67
N ARG C 65 -21.99 20.12 4.69
CA ARG C 65 -21.26 20.61 3.52
C ARG C 65 -20.36 21.79 3.87
N THR C 66 -20.67 22.46 4.99
CA THR C 66 -19.86 23.59 5.46
C THR C 66 -18.97 23.18 6.64
N GLU C 67 -18.71 21.87 6.76
CA GLU C 67 -17.83 21.35 7.79
C GLU C 67 -17.08 20.11 7.28
N ARG C 68 -16.25 20.31 6.27
CA ARG C 68 -15.38 19.26 5.74
C ARG C 68 -14.48 18.82 6.90
N LEU C 69 -14.11 19.79 7.74
CA LEU C 69 -13.30 19.55 8.93
C LEU C 69 -13.60 20.64 9.97
N ALA C 70 -13.80 20.24 11.22
CA ALA C 70 -14.00 21.21 12.30
C ALA C 70 -12.67 21.91 12.47
N SER C 71 -12.63 23.18 12.08
CA SER C 71 -11.38 23.92 12.09
C SER C 71 -11.62 25.43 12.19
N PRO C 72 -10.67 26.15 12.80
CA PRO C 72 -10.76 27.61 12.88
C PRO C 72 -10.34 28.31 11.57
N HIS C 73 -9.84 27.56 10.60
CA HIS C 73 -9.43 28.10 9.30
C HIS C 73 -10.51 27.81 8.28
N LYS C 75 -10.47 27.86 5.05
CA LYS C 75 -10.01 27.05 3.91
C LYS C 75 -10.15 25.56 4.20
N ASP C 76 -9.96 25.18 5.46
CA ASP C 76 -10.06 23.78 5.88
C ASP C 76 -11.48 23.42 6.31
N LEU C 77 -12.21 24.41 6.80
CA LEU C 77 -13.60 24.21 7.23
C LEU C 77 -14.47 23.84 6.05
N LEU C 78 -14.29 24.54 4.94
CA LEU C 78 -15.06 24.30 3.75
C LEU C 78 -14.40 23.25 2.89
N SER C 79 -15.17 22.71 1.97
CA SER C 79 -14.71 21.66 1.08
C SER C 79 -13.54 22.08 0.21
N ALA C 80 -12.84 21.08 -0.33
CA ALA C 80 -11.69 21.30 -1.21
C ALA C 80 -12.04 22.15 -2.43
N GLY C 81 -13.25 21.96 -2.97
CA GLY C 81 -13.71 22.69 -4.14
C GLY C 81 -13.99 24.17 -3.89
N ASP C 82 -14.14 24.55 -2.62
CA ASP C 82 -14.39 25.94 -2.23
C ASP C 82 -13.09 26.73 -1.99
N ASP C 83 -11.94 26.10 -2.22
CA ASP C 83 -10.65 26.75 -1.99
C ASP C 83 -10.51 28.12 -2.67
N VAL C 84 -10.92 28.22 -3.94
CA VAL C 84 -10.81 29.48 -4.68
C VAL C 84 -11.75 30.56 -4.16
N PHE C 85 -12.89 30.15 -3.60
CA PHE C 85 -13.83 31.11 -3.04
C PHE C 85 -13.34 31.64 -1.68
N VAL C 86 -12.64 30.80 -0.92
CA VAL C 86 -12.08 31.25 0.36
C VAL C 86 -10.90 32.20 0.06
N GLU C 87 -10.11 31.86 -0.95
CA GLU C 87 -8.96 32.67 -1.37
C GLU C 87 -9.42 34.05 -1.90
N GLY C 88 -10.62 34.10 -2.49
CA GLY C 88 -11.17 35.32 -3.06
C GLY C 88 -12.00 36.19 -2.11
N GLY C 89 -12.12 35.74 -0.85
CA GLY C 89 -12.87 36.49 0.16
C GLY C 89 -14.39 36.45 -0.01
N TYR C 90 -14.89 35.42 -0.68
CA TYR C 90 -16.32 35.27 -0.90
C TYR C 90 -17.02 34.80 0.37
N ILE C 91 -18.33 35.07 0.42
CA ILE C 91 -19.19 34.58 1.47
C ILE C 91 -19.81 33.33 0.87
N ARG C 92 -19.67 32.19 1.56
CA ARG C 92 -20.19 30.93 1.06
C ARG C 92 -21.48 30.56 1.75
N VAL C 93 -22.48 30.19 0.97
CA VAL C 93 -23.79 29.82 1.51
C VAL C 93 -24.26 28.47 0.97
N PHE C 94 -24.72 27.62 1.88
CA PHE C 94 -25.29 26.32 1.54
C PHE C 94 -26.67 26.28 2.19
N GLN C 95 -27.68 25.85 1.44
CA GLN C 95 -29.03 25.78 1.96
C GLN C 95 -29.63 24.42 1.74
N ASP C 96 -30.32 23.92 2.77
CA ASP C 96 -31.02 22.66 2.68
C ASP C 96 -32.26 22.90 1.84
N VAL C 97 -32.44 22.09 0.82
CA VAL C 97 -33.61 22.22 -0.03
C VAL C 97 -34.85 21.90 0.77
N ARG C 98 -35.99 22.25 0.21
CA ARG C 98 -37.27 22.01 0.83
C ARG C 98 -37.47 20.51 1.15
N GLY C 99 -37.77 20.21 2.41
CA GLY C 99 -38.04 18.84 2.83
C GLY C 99 -36.83 18.01 3.25
N LYS C 100 -35.66 18.62 3.33
CA LYS C 100 -34.43 17.87 3.71
C LYS C 100 -33.68 18.49 4.87
N TYR C 101 -33.13 17.63 5.71
CA TYR C 101 -32.35 18.00 6.88
C TYR C 101 -32.97 19.09 7.78
N GLY C 102 -32.34 20.27 7.88
CA GLY C 102 -32.84 21.33 8.75
C GLY C 102 -34.03 22.13 8.21
N SER C 103 -34.39 21.92 6.95
CA SER C 103 -35.50 22.65 6.32
C SER C 103 -36.86 22.05 6.59
N GLU C 104 -37.88 22.90 6.57
CA GLU C 104 -39.27 22.47 6.74
C GLU C 104 -39.81 22.13 5.35
N GLY C 105 -41.08 21.73 5.27
CA GLY C 105 -41.72 21.40 4.01
C GLY C 105 -41.64 19.93 3.65
N ASP C 106 -42.30 19.56 2.55
CA ASP C 106 -42.30 18.19 2.06
C ASP C 106 -41.23 18.05 0.99
N TYR C 107 -40.67 16.86 0.88
CA TYR C 107 -39.63 16.61 -0.10
C TYR C 107 -40.15 15.83 -1.25
N VAL C 108 -39.95 16.37 -2.45
CA VAL C 108 -40.29 15.70 -3.68
C VAL C 108 -38.98 15.59 -4.48
N THR C 110 -36.17 15.76 -6.93
CA THR C 110 -35.98 16.69 -8.04
C THR C 110 -37.30 17.40 -8.35
N ARG C 111 -37.87 18.03 -7.32
CA ARG C 111 -39.16 18.73 -7.41
C ARG C 111 -39.29 19.43 -8.77
N PRO C 112 -40.28 19.02 -9.58
CA PRO C 112 -40.48 19.61 -10.91
C PRO C 112 -40.94 21.06 -10.89
N LEU C 113 -40.74 21.74 -12.01
CA LEU C 113 -41.14 23.14 -12.20
C LEU C 113 -42.64 23.25 -12.13
N ARG C 114 -43.11 24.43 -11.71
CA ARG C 114 -44.53 24.69 -11.68
C ARG C 114 -45.03 24.43 -13.10
N GLY C 115 -46.01 23.55 -13.23
CA GLY C 115 -46.56 23.22 -14.54
C GLY C 115 -47.41 21.95 -14.46
N PRO C 116 -47.43 21.17 -15.55
CA PRO C 116 -48.24 19.94 -15.61
C PRO C 116 -47.99 18.93 -14.45
N LEU C 117 -46.75 18.86 -13.96
CA LEU C 117 -46.39 17.93 -12.88
C LEU C 117 -46.43 18.57 -11.48
N ASN C 118 -46.52 19.89 -11.42
CA ASN C 118 -46.52 20.62 -10.14
C ASN C 118 -47.59 21.76 -10.12
N PRO C 119 -48.77 21.48 -9.54
CA PRO C 119 -49.84 22.49 -9.45
C PRO C 119 -49.71 23.44 -8.24
N SER C 120 -48.66 23.26 -7.43
CA SER C 120 -48.41 24.10 -6.26
C SER C 120 -47.86 25.47 -6.68
N GLU C 121 -47.69 26.35 -5.70
CA GLU C 121 -47.19 27.70 -5.95
C GLU C 121 -45.66 27.82 -5.79
N VAL C 122 -44.98 26.71 -5.46
CA VAL C 122 -43.54 26.75 -5.25
C VAL C 122 -42.76 25.60 -5.90
N ASP C 123 -41.53 25.90 -6.28
CA ASP C 123 -40.62 24.92 -6.85
C ASP C 123 -39.17 25.37 -6.50
N HIS C 124 -38.17 24.76 -7.14
CA HIS C 124 -36.77 25.14 -6.87
C HIS C 124 -36.40 26.50 -7.44
N ALA C 125 -37.13 26.94 -8.46
CA ALA C 125 -36.89 28.26 -9.06
C ALA C 125 -37.35 29.37 -8.09
N THR C 126 -38.57 29.25 -7.57
CA THR C 126 -39.11 30.25 -6.63
C THR C 126 -38.38 30.20 -5.28
N ASP C 127 -37.94 29.02 -4.90
CA ASP C 127 -37.22 28.85 -3.64
C ASP C 127 -35.86 29.53 -3.73
N ALA C 128 -35.22 29.43 -4.88
CA ALA C 128 -33.91 30.07 -5.09
C ALA C 128 -34.09 31.60 -5.18
N TRP C 129 -35.23 32.04 -5.73
CA TRP C 129 -35.51 33.49 -5.86
C TRP C 129 -35.71 34.11 -4.49
N ASP C 130 -36.56 33.49 -3.67
CA ASP C 130 -36.83 33.99 -2.32
C ASP C 130 -35.57 33.96 -1.46
N THR C 131 -34.72 32.96 -1.70
CA THR C 131 -33.47 32.81 -0.96
C THR C 131 -32.52 33.93 -1.29
N ILE C 132 -32.30 34.17 -2.58
CA ILE C 132 -31.40 35.21 -3.03
C ILE C 132 -31.91 36.60 -2.61
N ASP C 133 -33.21 36.81 -2.67
CA ASP C 133 -33.80 38.08 -2.29
C ASP C 133 -33.52 38.37 -0.83
N TRP C 134 -33.69 37.36 0.03
CA TRP C 134 -33.44 37.50 1.45
C TRP C 134 -31.98 37.77 1.74
N LEU C 135 -31.09 37.09 1.02
CA LEU C 135 -29.65 37.22 1.23
C LEU C 135 -29.12 38.62 0.92
N VAL C 136 -29.53 39.18 -0.21
CA VAL C 136 -29.06 40.53 -0.59
C VAL C 136 -29.66 41.63 0.30
N LYS C 137 -30.81 41.35 0.91
CA LYS C 137 -31.49 42.33 1.79
C LYS C 137 -31.12 42.19 3.29
N ASN C 138 -30.56 41.04 3.70
CA ASN C 138 -30.25 40.80 5.13
C ASN C 138 -28.78 40.53 5.49
N VAL C 139 -27.93 40.32 4.47
CA VAL C 139 -26.51 40.10 4.71
C VAL C 139 -25.80 41.41 4.38
N SER C 140 -25.64 42.26 5.41
CA SER C 140 -25.02 43.58 5.24
C SER C 140 -23.56 43.54 4.76
N GLU C 141 -22.88 42.42 5.01
CA GLU C 141 -21.48 42.26 4.62
C GLU C 141 -21.27 42.01 3.12
N SER C 142 -22.37 41.79 2.40
CA SER C 142 -22.31 41.50 0.98
C SER C 142 -22.51 42.73 0.11
N ASN C 143 -22.16 42.60 -1.17
CA ASN C 143 -22.35 43.66 -2.14
C ASN C 143 -23.66 43.44 -2.93
N GLY C 144 -24.47 42.47 -2.47
CA GLY C 144 -25.75 42.16 -3.11
C GLY C 144 -25.64 41.37 -4.42
N LYS C 145 -24.44 40.85 -4.72
CA LYS C 145 -24.21 40.07 -5.94
C LYS C 145 -24.08 38.61 -5.56
N VAL C 146 -24.71 37.74 -6.34
CA VAL C 146 -24.74 36.32 -6.04
C VAL C 146 -24.38 35.45 -7.24
N GLY C 147 -23.56 34.44 -6.98
CA GLY C 147 -23.21 33.46 -7.99
C GLY C 147 -23.70 32.12 -7.48
N ILE C 149 -23.43 27.79 -7.78
CA ILE C 149 -22.59 26.67 -8.23
C ILE C 149 -23.03 25.39 -7.48
N GLY C 150 -22.68 24.24 -8.04
CA GLY C 150 -23.01 22.97 -7.41
C GLY C 150 -22.91 21.83 -8.39
N SER C 151 -22.60 20.65 -7.88
CA SER C 151 -22.46 19.46 -8.72
C SER C 151 -23.58 18.47 -8.45
N SER C 152 -23.99 17.75 -9.50
CA SER C 152 -25.03 16.73 -9.41
C SER C 152 -26.43 17.36 -9.05
N TYR C 153 -27.01 16.98 -7.91
CA TYR C 153 -28.28 17.54 -7.46
C TYR C 153 -28.07 19.02 -7.16
N GLU C 154 -26.88 19.37 -6.66
CA GLU C 154 -26.54 20.75 -6.34
C GLU C 154 -26.39 21.60 -7.63
N GLY C 155 -26.14 20.92 -8.75
CA GLY C 155 -26.07 21.57 -10.06
C GLY C 155 -27.46 21.71 -10.62
N PHE C 156 -28.31 20.73 -10.33
CA PHE C 156 -29.71 20.71 -10.76
C PHE C 156 -30.47 21.92 -10.17
N THR C 157 -30.15 22.31 -8.94
CA THR C 157 -30.80 23.47 -8.29
C THR C 157 -30.35 24.78 -8.92
N VAL C 158 -29.14 24.79 -9.52
CA VAL C 158 -28.64 25.98 -10.22
C VAL C 158 -29.47 26.15 -11.50
N VAL C 159 -29.67 25.04 -12.21
CA VAL C 159 -30.43 25.03 -13.46
C VAL C 159 -31.87 25.51 -13.22
N ALA C 161 -32.87 27.56 -10.92
CA ALA C 161 -32.83 28.99 -10.69
C ALA C 161 -32.71 29.76 -12.04
N LEU C 162 -32.02 29.15 -13.00
CA LEU C 162 -31.83 29.76 -14.33
C LEU C 162 -33.12 29.82 -15.17
N THR C 163 -34.14 29.02 -14.80
CA THR C 163 -35.44 29.04 -15.54
C THR C 163 -36.13 30.42 -15.37
N ASN C 164 -35.87 31.07 -14.24
CA ASN C 164 -36.41 32.41 -13.94
C ASN C 164 -35.58 32.96 -12.75
N PRO C 165 -34.40 33.50 -13.06
CA PRO C 165 -33.45 33.95 -12.03
C PRO C 165 -33.68 35.34 -11.45
N HIS C 166 -33.34 35.47 -10.17
CA HIS C 166 -33.42 36.73 -9.44
C HIS C 166 -32.38 37.68 -10.11
N PRO C 167 -32.67 38.99 -10.19
CA PRO C 167 -31.73 39.95 -10.80
C PRO C 167 -30.32 39.96 -10.17
N ALA C 168 -30.23 39.62 -8.88
CA ALA C 168 -28.96 39.60 -8.16
C ALA C 168 -28.05 38.40 -8.58
N LEU C 169 -28.63 37.40 -9.25
CA LEU C 169 -27.85 36.25 -9.74
C LEU C 169 -27.08 36.70 -10.98
N LYS C 170 -25.77 36.93 -10.81
CA LYS C 170 -24.91 37.43 -11.91
C LYS C 170 -24.15 36.37 -12.68
N VAL C 171 -24.06 35.16 -12.16
CA VAL C 171 -23.31 34.10 -12.82
C VAL C 171 -23.68 32.72 -12.24
N ALA C 172 -23.63 31.69 -13.09
CA ALA C 172 -24.01 30.34 -12.67
C ALA C 172 -23.08 29.28 -13.29
N VAL C 173 -22.80 28.23 -12.51
CA VAL C 173 -21.97 27.14 -12.96
C VAL C 173 -22.60 25.79 -12.54
N PRO C 174 -23.52 25.26 -13.36
CA PRO C 174 -24.09 23.96 -13.09
C PRO C 174 -23.08 22.87 -13.43
N GLU C 175 -22.59 22.18 -12.42
CA GLU C 175 -21.62 21.10 -12.61
C GLU C 175 -22.35 19.76 -12.57
N SER C 176 -22.06 18.91 -13.57
CA SER C 176 -22.71 17.60 -13.74
C SER C 176 -24.16 17.59 -13.27
N PRO C 177 -24.98 18.52 -13.79
CA PRO C 177 -26.36 18.62 -13.35
C PRO C 177 -27.23 17.49 -13.80
N ILE C 179 -30.25 16.53 -15.53
CA ILE C 179 -31.07 17.19 -16.56
C ILE C 179 -32.16 16.28 -17.09
N ASP C 180 -31.75 15.11 -17.59
CA ASP C 180 -32.69 14.13 -18.10
C ASP C 180 -32.33 12.76 -17.53
N GLY C 181 -32.95 12.44 -16.40
CA GLY C 181 -32.70 11.19 -15.70
C GLY C 181 -33.17 9.92 -16.39
N TRP C 182 -33.76 10.05 -17.58
CA TRP C 182 -34.21 8.88 -18.34
C TRP C 182 -33.32 8.63 -19.54
N GLY C 184 -30.15 9.87 -20.28
CA GLY C 184 -28.76 9.55 -20.01
C GLY C 184 -28.11 10.06 -18.74
N ASP C 185 -28.90 10.45 -17.74
CA ASP C 185 -28.33 10.90 -16.48
C ASP C 185 -28.42 9.77 -15.37
N ASP C 186 -29.11 10.03 -14.26
CA ASP C 186 -29.11 9.08 -13.10
C ASP C 186 -29.98 7.84 -13.14
N TRP C 187 -31.27 7.99 -13.39
CA TRP C 187 -32.20 6.85 -13.26
C TRP C 187 -32.11 5.79 -14.34
N PHE C 188 -32.07 6.23 -15.59
CA PHE C 188 -31.93 5.31 -16.73
C PHE C 188 -30.92 5.90 -17.72
N ASN C 189 -30.49 5.07 -18.64
CA ASN C 189 -29.62 5.48 -19.76
C ASN C 189 -30.26 4.79 -20.98
N TYR C 190 -30.90 5.57 -21.84
CA TYR C 190 -31.62 5.06 -23.02
C TYR C 190 -32.61 3.94 -22.61
N GLY C 191 -33.31 4.15 -21.50
CA GLY C 191 -34.32 3.22 -21.03
C GLY C 191 -33.83 2.08 -20.13
N ALA C 192 -32.52 1.82 -20.09
CA ALA C 192 -31.96 0.76 -19.23
C ALA C 192 -31.85 1.30 -17.80
N PHE C 193 -32.51 0.61 -16.85
CA PHE C 193 -32.56 1.06 -15.45
C PHE C 193 -31.25 0.85 -14.68
N ARG C 194 -30.87 1.85 -13.89
CA ARG C 194 -29.62 1.84 -13.13
C ARG C 194 -29.84 1.43 -11.65
N GLN C 195 -29.44 0.20 -11.33
CA GLN C 195 -29.62 -0.38 -10.00
C GLN C 195 -28.70 0.19 -8.93
N VAL C 196 -27.65 0.89 -9.36
CA VAL C 196 -26.71 1.54 -8.42
C VAL C 196 -27.45 2.55 -7.50
N ASN C 197 -28.58 3.08 -7.97
CA ASN C 197 -29.34 4.09 -7.23
C ASN C 197 -30.32 3.55 -6.18
N PHE C 198 -30.41 2.24 -6.02
CA PHE C 198 -31.30 1.68 -5.00
C PHE C 198 -30.88 2.19 -3.61
N ASP C 199 -29.57 2.23 -3.36
CA ASP C 199 -29.03 2.73 -2.06
C ASP C 199 -29.26 4.22 -1.89
N TYR C 200 -29.30 4.96 -3.01
CA TYR C 200 -29.56 6.39 -2.99
C TYR C 200 -31.01 6.66 -2.54
N PHE C 201 -31.93 5.77 -2.96
CA PHE C 201 -33.35 5.90 -2.61
C PHE C 201 -33.56 5.83 -1.11
N THR C 202 -32.99 4.82 -0.45
CA THR C 202 -33.12 4.70 1.00
C THR C 202 -32.25 5.74 1.72
N GLY C 203 -31.14 6.10 1.11
CA GLY C 203 -30.24 7.08 1.70
C GLY C 203 -30.82 8.49 1.76
N GLN C 204 -31.65 8.83 0.77
CA GLN C 204 -32.22 10.20 0.68
C GLN C 204 -33.73 10.29 0.97
N LEU C 205 -34.44 9.16 0.86
CA LEU C 205 -35.91 9.17 1.03
C LEU C 205 -36.43 8.46 2.29
N SER C 206 -35.53 7.85 3.09
CA SER C 206 -35.94 7.15 4.33
C SER C 206 -36.38 8.12 5.42
N LYS C 207 -35.63 9.20 5.56
CA LYS C 207 -35.93 10.23 6.56
C LYS C 207 -35.63 11.61 6.01
N ARG C 208 -36.09 12.63 6.73
CA ARG C 208 -35.84 14.00 6.35
C ARG C 208 -34.34 14.22 6.27
N GLY C 209 -33.62 13.70 7.27
CA GLY C 209 -32.18 13.81 7.35
C GLY C 209 -31.44 12.60 6.77
N LYS C 210 -30.37 12.19 7.45
CA LYS C 210 -29.53 11.08 7.02
C LYS C 210 -30.28 9.75 7.00
N GLY C 211 -30.12 9.01 5.92
CA GLY C 211 -30.73 7.71 5.75
C GLY C 211 -29.66 6.61 5.83
N ALA C 212 -29.89 5.54 5.10
CA ALA C 212 -28.94 4.43 5.05
C ALA C 212 -29.10 3.66 3.76
N GLY C 213 -28.15 2.78 3.49
CA GLY C 213 -28.21 1.94 2.32
C GLY C 213 -29.13 0.76 2.59
N ILE C 214 -29.25 -0.12 1.62
CA ILE C 214 -30.09 -1.31 1.75
C ILE C 214 -29.22 -2.46 2.23
N ALA C 215 -29.69 -3.18 3.25
CA ALA C 215 -28.98 -4.33 3.78
C ALA C 215 -28.93 -5.40 2.70
N ARG C 216 -27.74 -5.97 2.51
CA ARG C 216 -27.51 -7.00 1.49
C ARG C 216 -27.43 -8.39 2.08
N GLN C 217 -27.69 -9.37 1.25
CA GLN C 217 -27.56 -10.76 1.65
C GLN C 217 -26.07 -11.11 1.70
N GLY C 218 -25.31 -10.52 0.76
CA GLY C 218 -23.88 -10.77 0.66
C GLY C 218 -23.05 -9.60 0.15
N HIS C 219 -21.76 -9.87 -0.05
CA HIS C 219 -20.79 -8.87 -0.46
C HIS C 219 -20.84 -8.50 -1.94
N ASP C 220 -21.06 -9.50 -2.78
CA ASP C 220 -21.06 -9.33 -4.23
C ASP C 220 -22.42 -8.98 -4.77
N ASP C 221 -22.55 -7.76 -5.29
CA ASP C 221 -23.82 -7.29 -5.87
C ASP C 221 -24.15 -8.01 -7.16
N TYR C 222 -23.15 -8.57 -7.83
CA TYR C 222 -23.40 -9.37 -9.00
C TYR C 222 -24.30 -10.53 -8.54
N SER C 223 -23.93 -11.15 -7.42
CA SER C 223 -24.70 -12.24 -6.85
C SER C 223 -25.99 -11.75 -6.17
N ASN C 224 -25.94 -10.65 -5.43
CA ASN C 224 -27.13 -10.13 -4.72
C ASN C 224 -28.31 -9.87 -5.66
N PHE C 225 -28.03 -9.21 -6.77
CA PHE C 225 -29.08 -8.86 -7.72
C PHE C 225 -29.53 -10.06 -8.57
N LEU C 226 -28.58 -10.89 -8.99
CA LEU C 226 -28.89 -12.05 -9.81
C LEU C 226 -29.79 -13.05 -9.02
N GLN C 227 -29.46 -13.27 -7.75
CA GLN C 227 -30.23 -14.16 -6.89
C GLN C 227 -31.64 -13.61 -6.61
N ALA C 228 -31.75 -12.28 -6.52
CA ALA C 228 -33.04 -11.64 -6.24
C ALA C 228 -33.99 -11.70 -7.44
N GLY C 229 -33.41 -11.75 -8.66
CA GLY C 229 -34.20 -11.81 -9.88
C GLY C 229 -34.23 -10.47 -10.61
N SER C 230 -35.43 -9.95 -10.84
CA SER C 230 -35.60 -8.66 -11.51
C SER C 230 -35.31 -7.51 -10.56
N ALA C 231 -35.30 -6.29 -11.10
CA ALA C 231 -35.08 -5.10 -10.29
C ALA C 231 -36.25 -4.94 -9.32
N GLY C 232 -37.45 -5.24 -9.80
CA GLY C 232 -38.65 -5.15 -8.99
C GLY C 232 -38.62 -6.14 -7.83
N ASP C 233 -38.03 -7.31 -8.05
CA ASP C 233 -37.91 -8.34 -6.99
C ASP C 233 -36.97 -7.87 -5.90
N PHE C 234 -35.85 -7.25 -6.30
CA PHE C 234 -34.89 -6.75 -5.35
C PHE C 234 -35.49 -5.63 -4.51
N ALA C 235 -36.18 -4.72 -5.17
CA ALA C 235 -36.79 -3.59 -4.51
C ALA C 235 -37.87 -4.03 -3.53
N LYS C 236 -38.69 -4.99 -3.96
CA LYS C 236 -39.78 -5.50 -3.12
C LYS C 236 -39.24 -6.14 -1.84
N ALA C 237 -38.19 -6.94 -1.99
CA ALA C 237 -37.57 -7.62 -0.86
C ALA C 237 -36.89 -6.62 0.09
N ALA C 238 -36.48 -5.47 -0.45
CA ALA C 238 -35.83 -4.42 0.34
C ALA C 238 -36.84 -3.48 1.01
N GLY C 239 -38.13 -3.61 0.66
CA GLY C 239 -39.20 -2.80 1.24
C GLY C 239 -39.41 -1.45 0.54
N LEU C 240 -38.87 -1.32 -0.67
CA LEU C 240 -38.94 -0.05 -1.43
C LEU C 240 -40.32 0.35 -1.96
N GLU C 241 -41.31 -0.54 -1.87
CA GLU C 241 -42.65 -0.20 -2.33
C GLU C 241 -43.35 0.80 -1.35
N GLN C 242 -42.67 1.10 -0.24
CA GLN C 242 -43.14 2.11 0.72
C GLN C 242 -42.76 3.51 0.19
N LEU C 243 -41.82 3.57 -0.75
CA LEU C 243 -41.35 4.82 -1.33
C LEU C 243 -42.11 5.19 -2.59
N PRO C 244 -42.82 6.33 -2.57
CA PRO C 244 -43.54 6.78 -3.76
C PRO C 244 -42.63 6.91 -4.97
N TRP C 245 -41.37 7.30 -4.76
CA TRP C 245 -40.41 7.44 -5.87
C TRP C 245 -40.25 6.14 -6.63
N TRP C 246 -40.17 5.03 -5.91
CA TRP C 246 -40.05 3.73 -6.55
C TRP C 246 -41.29 3.46 -7.43
N HIS C 247 -42.47 3.83 -6.93
CA HIS C 247 -43.71 3.65 -7.69
C HIS C 247 -43.71 4.53 -8.96
N LYS C 248 -43.13 5.72 -8.87
CA LYS C 248 -43.05 6.63 -10.01
C LYS C 248 -42.13 6.04 -11.11
N LEU C 249 -41.04 5.41 -10.69
CA LEU C 249 -40.10 4.82 -11.63
C LEU C 249 -40.72 3.65 -12.42
N THR C 250 -41.37 2.73 -11.69
CA THR C 250 -41.97 1.55 -12.32
C THR C 250 -43.24 1.86 -13.12
N GLU C 251 -43.94 2.95 -12.76
CA GLU C 251 -45.17 3.36 -13.48
C GLU C 251 -44.80 4.14 -14.75
N HIS C 252 -43.55 4.59 -14.83
CA HIS C 252 -43.07 5.33 -15.99
C HIS C 252 -41.74 4.74 -16.47
N ALA C 253 -41.79 3.47 -16.87
CA ALA C 253 -40.61 2.76 -17.36
C ALA C 253 -40.16 3.31 -18.71
N ALA C 254 -41.13 3.79 -19.52
CA ALA C 254 -40.83 4.36 -20.83
C ALA C 254 -40.71 5.89 -20.71
N TYR C 255 -40.22 6.52 -21.78
CA TYR C 255 -40.04 7.98 -21.82
C TYR C 255 -41.37 8.68 -22.12
N ASP C 256 -42.27 8.67 -21.14
CA ASP C 256 -43.59 9.26 -21.29
C ASP C 256 -43.62 10.71 -20.78
N ALA C 257 -44.81 11.30 -20.69
CA ALA C 257 -44.97 12.70 -20.26
C ALA C 257 -44.28 13.03 -18.91
N PHE C 258 -44.25 12.06 -18.00
CA PHE C 258 -43.60 12.25 -16.69
C PHE C 258 -42.11 12.66 -16.85
N TRP C 259 -41.40 11.97 -17.73
CA TRP C 259 -39.97 12.25 -17.98
C TRP C 259 -39.74 13.41 -18.97
N GLN C 260 -40.59 13.50 -19.99
CA GLN C 260 -40.48 14.58 -21.00
C GLN C 260 -40.62 15.96 -20.36
N GLU C 261 -41.56 16.07 -19.42
CA GLU C 261 -41.83 17.34 -18.72
C GLU C 261 -40.75 17.69 -17.67
N GLN C 262 -39.85 16.74 -17.39
CA GLN C 262 -38.77 16.94 -16.43
C GLN C 262 -37.41 17.21 -17.13
N ALA C 263 -37.32 16.96 -18.44
CA ALA C 263 -36.08 17.18 -19.19
C ALA C 263 -35.72 18.66 -19.19
N LEU C 264 -34.68 19.01 -18.43
CA LEU C 264 -34.28 20.40 -18.27
C LEU C 264 -33.55 20.99 -19.47
N ASP C 265 -33.01 20.16 -20.34
CA ASP C 265 -32.34 20.69 -21.55
C ASP C 265 -33.40 21.23 -22.53
N LYS C 266 -34.59 20.63 -22.50
CA LYS C 266 -35.71 21.10 -23.33
C LYS C 266 -36.16 22.45 -22.77
N VAL C 267 -36.16 22.58 -21.44
CA VAL C 267 -36.54 23.83 -20.77
C VAL C 267 -35.51 24.94 -21.07
N ALA C 269 -33.80 25.17 -23.72
CA ALA C 269 -33.95 25.52 -25.15
C ALA C 269 -34.93 26.70 -25.35
N ARG C 270 -35.90 26.84 -24.44
CA ARG C 270 -36.87 27.95 -24.51
C ARG C 270 -36.66 28.96 -23.35
N THR C 271 -35.45 28.96 -22.78
CA THR C 271 -35.10 29.87 -21.69
C THR C 271 -34.15 30.94 -22.23
N PRO C 272 -34.54 32.21 -22.15
CA PRO C 272 -33.69 33.31 -22.63
C PRO C 272 -32.31 33.33 -21.96
N LEU C 273 -31.26 33.58 -22.75
CA LEU C 273 -29.90 33.69 -22.22
C LEU C 273 -29.69 35.08 -21.63
N LYS C 274 -29.53 35.14 -20.31
CA LYS C 274 -29.30 36.43 -19.61
C LYS C 274 -28.20 36.32 -18.54
N VAL C 275 -28.13 35.18 -17.85
CA VAL C 275 -27.12 34.95 -16.84
C VAL C 275 -25.95 34.17 -17.45
N PRO C 276 -24.73 34.72 -17.39
CA PRO C 276 -23.55 34.01 -17.90
C PRO C 276 -23.50 32.64 -17.22
N THR C 277 -23.55 31.57 -18.01
CA THR C 277 -23.60 30.22 -17.48
C THR C 277 -22.49 29.34 -18.03
N TRP C 279 -21.60 25.47 -18.25
CA TRP C 279 -22.00 24.07 -18.16
C TRP C 279 -20.76 23.21 -18.01
N LEU C 280 -20.70 22.43 -16.95
CA LEU C 280 -19.52 21.62 -16.66
C LEU C 280 -19.87 20.17 -16.34
N GLN C 281 -18.97 19.27 -16.73
CA GLN C 281 -19.12 17.84 -16.41
C GLN C 281 -17.81 17.13 -16.69
N GLY C 282 -17.74 15.87 -16.28
CA GLY C 282 -16.57 15.08 -16.53
C GLY C 282 -16.76 14.33 -17.81
N LEU C 283 -15.67 14.07 -18.52
CA LEU C 283 -15.73 13.28 -19.76
C LEU C 283 -16.12 11.84 -19.37
N TRP C 284 -15.73 11.45 -18.16
CA TRP C 284 -16.07 10.13 -17.62
C TRP C 284 -17.06 10.29 -16.47
N ASP C 285 -18.07 11.15 -16.66
CA ASP C 285 -19.07 11.38 -15.64
C ASP C 285 -20.01 10.17 -15.57
N GLN C 286 -19.75 9.31 -14.58
CA GLN C 286 -20.49 8.07 -14.43
C GLN C 286 -21.91 8.20 -13.83
N GLU C 287 -22.34 9.42 -13.49
CA GLU C 287 -23.69 9.64 -12.93
C GLU C 287 -24.58 10.58 -13.78
N ASP C 288 -23.98 11.64 -14.33
CA ASP C 288 -24.73 12.61 -15.16
C ASP C 288 -23.95 12.97 -16.45
N TRP C 290 -25.13 12.94 -19.52
CA TRP C 290 -26.00 13.64 -20.49
C TRP C 290 -26.17 15.14 -20.28
N GLY C 291 -26.42 15.51 -19.04
CA GLY C 291 -26.78 16.87 -18.65
C GLY C 291 -26.10 18.10 -19.21
N ALA C 292 -24.88 18.36 -18.76
CA ALA C 292 -24.16 19.58 -19.12
C ALA C 292 -23.98 19.81 -20.62
N ILE C 293 -23.52 18.80 -21.34
CA ILE C 293 -23.27 18.94 -22.79
C ILE C 293 -24.57 19.16 -23.59
N HIS C 294 -25.64 18.49 -23.21
CA HIS C 294 -26.92 18.63 -23.91
C HIS C 294 -27.57 19.98 -23.58
N SER C 295 -27.38 20.48 -22.36
CA SER C 295 -27.94 21.77 -21.94
C SER C 295 -27.16 22.90 -22.60
N TYR C 296 -25.84 22.69 -22.75
CA TYR C 296 -24.98 23.66 -23.39
C TYR C 296 -25.38 23.83 -24.85
N ALA C 297 -25.66 22.70 -25.51
CA ALA C 297 -26.02 22.71 -26.94
C ALA C 297 -27.40 23.32 -27.18
N ALA C 298 -28.28 23.23 -26.19
CA ALA C 298 -29.64 23.77 -26.30
C ALA C 298 -29.67 25.29 -26.20
N GLU C 300 -26.42 27.28 -26.87
CA GLU C 300 -25.30 27.83 -27.62
C GLU C 300 -25.65 28.59 -28.93
N PRO C 301 -26.60 28.09 -29.72
CA PRO C 301 -26.99 28.79 -30.94
C PRO C 301 -27.48 30.24 -30.69
N ARG C 302 -28.00 30.53 -29.48
CA ARG C 302 -28.49 31.87 -29.13
C ARG C 302 -27.47 32.71 -28.34
N ASP C 303 -26.24 32.19 -28.22
CA ASP C 303 -25.15 32.90 -27.54
C ASP C 303 -24.45 33.72 -28.65
N LYS C 304 -25.11 34.79 -29.08
CA LYS C 304 -24.67 35.64 -30.20
C LYS C 304 -23.22 36.12 -30.15
N ARG C 305 -22.79 36.64 -29.02
CA ARG C 305 -21.42 37.16 -28.86
C ARG C 305 -20.44 36.15 -28.21
N ASN C 306 -20.93 34.94 -27.95
CA ASN C 306 -20.09 33.88 -27.35
C ASN C 306 -19.56 34.23 -25.95
N THR C 307 -20.35 34.98 -25.17
CA THR C 307 -19.93 35.41 -23.82
C THR C 307 -20.96 35.11 -22.69
N LEU C 308 -21.99 34.33 -23.00
CA LEU C 308 -23.03 33.99 -22.00
C LEU C 308 -23.24 32.47 -21.77
N ASN C 309 -22.66 31.64 -22.63
CA ASN C 309 -22.83 30.19 -22.56
C ASN C 309 -21.50 29.49 -22.77
N TYR C 310 -21.01 28.82 -21.73
CA TYR C 310 -19.71 28.19 -21.76
C TYR C 310 -19.79 26.69 -21.52
N LEU C 311 -18.77 25.96 -21.98
CA LEU C 311 -18.68 24.52 -21.79
C LEU C 311 -17.34 24.15 -21.17
N VAL C 312 -17.38 23.24 -20.20
CA VAL C 312 -16.18 22.73 -19.54
C VAL C 312 -16.33 21.22 -19.38
N GLY C 314 -13.70 18.19 -18.26
CA GLY C 314 -12.38 17.75 -17.84
C GLY C 314 -12.26 16.23 -17.83
N PRO C 315 -11.06 15.72 -17.49
CA PRO C 315 -10.82 14.27 -17.45
C PRO C 315 -11.22 13.78 -16.08
N TRP C 316 -12.51 13.89 -15.79
CA TRP C 316 -13.01 13.65 -14.49
C TRP C 316 -14.14 12.66 -14.39
N ARG C 317 -14.26 12.08 -13.21
CA ARG C 317 -15.38 11.25 -12.90
C ARG C 317 -16.37 12.22 -12.29
N HIS C 318 -17.55 11.74 -11.95
CA HIS C 318 -18.60 12.57 -11.38
C HIS C 318 -18.14 13.35 -10.13
N SER C 319 -18.25 14.69 -10.21
CA SER C 319 -17.88 15.62 -9.12
C SER C 319 -16.36 15.72 -8.79
N GLN C 320 -15.50 15.12 -9.61
CA GLN C 320 -14.04 15.19 -9.35
C GLN C 320 -13.50 16.63 -9.51
N VAL C 321 -14.29 17.50 -10.15
CA VAL C 321 -13.93 18.90 -10.32
C VAL C 321 -13.70 19.60 -8.95
N ASN C 322 -14.34 19.08 -7.89
CA ASN C 322 -14.22 19.65 -6.55
C ASN C 322 -13.23 18.91 -5.63
N TYR C 323 -12.42 18.03 -6.21
CA TYR C 323 -11.40 17.30 -5.47
C TYR C 323 -10.08 17.38 -6.27
N ASP C 324 -9.31 16.29 -6.30
CA ASP C 324 -8.01 16.26 -6.99
C ASP C 324 -8.17 15.59 -8.38
N GLY C 325 -7.87 16.35 -9.43
CA GLY C 325 -7.96 15.85 -10.81
C GLY C 325 -6.63 15.45 -11.42
N SER C 326 -5.67 15.03 -10.59
CA SER C 326 -4.35 14.63 -11.06
C SER C 326 -4.36 13.24 -11.64
N ALA C 327 -5.36 12.45 -11.28
CA ALA C 327 -5.47 11.09 -11.76
C ALA C 327 -6.89 10.55 -11.59
N LEU C 328 -7.16 9.47 -12.29
CA LEU C 328 -8.42 8.77 -12.20
C LEU C 328 -8.12 7.30 -12.49
N GLY C 329 -8.15 6.47 -11.44
CA GLY C 329 -7.81 5.09 -11.57
C GLY C 329 -6.35 5.00 -11.98
N ALA C 330 -6.06 4.18 -12.99
CA ALA C 330 -4.69 3.98 -13.47
C ALA C 330 -4.20 5.13 -14.36
N LEU C 331 -5.11 6.04 -14.73
CA LEU C 331 -4.75 7.17 -15.58
C LEU C 331 -4.15 8.34 -14.80
N ASN C 332 -3.08 8.91 -15.33
CA ASN C 332 -2.45 10.06 -14.73
C ASN C 332 -2.55 11.22 -15.70
N PHE C 333 -2.93 12.38 -15.19
CA PHE C 333 -3.10 13.57 -15.99
C PHE C 333 -2.00 14.58 -15.67
N GLU C 334 -1.91 15.63 -16.48
CA GLU C 334 -0.87 16.63 -16.31
C GLU C 334 -1.24 17.66 -15.27
N GLY C 335 -0.96 17.32 -14.01
CA GLY C 335 -1.23 18.19 -12.89
C GLY C 335 -2.65 18.02 -12.38
N ASP C 336 -2.97 18.74 -11.32
CA ASP C 336 -4.29 18.70 -10.72
C ASP C 336 -5.23 19.49 -11.63
N THR C 337 -5.84 18.80 -12.59
CA THR C 337 -6.72 19.43 -13.58
C THR C 337 -7.96 20.08 -12.95
N ALA C 338 -8.38 19.58 -11.79
CA ALA C 338 -9.52 20.13 -11.09
C ALA C 338 -9.14 21.49 -10.51
N ARG C 339 -7.98 21.54 -9.86
CA ARG C 339 -7.48 22.79 -9.28
C ARG C 339 -7.20 23.79 -10.39
N GLN C 340 -6.70 23.30 -11.53
CA GLN C 340 -6.40 24.13 -12.68
C GLN C 340 -7.66 24.82 -13.17
N PHE C 341 -8.76 24.09 -13.25
CA PHE C 341 -10.00 24.67 -13.69
C PHE C 341 -10.50 25.69 -12.68
N ARG C 342 -10.51 25.30 -11.41
CA ARG C 342 -11.02 26.17 -10.36
C ARG C 342 -10.28 27.50 -10.26
N HIS C 343 -8.95 27.46 -10.35
CA HIS C 343 -8.11 28.67 -10.21
C HIS C 343 -7.95 29.50 -11.48
N ASP C 344 -7.71 28.83 -12.60
CA ASP C 344 -7.44 29.51 -13.90
C ASP C 344 -8.68 29.97 -14.67
N VAL C 345 -9.80 29.27 -14.49
CA VAL C 345 -11.02 29.56 -15.25
C VAL C 345 -12.21 29.99 -14.39
N LEU C 346 -12.55 29.21 -13.38
CA LEU C 346 -13.70 29.50 -12.53
C LEU C 346 -13.56 30.77 -11.72
N ARG C 347 -12.41 30.93 -11.06
CA ARG C 347 -12.20 32.09 -10.20
C ARG C 347 -12.31 33.45 -10.96
N PRO C 348 -11.56 33.62 -12.07
CA PRO C 348 -11.65 34.86 -12.86
C PRO C 348 -13.06 35.09 -13.46
N PHE C 349 -13.74 34.00 -13.82
CA PHE C 349 -15.10 34.07 -14.39
C PHE C 349 -16.09 34.63 -13.34
N PHE C 350 -16.00 34.10 -12.12
CA PHE C 350 -16.87 34.55 -11.02
C PHE C 350 -16.50 35.96 -10.58
N ASP C 351 -15.19 36.23 -10.49
CA ASP C 351 -14.69 37.55 -10.08
C ASP C 351 -15.22 38.64 -11.01
N GLN C 352 -15.23 38.36 -12.31
CA GLN C 352 -15.69 39.32 -13.31
C GLN C 352 -17.10 39.82 -13.04
N TYR C 353 -17.98 38.90 -12.63
CA TYR C 353 -19.39 39.24 -12.38
C TYR C 353 -19.78 39.47 -10.92
N LEU C 354 -18.88 39.20 -9.98
CA LEU C 354 -19.22 39.28 -8.55
C LEU C 354 -18.36 40.20 -7.68
N VAL C 355 -17.08 40.33 -8.01
CA VAL C 355 -16.16 41.15 -7.24
C VAL C 355 -16.05 42.58 -7.81
N ASP C 356 -16.34 43.56 -6.95
CA ASP C 356 -16.28 44.99 -7.33
C ASP C 356 -14.89 45.37 -7.83
N GLY C 357 -14.83 45.98 -9.02
CA GLY C 357 -13.57 46.44 -9.61
C GLY C 357 -12.75 45.36 -10.32
N ALA C 358 -13.22 44.11 -10.30
CA ALA C 358 -12.50 43.02 -10.96
C ALA C 358 -12.56 43.17 -12.48
N PRO C 359 -11.49 42.80 -13.16
CA PRO C 359 -11.45 42.90 -14.62
C PRO C 359 -12.20 41.78 -15.28
N LYS C 360 -12.46 41.93 -16.57
CA LYS C 360 -13.10 40.90 -17.32
C LYS C 360 -12.07 39.79 -17.50
N ALA C 361 -12.54 38.55 -17.50
CA ALA C 361 -11.66 37.42 -17.68
C ALA C 361 -11.72 36.98 -19.12
N ASP C 362 -10.61 36.44 -19.62
CA ASP C 362 -10.56 35.94 -20.99
C ASP C 362 -10.98 34.46 -20.95
N THR C 363 -12.21 34.23 -20.49
CA THR C 363 -12.76 32.89 -20.35
C THR C 363 -12.89 32.21 -21.72
N PRO C 364 -12.30 31.04 -21.88
CA PRO C 364 -12.41 30.32 -23.15
C PRO C 364 -13.85 29.81 -23.31
N PRO C 365 -14.49 30.08 -24.46
CA PRO C 365 -15.86 29.61 -24.70
C PRO C 365 -16.01 28.10 -24.41
N VAL C 366 -14.96 27.34 -24.69
CA VAL C 366 -14.92 25.90 -24.44
C VAL C 366 -13.57 25.56 -23.79
N PHE C 367 -13.62 24.84 -22.68
CA PHE C 367 -12.44 24.41 -21.95
C PHE C 367 -12.59 22.91 -21.85
N ILE C 368 -11.86 22.18 -22.69
CA ILE C 368 -12.00 20.72 -22.77
C ILE C 368 -10.64 20.00 -22.82
N TYR C 369 -10.51 18.95 -22.03
CA TYR C 369 -9.28 18.20 -21.93
C TYR C 369 -9.18 17.12 -22.98
N ASN C 370 -7.98 16.98 -23.56
CA ASN C 370 -7.71 15.93 -24.51
C ASN C 370 -7.12 14.78 -23.70
N THR C 371 -7.92 13.74 -23.52
CA THR C 371 -7.53 12.58 -22.72
C THR C 371 -6.46 11.68 -23.37
N GLY C 372 -6.14 11.95 -24.63
CA GLY C 372 -5.09 11.21 -25.33
C GLY C 372 -3.74 11.93 -25.38
N GLU C 373 -3.78 13.28 -25.44
CA GLU C 373 -2.56 14.10 -25.49
C GLU C 373 -2.22 14.69 -24.11
N ASN C 374 -3.14 14.56 -23.17
CA ASN C 374 -2.97 15.05 -21.81
C ASN C 374 -2.70 16.56 -21.67
N HIS C 375 -3.66 17.35 -22.13
CA HIS C 375 -3.58 18.82 -22.01
C HIS C 375 -4.94 19.43 -22.27
N TRP C 376 -5.15 20.63 -21.74
CA TRP C 376 -6.39 21.34 -21.93
C TRP C 376 -6.43 21.97 -23.33
N ASP C 377 -7.64 22.13 -23.86
CA ASP C 377 -7.87 22.78 -25.15
C ASP C 377 -8.78 23.98 -24.90
N ARG C 378 -8.39 25.14 -25.38
CA ARG C 378 -9.19 26.36 -25.27
C ARG C 378 -9.75 26.60 -26.68
N LEU C 379 -11.06 26.42 -26.84
CA LEU C 379 -11.72 26.55 -28.15
C LEU C 379 -12.86 27.53 -28.12
N LYS C 380 -13.29 27.95 -29.32
CA LYS C 380 -14.39 28.88 -29.48
C LYS C 380 -15.73 28.15 -29.66
N ALA C 381 -15.66 26.86 -30.00
CA ALA C 381 -16.85 26.07 -30.23
C ALA C 381 -16.65 24.55 -30.02
N TRP C 382 -17.75 23.86 -29.84
CA TRP C 382 -17.77 22.40 -29.64
C TRP C 382 -19.16 21.88 -30.08
N PRO C 383 -19.22 20.72 -30.76
CA PRO C 383 -18.05 19.89 -31.13
C PRO C 383 -17.26 20.39 -32.33
N ARG C 384 -16.04 19.88 -32.47
CA ARG C 384 -15.15 20.24 -33.59
C ARG C 384 -15.48 19.40 -34.81
N SER C 385 -16.12 18.25 -34.60
CA SER C 385 -16.48 17.35 -35.67
C SER C 385 -17.83 16.68 -35.42
N CYS C 386 -18.67 16.64 -36.46
CA CYS C 386 -19.99 16.01 -36.40
C CYS C 386 -20.47 15.68 -37.82
N ASP C 387 -21.62 15.02 -37.93
CA ASP C 387 -22.18 14.63 -39.23
C ASP C 387 -22.33 15.82 -40.20
N LYS C 388 -22.75 16.98 -39.67
CA LYS C 388 -22.93 18.19 -40.51
C LYS C 388 -23.05 19.47 -39.66
N GLY C 389 -22.41 20.55 -40.12
CA GLY C 389 -22.45 21.83 -39.44
C GLY C 389 -21.19 22.18 -38.64
N CYS C 390 -20.22 21.26 -38.61
CA CYS C 390 -18.97 21.47 -37.88
C CYS C 390 -17.78 21.70 -38.82
N ALA C 391 -16.65 22.09 -38.25
CA ALA C 391 -15.43 22.37 -39.02
C ALA C 391 -14.89 21.10 -39.69
N ALA C 392 -15.13 19.96 -39.05
CA ALA C 392 -14.72 18.66 -39.60
C ALA C 392 -15.94 17.77 -39.71
N THR C 393 -15.88 16.78 -40.60
CA THR C 393 -16.98 15.87 -40.82
C THR C 393 -16.64 14.47 -40.33
N SER C 394 -17.62 13.83 -39.69
CA SER C 394 -17.42 12.51 -39.14
C SER C 394 -17.13 11.46 -40.22
N LYS C 395 -16.32 10.47 -39.87
CA LYS C 395 -15.97 9.39 -40.77
C LYS C 395 -16.47 8.06 -40.18
N PRO C 396 -17.18 7.25 -40.99
CA PRO C 396 -17.67 5.95 -40.51
C PRO C 396 -16.53 4.97 -40.20
N LEU C 397 -16.56 4.38 -38.99
CA LEU C 397 -15.58 3.38 -38.58
C LEU C 397 -16.34 2.06 -38.55
N TYR C 398 -16.10 1.25 -39.57
CA TYR C 398 -16.82 -0.02 -39.74
C TYR C 398 -16.30 -1.20 -38.95
N LEU C 399 -17.23 -1.91 -38.33
CA LEU C 399 -16.91 -3.16 -37.63
C LEU C 399 -16.75 -4.16 -38.78
N GLN C 400 -15.73 -5.00 -38.69
CA GLN C 400 -15.43 -5.95 -39.77
C GLN C 400 -15.42 -7.39 -39.30
N ALA C 401 -15.65 -8.31 -40.23
CA ALA C 401 -15.63 -9.71 -39.94
C ALA C 401 -14.24 -10.09 -39.50
N GLY C 402 -14.15 -11.08 -38.61
CA GLY C 402 -12.86 -11.52 -38.10
C GLY C 402 -12.37 -10.65 -36.95
N GLY C 403 -13.28 -9.84 -36.39
CA GLY C 403 -12.94 -8.98 -35.27
C GLY C 403 -12.00 -7.86 -35.65
N LYS C 404 -12.14 -7.35 -36.87
CA LYS C 404 -11.31 -6.25 -37.34
C LYS C 404 -12.12 -4.96 -37.30
N LEU C 405 -11.46 -3.85 -37.56
CA LEU C 405 -12.10 -2.54 -37.49
C LEU C 405 -11.31 -1.56 -38.37
N SER C 406 -12.01 -0.82 -39.23
CA SER C 406 -11.34 0.14 -40.14
C SER C 406 -12.31 1.17 -40.75
N PHE C 407 -11.75 2.15 -41.45
CA PHE C 407 -12.54 3.21 -42.09
C PHE C 407 -13.00 2.81 -43.52
N GLN C 408 -12.58 1.63 -43.98
CA GLN C 408 -12.96 1.14 -45.29
C GLN C 408 -14.24 0.31 -45.18
N PRO C 409 -15.25 0.62 -46.01
CA PRO C 409 -16.51 -0.15 -46.00
C PRO C 409 -16.25 -1.65 -46.14
N PRO C 410 -17.14 -2.50 -45.61
CA PRO C 410 -16.95 -3.94 -45.72
C PRO C 410 -16.91 -4.41 -47.19
N VAL C 411 -16.04 -5.37 -47.48
CA VAL C 411 -15.94 -5.94 -48.82
C VAL C 411 -16.71 -7.27 -48.84
N ALA C 412 -17.27 -7.62 -50.00
CA ALA C 412 -18.04 -8.85 -50.14
C ALA C 412 -17.12 -10.07 -50.11
N GLY C 413 -17.72 -11.25 -49.90
CA GLY C 413 -16.98 -12.50 -49.85
C GLY C 413 -16.51 -12.91 -48.45
N GLN C 414 -17.17 -12.37 -47.43
CA GLN C 414 -16.84 -12.67 -46.02
C GLN C 414 -18.11 -12.98 -45.21
N ALA C 415 -17.92 -13.35 -43.95
CA ALA C 415 -19.05 -13.63 -43.07
C ALA C 415 -19.85 -12.35 -42.93
N GLY C 416 -21.17 -12.46 -43.08
CA GLY C 416 -22.05 -11.31 -43.01
C GLY C 416 -22.26 -10.77 -41.61
N PHE C 417 -21.91 -11.56 -40.59
CA PHE C 417 -22.09 -11.14 -39.20
C PHE C 417 -21.21 -11.90 -38.21
N GLU C 418 -21.17 -11.39 -36.98
CA GLU C 418 -20.46 -12.02 -35.87
C GLU C 418 -21.54 -12.39 -34.87
N GLU C 419 -21.50 -13.61 -34.37
CA GLU C 419 -22.53 -14.13 -33.49
C GLU C 419 -22.07 -14.42 -32.05
N TYR C 420 -22.98 -14.22 -31.11
CA TYR C 420 -22.74 -14.53 -29.69
C TYR C 420 -24.06 -14.75 -28.97
N VAL C 421 -24.03 -15.61 -27.96
CA VAL C 421 -25.22 -15.88 -27.17
C VAL C 421 -25.17 -15.05 -25.90
N SER C 422 -26.27 -14.36 -25.62
CA SER C 422 -26.40 -13.56 -24.43
C SER C 422 -27.27 -14.33 -23.46
N ASP C 423 -26.71 -14.68 -22.32
CA ASP C 423 -27.41 -15.45 -21.31
C ASP C 423 -27.68 -14.55 -20.06
N PRO C 424 -28.95 -14.20 -19.80
CA PRO C 424 -29.29 -13.38 -18.62
C PRO C 424 -28.91 -14.02 -17.28
N ALA C 425 -28.85 -15.36 -17.22
CA ALA C 425 -28.47 -16.06 -15.99
C ALA C 425 -26.97 -15.90 -15.68
N LYS C 426 -26.20 -15.58 -16.72
CA LYS C 426 -24.76 -15.39 -16.60
C LYS C 426 -24.36 -14.11 -17.36
N PRO C 427 -24.75 -12.96 -16.80
CA PRO C 427 -24.51 -11.67 -17.46
C PRO C 427 -23.06 -11.23 -17.42
N VAL C 428 -22.72 -10.30 -18.29
CA VAL C 428 -21.38 -9.76 -18.35
C VAL C 428 -21.25 -8.72 -17.25
N PRO C 429 -20.23 -8.86 -16.39
CA PRO C 429 -20.03 -7.90 -15.32
C PRO C 429 -19.47 -6.56 -15.83
N PHE C 430 -19.98 -5.44 -15.29
CA PHE C 430 -19.54 -4.10 -15.72
C PHE C 430 -18.22 -3.71 -15.11
N VAL C 431 -17.86 -4.39 -14.01
CA VAL C 431 -16.58 -4.25 -13.32
C VAL C 431 -16.23 -5.64 -12.77
N PRO C 432 -14.96 -5.90 -12.47
CA PRO C 432 -14.58 -7.20 -11.93
C PRO C 432 -15.33 -7.58 -10.64
N ARG C 433 -15.71 -8.85 -10.53
CA ARG C 433 -16.36 -9.36 -9.34
C ARG C 433 -15.28 -9.54 -8.26
N PRO C 434 -15.64 -9.39 -6.98
CA PRO C 434 -16.99 -9.02 -6.54
C PRO C 434 -17.27 -7.53 -6.70
N VAL C 435 -18.53 -7.21 -6.98
CA VAL C 435 -18.98 -5.84 -7.18
C VAL C 435 -19.57 -5.28 -5.91
N ASP C 436 -19.05 -4.17 -5.45
CA ASP C 436 -19.54 -3.51 -4.24
C ASP C 436 -19.92 -2.08 -4.58
N PHE C 437 -21.22 -1.82 -4.76
CA PHE C 437 -21.70 -0.46 -5.13
C PHE C 437 -21.27 0.60 -4.08
N ALA C 438 -21.14 0.18 -2.83
CA ALA C 438 -20.73 1.07 -1.73
C ALA C 438 -19.24 1.51 -1.85
N ASP C 439 -18.40 0.63 -2.42
CA ASP C 439 -16.97 0.94 -2.62
C ASP C 439 -16.84 2.12 -3.59
N ARG C 440 -16.60 3.30 -3.03
CA ARG C 440 -16.46 4.54 -3.79
C ARG C 440 -15.36 4.49 -4.82
N ALA C 441 -14.25 3.83 -4.49
CA ALA C 441 -13.13 3.70 -5.42
C ALA C 441 -13.54 2.96 -6.69
N TRP C 443 -16.75 2.52 -7.92
CA TRP C 443 -17.78 3.26 -8.63
C TRP C 443 -17.25 4.49 -9.41
N THR C 444 -16.38 5.27 -8.78
CA THR C 444 -15.83 6.48 -9.41
C THR C 444 -14.86 6.19 -10.57
N THR C 445 -14.28 4.99 -10.60
CA THR C 445 -13.29 4.64 -11.64
C THR C 445 -13.72 3.54 -12.61
N TRP C 446 -14.97 3.10 -12.53
CA TRP C 446 -15.43 2.00 -13.41
C TRP C 446 -15.35 2.32 -14.90
N LEU C 447 -15.64 3.56 -15.28
CA LEU C 447 -15.63 3.97 -16.69
C LEU C 447 -14.24 4.00 -17.36
N VAL C 448 -13.17 4.02 -16.56
CA VAL C 448 -11.80 4.00 -17.12
C VAL C 448 -11.07 2.68 -16.84
N HIS C 449 -11.78 1.73 -16.25
CA HIS C 449 -11.20 0.42 -15.92
C HIS C 449 -10.82 -0.36 -17.19
N ASP C 450 -9.68 -1.02 -17.13
CA ASP C 450 -9.20 -1.88 -18.19
C ASP C 450 -10.33 -2.90 -18.52
N GLN C 451 -10.68 -3.02 -19.80
CA GLN C 451 -11.76 -3.94 -20.21
C GLN C 451 -11.28 -5.36 -20.56
N ARG C 452 -10.01 -5.68 -20.29
CA ARG C 452 -9.49 -7.02 -20.57
C ARG C 452 -10.12 -8.10 -19.65
N PHE C 453 -10.73 -7.66 -18.52
CA PHE C 453 -11.40 -8.58 -17.60
C PHE C 453 -12.64 -9.23 -18.25
N VAL C 454 -13.13 -8.65 -19.35
CA VAL C 454 -14.26 -9.23 -20.13
C VAL C 454 -13.89 -9.51 -21.60
N ASP C 455 -12.74 -9.02 -22.06
CA ASP C 455 -12.30 -9.27 -23.42
C ASP C 455 -11.85 -10.72 -23.48
N GLY C 456 -12.42 -11.47 -24.40
CA GLY C 456 -12.14 -12.88 -24.53
C GLY C 456 -13.31 -13.73 -24.02
N ARG C 457 -14.33 -13.07 -23.47
CA ARG C 457 -15.54 -13.78 -23.03
C ARG C 457 -16.33 -14.07 -24.32
N PRO C 458 -16.94 -15.26 -24.41
CA PRO C 458 -17.74 -15.62 -25.60
C PRO C 458 -18.95 -14.73 -25.85
N ASP C 459 -19.47 -14.09 -24.79
CA ASP C 459 -20.66 -13.20 -24.90
C ASP C 459 -20.30 -11.70 -25.01
N VAL C 460 -19.07 -11.42 -25.45
CA VAL C 460 -18.61 -10.07 -25.70
C VAL C 460 -17.84 -10.11 -27.03
N LEU C 461 -18.27 -9.31 -28.00
CA LEU C 461 -17.59 -9.24 -29.30
C LEU C 461 -16.52 -8.18 -29.25
N THR C 462 -15.38 -8.47 -29.84
CA THR C 462 -14.26 -7.55 -29.88
C THR C 462 -13.81 -7.29 -31.31
N PHE C 463 -13.78 -6.01 -31.68
CA PHE C 463 -13.33 -5.55 -32.98
C PHE C 463 -12.17 -4.60 -32.72
N VAL C 464 -11.07 -4.77 -33.46
CA VAL C 464 -9.89 -3.96 -33.22
C VAL C 464 -9.11 -3.66 -34.50
N THR C 465 -8.46 -2.50 -34.53
CA THR C 465 -7.66 -2.09 -35.67
C THR C 465 -6.26 -2.55 -35.46
N GLU C 466 -5.44 -2.39 -36.50
CA GLU C 466 -4.04 -2.69 -36.41
C GLU C 466 -3.47 -1.49 -35.64
N PRO C 467 -2.23 -1.58 -35.15
CA PRO C 467 -1.63 -0.46 -34.44
C PRO C 467 -1.57 0.78 -35.36
N LEU C 468 -1.90 1.95 -34.81
CA LEU C 468 -1.89 3.18 -35.57
C LEU C 468 -0.45 3.63 -35.81
N THR C 469 -0.19 4.18 -37.00
CA THR C 469 1.15 4.72 -37.32
C THR C 469 1.13 6.26 -37.22
N GLU C 470 -0.08 6.84 -37.31
CA GLU C 470 -0.28 8.29 -37.18
C GLU C 470 -1.37 8.54 -36.12
N PRO C 471 -1.30 9.66 -35.41
CA PRO C 471 -2.31 9.98 -34.40
C PRO C 471 -3.71 10.15 -35.02
N LEU C 472 -4.74 9.60 -34.36
CA LEU C 472 -6.13 9.73 -34.81
C LEU C 472 -6.85 10.52 -33.75
N GLN C 473 -7.27 11.73 -34.10
CA GLN C 473 -7.92 12.61 -33.16
C GLN C 473 -9.41 12.70 -33.39
N ILE C 474 -10.19 12.47 -32.32
CA ILE C 474 -11.65 12.59 -32.38
C ILE C 474 -12.07 13.70 -31.41
N ALA C 475 -13.09 14.47 -31.77
CA ALA C 475 -13.52 15.59 -30.97
C ALA C 475 -14.99 15.87 -31.17
N GLY C 476 -15.82 15.02 -30.61
CA GLY C 476 -17.26 15.17 -30.70
C GLY C 476 -17.98 14.03 -30.03
N ALA C 477 -19.21 13.78 -30.44
CA ALA C 477 -20.03 12.72 -29.89
C ALA C 477 -20.15 11.61 -30.91
N PRO C 478 -19.48 10.47 -30.69
CA PRO C 478 -19.60 9.34 -31.61
C PRO C 478 -21.03 8.87 -31.67
N ASP C 479 -21.46 8.36 -32.80
CA ASP C 479 -22.82 7.89 -32.97
C ASP C 479 -22.81 6.45 -33.45
N VAL C 480 -23.44 5.56 -32.69
CA VAL C 480 -23.51 4.16 -33.05
C VAL C 480 -24.57 3.91 -34.13
N HIS C 481 -24.19 3.17 -35.17
CA HIS C 481 -25.10 2.77 -36.23
C HIS C 481 -25.00 1.26 -36.30
N LEU C 482 -25.58 0.62 -35.29
CA LEU C 482 -25.53 -0.82 -35.17
C LEU C 482 -26.63 -1.54 -35.96
N GLN C 483 -26.21 -2.54 -36.72
CA GLN C 483 -27.14 -3.40 -37.44
C GLN C 483 -27.05 -4.73 -36.72
N ALA C 484 -28.09 -5.10 -35.98
CA ALA C 484 -28.05 -6.34 -35.22
C ALA C 484 -29.42 -7.02 -35.05
N SER C 485 -29.38 -8.34 -34.87
CA SER C 485 -30.58 -9.13 -34.67
C SER C 485 -30.48 -9.95 -33.40
N THR C 486 -31.61 -10.36 -32.89
CA THR C 486 -31.67 -11.21 -31.70
C THR C 486 -32.73 -12.25 -31.93
N SER C 487 -32.48 -13.47 -31.45
CA SER C 487 -33.43 -14.55 -31.59
C SER C 487 -34.61 -14.37 -30.61
N GLY C 488 -34.43 -13.48 -29.63
CA GLY C 488 -35.47 -13.17 -28.68
C GLY C 488 -36.37 -12.06 -29.24
N SER C 489 -37.14 -11.41 -28.38
CA SER C 489 -38.04 -10.30 -28.79
C SER C 489 -37.69 -8.97 -28.08
N ASP C 490 -36.52 -8.94 -27.47
CA ASP C 490 -36.01 -7.75 -26.78
C ASP C 490 -34.52 -7.99 -26.51
N SER C 491 -33.77 -6.93 -26.27
CA SER C 491 -32.34 -7.05 -25.99
C SER C 491 -31.74 -5.68 -25.69
N ASP C 492 -30.65 -5.68 -24.94
CA ASP C 492 -29.90 -4.47 -24.67
C ASP C 492 -28.67 -4.56 -25.55
N TRP C 493 -28.16 -3.41 -25.95
CA TRP C 493 -26.97 -3.35 -26.78
C TRP C 493 -25.99 -2.37 -26.15
N VAL C 494 -24.84 -2.89 -25.74
CA VAL C 494 -23.80 -2.10 -25.12
C VAL C 494 -22.64 -1.97 -26.10
N VAL C 495 -22.21 -0.73 -26.36
CA VAL C 495 -21.08 -0.48 -27.25
C VAL C 495 -20.02 0.36 -26.54
N LYS C 496 -18.77 -0.09 -26.61
CA LYS C 496 -17.67 0.58 -25.97
C LYS C 496 -16.63 0.97 -27.00
N LEU C 497 -16.27 2.25 -27.02
CA LEU C 497 -15.21 2.75 -27.90
C LEU C 497 -13.98 2.78 -27.02
N ILE C 498 -12.98 1.99 -27.37
CA ILE C 498 -11.82 1.80 -26.56
C ILE C 498 -10.52 2.21 -27.19
N ASP C 499 -9.61 2.71 -26.37
CA ASP C 499 -8.27 3.03 -26.77
C ASP C 499 -7.41 1.93 -26.17
N VAL C 500 -6.86 1.06 -27.01
CA VAL C 500 -5.98 0.01 -26.55
C VAL C 500 -4.55 0.56 -26.56
N TYR C 501 -3.92 0.61 -25.40
CA TYR C 501 -2.57 1.13 -25.29
C TYR C 501 -1.61 0.17 -25.96
N PRO C 502 -0.41 0.65 -26.33
CA PRO C 502 0.60 -0.22 -26.95
C PRO C 502 0.80 -1.46 -26.08
N GLU C 503 0.90 -2.62 -26.72
CA GLU C 503 1.04 -3.89 -25.99
C GLU C 503 2.08 -3.83 -24.84
N GLU C 504 3.17 -3.08 -25.05
CA GLU C 504 4.19 -2.89 -24.01
C GLU C 504 4.29 -1.39 -23.66
N ALA C 506 6.86 -0.03 -21.04
CA ALA C 506 7.93 -0.27 -20.06
C ALA C 506 8.08 0.79 -18.94
N SER C 507 7.75 2.04 -19.23
CA SER C 507 7.84 3.13 -18.23
C SER C 507 6.66 3.08 -17.22
N ASN C 508 5.60 2.37 -17.58
CA ASN C 508 4.41 2.19 -16.71
C ASN C 508 3.81 0.82 -17.09
N PRO C 509 4.50 -0.27 -16.71
CA PRO C 509 4.16 -1.65 -17.12
C PRO C 509 2.69 -2.05 -17.14
N LYS C 510 1.92 -1.65 -16.12
CA LYS C 510 0.48 -2.01 -16.03
C LYS C 510 -0.39 -1.49 -17.21
N GLY C 512 0.48 -1.60 -20.35
CA GLY C 512 0.74 -2.38 -21.54
C GLY C 512 -0.50 -3.16 -21.99
N GLY C 513 -1.06 -2.76 -23.14
CA GLY C 513 -2.23 -3.42 -23.69
C GLY C 513 -3.55 -3.06 -23.00
N TYR C 514 -3.49 -2.05 -22.12
CA TYR C 514 -4.65 -1.60 -21.33
C TYR C 514 -5.78 -1.16 -22.26
N GLU C 515 -6.98 -1.71 -22.04
CA GLU C 515 -8.15 -1.37 -22.84
C GLU C 515 -9.01 -0.30 -22.13
N LEU C 516 -8.69 0.96 -22.40
CA LEU C 516 -9.37 2.10 -21.79
C LEU C 516 -10.64 2.50 -22.55
N PRO C 517 -11.81 2.42 -21.92
CA PRO C 517 -13.02 2.87 -22.59
C PRO C 517 -13.09 4.39 -22.62
N VAL C 518 -12.90 4.96 -23.81
CA VAL C 518 -12.98 6.41 -23.99
C VAL C 518 -14.44 6.84 -23.89
N SER C 519 -15.31 6.03 -24.46
CA SER C 519 -16.72 6.32 -24.49
C SER C 519 -17.55 5.03 -24.63
N LEU C 520 -18.60 4.89 -23.81
CA LEU C 520 -19.46 3.71 -23.89
C LEU C 520 -20.88 4.04 -23.48
N ALA C 521 -21.82 3.23 -23.95
CA ALA C 521 -23.23 3.41 -23.64
C ALA C 521 -24.02 2.13 -23.81
N ILE C 522 -25.20 2.12 -23.21
CA ILE C 522 -26.11 0.99 -23.34
C ILE C 522 -27.44 1.50 -23.90
N PHE C 523 -28.07 0.70 -24.73
CA PHE C 523 -29.32 1.08 -25.34
C PHE C 523 -30.31 -0.06 -25.17
N ARG C 524 -31.47 0.25 -24.56
CA ARG C 524 -32.51 -0.76 -24.34
C ARG C 524 -33.30 -0.90 -25.66
N GLY C 525 -33.07 -2.04 -26.33
CA GLY C 525 -33.65 -2.37 -27.66
C GLY C 525 -35.12 -2.14 -27.91
N ARG C 526 -35.96 -2.31 -26.90
CA ARG C 526 -37.40 -2.11 -27.06
C ARG C 526 -37.75 -0.66 -27.50
N TYR C 527 -36.82 0.28 -27.31
CA TYR C 527 -37.01 1.69 -27.68
C TYR C 527 -36.35 2.08 -29.03
N ARG C 528 -36.07 1.08 -29.87
CA ARG C 528 -35.40 1.29 -31.17
C ARG C 528 -36.09 2.36 -32.03
N GLU C 529 -37.40 2.22 -32.20
CA GLU C 529 -38.19 3.16 -33.01
C GLU C 529 -38.77 4.34 -32.21
N SER C 530 -38.94 4.16 -30.91
CA SER C 530 -39.49 5.22 -30.05
C SER C 530 -39.17 5.00 -28.58
N PHE C 531 -38.77 6.06 -27.90
CA PHE C 531 -38.46 5.99 -26.47
C PHE C 531 -39.73 5.97 -25.62
N SER C 532 -40.80 6.59 -26.11
CA SER C 532 -42.09 6.67 -25.37
C SER C 532 -43.00 5.45 -25.58
N THR C 533 -42.87 4.79 -26.73
CA THR C 533 -43.71 3.66 -27.08
C THR C 533 -42.85 2.44 -27.43
N PRO C 534 -42.57 1.59 -26.44
CA PRO C 534 -41.76 0.40 -26.68
C PRO C 534 -42.46 -0.62 -27.58
N LYS C 535 -41.66 -1.41 -28.30
CA LYS C 535 -42.18 -2.42 -29.23
C LYS C 535 -41.20 -3.61 -29.26
N PRO C 536 -41.71 -4.84 -29.37
CA PRO C 536 -40.84 -6.01 -29.45
C PRO C 536 -39.99 -6.02 -30.72
N LEU C 537 -38.80 -6.58 -30.61
CA LEU C 537 -37.92 -6.72 -31.75
C LEU C 537 -38.35 -7.97 -32.50
N THR C 538 -38.29 -7.91 -33.82
CA THR C 538 -38.64 -9.06 -34.65
C THR C 538 -37.51 -10.05 -34.54
N SER C 539 -37.84 -11.30 -34.20
CA SER C 539 -36.82 -12.34 -34.01
C SER C 539 -36.02 -12.66 -35.28
N ASN C 540 -34.69 -12.76 -35.11
CA ASN C 540 -33.74 -13.09 -36.18
C ASN C 540 -33.67 -12.11 -37.36
N GLN C 541 -34.25 -10.92 -37.18
CA GLN C 541 -34.24 -9.91 -38.24
C GLN C 541 -33.21 -8.80 -37.92
N PRO C 542 -32.29 -8.52 -38.85
CA PRO C 542 -31.33 -7.42 -38.65
C PRO C 542 -32.07 -6.08 -38.60
N LEU C 543 -31.87 -5.32 -37.53
CA LEU C 543 -32.54 -4.02 -37.36
C LEU C 543 -31.52 -2.95 -37.04
N ALA C 544 -31.84 -1.71 -37.42
CA ALA C 544 -30.95 -0.58 -37.21
C ALA C 544 -31.17 0.06 -35.84
N PHE C 545 -30.10 0.17 -35.07
CA PHE C 545 -30.12 0.82 -33.77
C PHE C 545 -29.19 1.99 -33.85
N GLN C 546 -29.68 3.17 -33.51
CA GLN C 546 -28.87 4.37 -33.56
C GLN C 546 -28.94 5.10 -32.23
N PHE C 547 -27.77 5.36 -31.63
CA PHE C 547 -27.68 6.06 -30.36
C PHE C 547 -26.27 6.61 -30.14
N GLY C 548 -26.20 7.75 -29.48
CA GLY C 548 -24.93 8.39 -29.24
C GLY C 548 -24.12 7.83 -28.09
N LEU C 549 -22.81 7.89 -28.23
CA LEU C 549 -21.90 7.51 -27.18
C LEU C 549 -21.45 8.82 -26.54
N PRO C 550 -21.03 8.77 -25.30
CA PRO C 550 -20.53 9.97 -24.62
C PRO C 550 -19.47 10.73 -25.42
N THR C 551 -19.45 12.03 -25.23
CA THR C 551 -18.50 12.91 -25.88
C THR C 551 -17.06 12.50 -25.61
N ALA C 552 -16.20 12.73 -26.59
CA ALA C 552 -14.80 12.43 -26.48
C ALA C 552 -13.92 13.47 -27.18
N ASN C 553 -12.87 13.89 -26.49
CA ASN C 553 -11.84 14.76 -27.03
C ASN C 553 -10.62 13.93 -26.76
N HIS C 554 -10.34 13.00 -27.65
CA HIS C 554 -9.30 12.03 -27.42
C HIS C 554 -8.48 11.70 -28.65
N THR C 555 -7.17 11.77 -28.50
CA THR C 555 -6.27 11.40 -29.58
C THR C 555 -5.72 9.99 -29.33
N PHE C 556 -5.98 9.08 -30.27
CA PHE C 556 -5.42 7.74 -30.22
C PHE C 556 -4.01 7.90 -30.80
N GLN C 557 -3.00 7.75 -29.96
CA GLN C 557 -1.61 7.98 -30.38
C GLN C 557 -1.02 6.78 -31.16
N PRO C 558 0.09 7.01 -31.88
CA PRO C 558 0.74 5.92 -32.62
C PRO C 558 1.12 4.78 -31.67
N GLY C 559 0.92 3.54 -32.11
CA GLY C 559 1.21 2.38 -31.28
C GLY C 559 -0.06 1.86 -30.61
N HIS C 560 -1.06 2.73 -30.46
CA HIS C 560 -2.34 2.35 -29.86
C HIS C 560 -3.22 1.76 -30.94
N ARG C 561 -4.30 1.11 -30.53
CA ARG C 561 -5.29 0.58 -31.46
C ARG C 561 -6.63 1.14 -31.05
N VAL C 562 -7.56 1.19 -31.99
CA VAL C 562 -8.93 1.57 -31.68
C VAL C 562 -9.67 0.26 -31.56
N VAL C 564 -13.63 -1.69 -30.43
CA VAL C 564 -15.03 -1.60 -30.13
C VAL C 564 -15.47 -2.92 -29.53
N GLN C 565 -16.13 -2.87 -28.38
CA GLN C 565 -16.66 -4.07 -27.77
C GLN C 565 -18.18 -3.96 -27.79
N VAL C 566 -18.85 -5.06 -28.11
CA VAL C 566 -20.30 -5.13 -28.13
C VAL C 566 -20.76 -6.28 -27.23
N GLN C 567 -21.73 -6.00 -26.38
CA GLN C 567 -22.31 -7.01 -25.49
C GLN C 567 -23.78 -6.67 -25.27
N SER C 568 -24.51 -7.54 -24.56
CA SER C 568 -25.95 -7.34 -24.33
C SER C 568 -26.35 -7.27 -22.85
N SER C 569 -25.36 -7.09 -21.99
CA SER C 569 -25.59 -6.90 -20.55
C SER C 569 -24.42 -6.11 -19.96
N LEU C 570 -24.68 -5.46 -18.83
CA LEU C 570 -23.71 -4.60 -18.14
C LEU C 570 -24.23 -4.60 -16.71
N PHE C 571 -23.97 -5.71 -16.02
CA PHE C 571 -24.54 -6.05 -14.74
C PHE C 571 -23.53 -6.04 -13.56
N PRO C 572 -23.96 -5.72 -12.33
CA PRO C 572 -25.36 -5.36 -11.98
C PRO C 572 -25.75 -3.87 -12.12
N LEU C 573 -24.91 -3.02 -12.71
CA LEU C 573 -25.24 -1.60 -12.87
C LEU C 573 -26.59 -1.43 -13.55
N TYR C 574 -26.83 -2.21 -14.60
CA TYR C 574 -28.09 -2.16 -15.33
C TYR C 574 -28.82 -3.46 -15.14
N ASP C 575 -30.13 -3.39 -14.90
CA ASP C 575 -30.91 -4.59 -14.75
C ASP C 575 -30.90 -5.35 -16.08
N ARG C 576 -31.01 -6.66 -16.00
CA ARG C 576 -30.93 -7.50 -17.17
C ARG C 576 -32.17 -7.44 -18.03
N ASN C 577 -31.96 -7.36 -19.33
CA ASN C 577 -33.03 -7.41 -20.27
C ASN C 577 -33.35 -8.91 -20.36
N PRO C 578 -34.60 -9.31 -20.07
CA PRO C 578 -34.98 -10.72 -20.09
C PRO C 578 -34.83 -11.38 -21.47
N GLN C 579 -34.82 -10.56 -22.50
CA GLN C 579 -34.66 -10.99 -23.89
C GLN C 579 -35.90 -11.63 -24.50
N THR C 580 -37.01 -11.48 -23.80
CA THR C 580 -38.33 -11.82 -24.30
C THR C 580 -39.12 -10.56 -23.96
N TYR C 581 -39.95 -10.11 -24.87
CA TYR C 581 -40.70 -8.87 -24.66
C TYR C 581 -41.76 -9.02 -23.59
N VAL C 582 -41.66 -8.18 -22.56
CA VAL C 582 -42.63 -8.15 -21.47
C VAL C 582 -43.10 -6.68 -21.34
N PRO C 583 -44.29 -6.45 -20.80
CA PRO C 583 -44.83 -5.08 -20.67
C PRO C 583 -43.93 -4.14 -19.85
N ASN C 584 -43.38 -4.65 -18.75
CA ASN C 584 -42.54 -3.88 -17.86
C ASN C 584 -41.37 -4.76 -17.33
N ILE C 585 -40.15 -4.44 -17.76
CA ILE C 585 -38.95 -5.22 -17.34
C ILE C 585 -38.71 -5.18 -15.81
N PHE C 586 -39.18 -4.13 -15.15
CA PHE C 586 -39.06 -4.04 -13.69
C PHE C 586 -39.72 -5.27 -13.02
N PHE C 587 -40.82 -5.75 -13.60
CA PHE C 587 -41.55 -6.89 -13.04
C PHE C 587 -41.47 -8.17 -13.88
N ALA C 588 -40.35 -8.36 -14.57
CA ALA C 588 -40.14 -9.55 -15.35
C ALA C 588 -40.16 -10.77 -14.42
N LYS C 589 -40.74 -11.87 -14.90
CA LYS C 589 -40.86 -13.12 -14.13
C LYS C 589 -39.65 -14.04 -14.45
N PRO C 590 -39.36 -15.01 -13.58
CA PRO C 590 -38.23 -15.93 -13.79
C PRO C 590 -38.19 -16.58 -15.18
N GLY C 591 -39.36 -17.01 -15.68
CA GLY C 591 -39.45 -17.67 -16.99
C GLY C 591 -39.32 -16.73 -18.20
N ASP C 592 -39.40 -15.42 -17.97
CA ASP C 592 -39.26 -14.44 -19.06
C ASP C 592 -37.79 -14.32 -19.52
N TYR C 593 -36.85 -14.65 -18.62
CA TYR C 593 -35.42 -14.57 -18.93
C TYR C 593 -34.98 -15.76 -19.77
N GLN C 594 -34.52 -15.48 -20.99
CA GLN C 594 -34.10 -16.52 -21.91
C GLN C 594 -32.84 -16.12 -22.67
N LYS C 595 -32.04 -17.13 -23.00
CA LYS C 595 -30.86 -16.93 -23.79
C LYS C 595 -31.31 -16.47 -25.18
N ALA C 596 -30.46 -15.74 -25.86
CA ALA C 596 -30.77 -15.25 -27.18
C ALA C 596 -29.52 -15.19 -28.03
N THR C 597 -29.65 -15.63 -29.28
CA THR C 597 -28.55 -15.59 -30.21
C THR C 597 -28.52 -14.22 -30.86
N GLN C 598 -27.43 -13.48 -30.59
CA GLN C 598 -27.25 -12.12 -31.09
C GLN C 598 -26.32 -12.11 -32.28
N ARG C 599 -26.60 -11.25 -33.25
CA ARG C 599 -25.77 -11.14 -34.44
C ARG C 599 -25.51 -9.69 -34.78
N VAL C 600 -24.23 -9.31 -34.83
CA VAL C 600 -23.83 -7.96 -35.21
C VAL C 600 -23.37 -8.03 -36.67
N TYR C 601 -24.13 -7.42 -37.56
CA TYR C 601 -23.85 -7.47 -38.99
C TYR C 601 -22.74 -6.54 -39.43
N VAL C 602 -21.86 -7.07 -40.27
CA VAL C 602 -20.69 -6.37 -40.77
C VAL C 602 -20.55 -6.55 -42.32
N SER C 603 -21.68 -6.71 -42.99
CA SER C 603 -21.70 -6.92 -44.45
C SER C 603 -21.84 -5.58 -45.19
N PRO C 604 -21.52 -5.56 -46.50
CA PRO C 604 -21.68 -4.34 -47.29
C PRO C 604 -23.13 -3.84 -47.31
N GLU C 605 -24.09 -4.76 -47.28
CA GLU C 605 -25.53 -4.43 -47.33
C GLU C 605 -26.08 -3.92 -45.99
N GLN C 606 -25.54 -4.44 -44.88
CA GLN C 606 -25.97 -4.05 -43.54
C GLN C 606 -24.72 -3.88 -42.65
N PRO C 607 -23.97 -2.79 -42.88
CA PRO C 607 -22.74 -2.55 -42.15
C PRO C 607 -22.93 -1.85 -40.82
N SER C 608 -22.38 -2.41 -39.76
CA SER C 608 -22.42 -1.78 -38.45
C SER C 608 -21.23 -0.87 -38.40
N TYR C 609 -21.41 0.32 -37.87
CA TYR C 609 -20.32 1.28 -37.78
C TYR C 609 -20.60 2.34 -36.75
N ILE C 610 -19.58 3.10 -36.43
CA ILE C 610 -19.70 4.20 -35.52
C ILE C 610 -19.29 5.45 -36.26
N SER C 611 -20.16 6.45 -36.29
CA SER C 611 -19.84 7.72 -36.92
C SER C 611 -18.88 8.42 -35.96
N LEU C 612 -17.59 8.32 -36.27
CA LEU C 612 -16.55 8.87 -35.44
C LEU C 612 -16.28 10.32 -35.77
N PRO C 613 -16.26 11.20 -34.76
CA PRO C 613 -16.01 12.62 -34.97
C PRO C 613 -14.51 12.95 -35.17
N VAL C 614 -13.94 12.46 -36.25
CA VAL C 614 -12.53 12.65 -36.55
C VAL C 614 -12.26 14.10 -36.99
N ARG C 615 -11.05 14.58 -36.70
CA ARG C 615 -10.64 15.92 -37.10
C ARG C 615 -9.17 15.93 -37.54
N THR D 2 16.14 -36.82 -31.08
CA THR D 2 17.09 -36.21 -30.10
C THR D 2 17.39 -37.20 -28.97
N SER D 3 18.66 -37.59 -28.85
CA SER D 3 19.06 -38.53 -27.80
C SER D 3 18.80 -37.92 -26.40
N PRO D 4 18.36 -38.74 -25.44
CA PRO D 4 18.08 -38.25 -24.08
C PRO D 4 19.31 -37.68 -23.37
N THR D 6 21.75 -36.04 -24.84
CA THR D 6 22.26 -34.86 -25.53
C THR D 6 22.26 -33.72 -24.52
N PRO D 7 23.43 -33.11 -24.26
CA PRO D 7 23.51 -32.00 -23.31
C PRO D 7 22.50 -30.90 -23.64
N ASP D 8 21.71 -30.51 -22.66
CA ASP D 8 20.68 -29.47 -22.85
C ASP D 8 21.28 -28.06 -22.92
N ILE D 9 22.52 -27.90 -22.45
CA ILE D 9 23.27 -26.67 -22.61
C ILE D 9 24.31 -27.08 -23.66
N THR D 10 24.17 -26.56 -24.87
CA THR D 10 25.02 -26.95 -26.02
C THR D 10 26.45 -26.43 -25.97
N GLY D 11 26.69 -25.35 -25.24
CA GLY D 11 28.01 -24.75 -25.17
C GLY D 11 28.14 -23.58 -26.14
N LYS D 12 27.35 -23.60 -27.22
CA LYS D 12 27.36 -22.52 -28.22
C LYS D 12 26.43 -21.39 -27.72
N PRO D 13 26.72 -20.15 -28.12
CA PRO D 13 25.92 -19.00 -27.67
C PRO D 13 24.44 -19.09 -28.10
N PHE D 14 23.53 -18.79 -27.17
CA PHE D 14 22.10 -18.81 -27.45
C PHE D 14 21.74 -17.48 -28.07
N VAL D 15 21.42 -17.51 -29.35
CA VAL D 15 21.04 -16.31 -30.07
C VAL D 15 19.58 -16.00 -29.84
N ALA D 16 19.30 -14.91 -29.14
CA ALA D 16 17.92 -14.50 -28.88
C ALA D 16 17.29 -14.06 -30.19
N ALA D 17 15.98 -14.23 -30.31
CA ALA D 17 15.26 -13.85 -31.50
C ALA D 17 15.29 -12.33 -31.68
N ASP D 18 15.49 -11.88 -32.92
CA ASP D 18 15.55 -10.45 -33.23
C ASP D 18 14.76 -10.07 -34.52
N ALA D 19 14.08 -11.04 -35.13
CA ALA D 19 13.34 -10.81 -36.37
C ALA D 19 12.28 -9.72 -36.21
N SER D 20 11.53 -9.78 -35.11
CA SER D 20 10.45 -8.81 -34.86
C SER D 20 10.93 -7.44 -34.27
N ASN D 21 12.22 -7.32 -33.97
CA ASN D 21 12.77 -6.07 -33.43
C ASN D 21 12.58 -4.92 -34.42
N ASP D 22 12.30 -3.72 -33.92
CA ASP D 22 12.15 -2.53 -34.79
C ASP D 22 13.43 -1.69 -34.70
N TYR D 23 14.51 -2.32 -34.23
CA TYR D 23 15.81 -1.69 -34.09
C TYR D 23 16.91 -2.71 -34.41
N ILE D 24 18.13 -2.22 -34.50
CA ILE D 24 19.31 -3.05 -34.73
C ILE D 24 20.33 -2.66 -33.68
N LYS D 25 20.86 -3.63 -32.95
CA LYS D 25 21.86 -3.38 -31.94
C LYS D 25 23.19 -3.95 -32.41
N ARG D 26 24.20 -3.09 -32.48
CA ARG D 26 25.54 -3.49 -32.89
C ARG D 26 26.55 -3.12 -31.81
N GLU D 27 27.45 -4.05 -31.50
CA GLU D 27 28.49 -3.82 -30.52
C GLU D 27 29.83 -3.76 -31.26
N VAL D 28 30.65 -2.78 -30.91
CA VAL D 28 31.94 -2.58 -31.57
C VAL D 28 33.01 -2.12 -30.60
N ILE D 30 35.88 0.17 -30.46
CA ILE D 30 36.50 1.32 -31.13
C ILE D 30 37.90 1.59 -30.58
N PRO D 31 38.94 1.50 -31.43
CA PRO D 31 40.30 1.78 -30.99
C PRO D 31 40.51 3.28 -30.68
N ARG D 33 43.23 6.53 -29.40
CA ARG D 33 44.54 7.09 -29.83
C ARG D 33 45.71 6.14 -29.53
N ASP D 34 45.69 5.57 -28.32
CA ASP D 34 46.77 4.68 -27.85
C ASP D 34 46.55 3.16 -28.07
N GLY D 35 45.57 2.81 -28.91
CA GLY D 35 45.30 1.40 -29.21
C GLY D 35 44.28 0.70 -28.29
N VAL D 36 44.00 1.29 -27.13
CA VAL D 36 43.04 0.72 -26.18
C VAL D 36 41.60 0.83 -26.76
N LYS D 37 40.93 -0.31 -26.89
CA LYS D 37 39.58 -0.35 -27.47
C LYS D 37 38.48 -0.20 -26.43
N LEU D 38 37.46 0.59 -26.74
CA LEU D 38 36.33 0.83 -25.84
C LEU D 38 35.04 0.21 -26.39
N HIS D 39 34.39 -0.61 -25.56
CA HIS D 39 33.15 -1.27 -25.92
C HIS D 39 32.05 -0.22 -26.16
N THR D 40 31.47 -0.25 -27.35
CA THR D 40 30.46 0.73 -27.75
C THR D 40 29.22 0.02 -28.30
N VAL D 41 28.06 0.37 -27.76
CA VAL D 41 26.79 -0.21 -28.17
C VAL D 41 26.01 0.81 -28.97
N ILE D 42 25.64 0.45 -30.19
CA ILE D 42 24.90 1.35 -31.10
C ILE D 42 23.53 0.76 -31.39
N VAL D 43 22.48 1.52 -31.08
CA VAL D 43 21.11 1.11 -31.31
C VAL D 43 20.50 2.00 -32.38
N LEU D 44 20.23 1.42 -33.54
CA LEU D 44 19.67 2.16 -34.66
C LEU D 44 18.25 1.72 -34.93
N PRO D 45 17.36 2.66 -35.20
CA PRO D 45 16.00 2.28 -35.61
C PRO D 45 16.10 1.60 -36.98
N LYS D 46 15.28 0.61 -37.24
CA LYS D 46 15.33 -0.07 -38.54
C LYS D 46 14.94 0.94 -39.62
N GLY D 47 15.67 0.91 -40.73
CA GLY D 47 15.44 1.82 -41.83
C GLY D 47 16.02 3.22 -41.56
N ALA D 48 16.99 3.30 -40.65
CA ALA D 48 17.63 4.57 -40.31
C ALA D 48 18.46 5.08 -41.47
N LYS D 49 18.25 6.35 -41.82
CA LYS D 49 18.97 6.99 -42.93
C LYS D 49 19.17 8.47 -42.58
N ASN D 50 20.42 8.94 -42.68
CA ASN D 50 20.77 10.34 -42.36
C ASN D 50 20.27 10.71 -40.95
N ALA D 51 20.40 9.77 -40.02
CA ALA D 51 19.95 9.96 -38.65
C ALA D 51 21.08 10.46 -37.75
N PRO D 52 20.79 11.43 -36.90
CA PRO D 52 21.77 11.95 -35.95
C PRO D 52 22.05 10.94 -34.84
N ILE D 53 23.17 11.09 -34.16
CA ILE D 53 23.57 10.19 -33.09
C ILE D 53 23.58 10.91 -31.75
N VAL D 54 23.06 10.25 -30.72
CA VAL D 54 23.08 10.77 -29.35
C VAL D 54 24.01 9.84 -28.60
N LEU D 55 25.12 10.38 -28.10
CA LEU D 55 26.14 9.58 -27.43
C LEU D 55 26.26 9.85 -25.94
N THR D 56 26.50 8.77 -25.20
CA THR D 56 26.71 8.85 -23.76
C THR D 56 27.86 7.90 -23.40
N ARG D 57 28.79 8.39 -22.59
CA ARG D 57 29.93 7.60 -22.15
C ARG D 57 29.72 7.35 -20.66
N THR D 58 29.73 6.08 -20.26
CA THR D 58 29.37 5.69 -18.93
C THR D 58 30.24 4.60 -18.29
N PRO D 59 30.39 4.65 -16.95
CA PRO D 59 31.06 3.59 -16.19
C PRO D 59 30.00 2.62 -15.56
N TYR D 60 28.75 2.67 -16.08
CA TYR D 60 27.65 1.87 -15.53
C TYR D 60 27.07 0.83 -16.50
N ASP D 61 27.95 0.20 -17.29
CA ASP D 61 27.57 -0.89 -18.21
C ASP D 61 26.72 -0.43 -19.42
N ALA D 62 27.37 -0.18 -20.56
CA ALA D 62 26.68 0.27 -21.78
C ALA D 62 25.64 -0.74 -22.26
N SER D 63 25.95 -2.02 -22.11
CA SER D 63 25.00 -3.08 -22.51
C SER D 63 23.74 -3.03 -21.61
N GLY D 64 23.95 -2.81 -20.32
CA GLY D 64 22.87 -2.71 -19.37
C GLY D 64 22.03 -1.45 -19.57
N ARG D 65 22.70 -0.36 -19.95
CA ARG D 65 22.02 0.93 -20.16
C ARG D 65 21.16 0.93 -21.42
N THR D 66 21.46 0.01 -22.35
CA THR D 66 20.70 -0.12 -23.58
C THR D 66 19.73 -1.32 -23.51
N GLU D 67 19.42 -1.77 -22.29
CA GLU D 67 18.47 -2.85 -22.07
C GLU D 67 17.68 -2.67 -20.77
N ARG D 68 16.87 -1.61 -20.73
CA ARG D 68 15.97 -1.35 -19.61
C ARG D 68 15.00 -2.56 -19.52
N LEU D 69 14.64 -3.09 -20.69
CA LEU D 69 13.79 -4.27 -20.80
C LEU D 69 14.11 -5.01 -22.10
N ALA D 70 14.27 -6.33 -22.01
CA ALA D 70 14.48 -7.15 -23.21
C ALA D 70 13.19 -7.05 -23.97
N SER D 71 13.23 -6.36 -25.10
CA SER D 71 12.01 -6.12 -25.87
C SER D 71 12.30 -5.85 -27.34
N PRO D 72 11.36 -6.22 -28.21
CA PRO D 72 11.50 -5.93 -29.64
C PRO D 72 11.18 -4.47 -30.00
N HIS D 73 10.67 -3.69 -29.04
CA HIS D 73 10.35 -2.28 -29.28
C HIS D 73 11.45 -1.41 -28.70
N LYS D 75 11.51 1.67 -27.99
CA LYS D 75 11.03 2.57 -26.95
C LYS D 75 11.09 1.92 -25.56
N ASP D 76 10.80 0.62 -25.51
CA ASP D 76 10.82 -0.14 -24.26
C ASP D 76 12.22 -0.70 -23.96
N LEU D 77 13.01 -0.96 -24.99
CA LEU D 77 14.35 -1.49 -24.84
C LEU D 77 15.24 -0.46 -24.16
N LEU D 78 15.16 0.79 -24.60
CA LEU D 78 15.96 1.85 -24.04
C LEU D 78 15.29 2.43 -22.82
N SER D 79 16.08 3.17 -22.03
CA SER D 79 15.61 3.77 -20.80
C SER D 79 14.45 4.77 -21.02
N ALA D 80 13.76 5.09 -19.93
CA ALA D 80 12.64 6.03 -19.95
C ALA D 80 13.06 7.41 -20.47
N GLY D 81 14.27 7.84 -20.09
CA GLY D 81 14.79 9.14 -20.49
C GLY D 81 15.14 9.25 -21.98
N ASP D 82 15.28 8.09 -22.64
CA ASP D 82 15.59 8.05 -24.07
C ASP D 82 14.33 8.08 -24.95
N ASP D 83 13.15 8.21 -24.33
CA ASP D 83 11.89 8.20 -25.09
C ASP D 83 11.83 9.21 -26.24
N VAL D 84 12.31 10.42 -26.01
CA VAL D 84 12.27 11.46 -27.06
C VAL D 84 13.23 11.17 -28.21
N PHE D 85 14.33 10.48 -27.91
CA PHE D 85 15.30 10.12 -28.94
C PHE D 85 14.77 8.98 -29.82
N VAL D 86 13.95 8.10 -29.24
CA VAL D 86 13.35 7.01 -30.00
C VAL D 86 12.26 7.61 -30.90
N GLU D 87 11.47 8.52 -30.34
CA GLU D 87 10.41 9.19 -31.08
C GLU D 87 11.00 10.04 -32.24
N GLY D 88 12.19 10.59 -32.02
CA GLY D 88 12.86 11.43 -33.00
C GLY D 88 13.70 10.68 -34.05
N GLY D 89 13.74 9.35 -33.98
CA GLY D 89 14.47 8.54 -34.95
C GLY D 89 15.98 8.62 -34.84
N TYR D 90 16.47 8.96 -33.65
CA TYR D 90 17.89 9.06 -33.41
C TYR D 90 18.53 7.70 -33.25
N ILE D 91 19.83 7.64 -33.53
CA ILE D 91 20.62 6.45 -33.29
C ILE D 91 21.20 6.68 -31.90
N ARG D 92 21.00 5.75 -30.98
CA ARG D 92 21.49 5.89 -29.61
C ARG D 92 22.74 5.08 -29.37
N VAL D 93 23.76 5.74 -28.82
CA VAL D 93 25.02 5.10 -28.53
C VAL D 93 25.44 5.27 -27.09
N PHE D 94 25.81 4.16 -26.45
CA PHE D 94 26.32 4.15 -25.09
C PHE D 94 27.69 3.49 -25.16
N GLN D 95 28.68 4.05 -24.49
CA GLN D 95 30.03 3.51 -24.52
C GLN D 95 30.61 3.33 -23.14
N ASP D 96 31.23 2.17 -22.92
CA ASP D 96 31.89 1.90 -21.67
C ASP D 96 33.15 2.73 -21.64
N VAL D 97 33.34 3.51 -20.57
CA VAL D 97 34.53 4.32 -20.44
C VAL D 97 35.74 3.42 -20.28
N ARG D 98 36.89 4.01 -20.48
CA ARG D 98 38.15 3.31 -20.35
C ARG D 98 38.27 2.61 -18.98
N GLY D 99 38.48 1.30 -19.00
CA GLY D 99 38.69 0.51 -17.79
C GLY D 99 37.46 -0.06 -17.09
N LYS D 100 36.27 0.08 -17.71
CA LYS D 100 35.03 -0.45 -17.12
C LYS D 100 34.29 -1.38 -18.04
N TYR D 101 33.69 -2.42 -17.44
CA TYR D 101 32.90 -3.42 -18.12
C TYR D 101 33.56 -4.05 -19.38
N GLY D 102 33.01 -3.77 -20.57
CA GLY D 102 33.52 -4.35 -21.81
C GLY D 102 34.76 -3.67 -22.40
N SER D 103 35.08 -2.47 -21.90
CA SER D 103 36.23 -1.72 -22.40
C SER D 103 37.55 -2.22 -21.84
N GLU D 104 38.61 -2.00 -22.62
CA GLU D 104 39.98 -2.35 -22.22
C GLU D 104 40.55 -1.13 -21.49
N GLY D 105 41.80 -1.25 -21.04
CA GLY D 105 42.49 -0.14 -20.39
C GLY D 105 42.34 -0.14 -18.89
N ASP D 106 43.05 0.80 -18.24
CA ASP D 106 43.01 0.95 -16.79
C ASP D 106 41.96 1.98 -16.43
N TYR D 107 41.31 1.78 -15.28
CA TYR D 107 40.30 2.69 -14.83
C TYR D 107 40.82 3.60 -13.77
N VAL D 108 40.60 4.89 -13.96
CA VAL D 108 40.96 5.91 -13.00
C VAL D 108 39.68 6.69 -12.73
N THR D 110 36.98 9.24 -12.34
CA THR D 110 36.85 10.55 -12.97
C THR D 110 38.20 10.99 -13.55
N ARG D 111 38.79 10.11 -14.36
CA ARG D 111 40.09 10.34 -14.98
C ARG D 111 40.28 11.84 -15.32
N PRO D 112 41.26 12.49 -14.67
CA PRO D 112 41.52 13.92 -14.92
C PRO D 112 42.05 14.23 -16.33
N LEU D 113 41.93 15.50 -16.71
CA LEU D 113 42.42 15.98 -18.01
C LEU D 113 43.93 15.93 -18.07
N ARG D 114 44.46 15.90 -19.27
CA ARG D 114 45.90 15.90 -19.48
C ARG D 114 46.44 17.18 -18.86
N GLY D 115 47.35 17.02 -17.92
CA GLY D 115 47.93 18.16 -17.23
C GLY D 115 48.78 17.70 -16.05
N PRO D 116 48.82 18.50 -14.97
CA PRO D 116 49.62 18.15 -13.79
C PRO D 116 49.21 16.81 -13.11
N LEU D 117 47.95 16.40 -13.23
CA LEU D 117 47.46 15.15 -12.62
C LEU D 117 47.48 13.97 -13.59
N ASN D 118 47.67 14.25 -14.88
CA ASN D 118 47.66 13.20 -15.92
C ASN D 118 48.75 13.47 -17.01
N PRO D 119 49.93 12.85 -16.85
CA PRO D 119 51.02 13.01 -17.83
C PRO D 119 50.88 12.10 -19.07
N SER D 120 49.83 11.27 -19.11
CA SER D 120 49.58 10.36 -20.23
C SER D 120 49.12 11.10 -21.49
N GLU D 121 48.97 10.33 -22.56
CA GLU D 121 48.56 10.88 -23.86
C GLU D 121 47.00 10.93 -24.00
N VAL D 122 46.28 10.26 -23.10
CA VAL D 122 44.81 10.19 -23.19
C VAL D 122 44.02 10.55 -21.92
N ASP D 123 42.79 10.96 -22.14
CA ASP D 123 41.84 11.29 -21.06
C ASP D 123 40.39 11.16 -21.64
N HIS D 124 39.40 11.65 -20.92
CA HIS D 124 38.00 11.56 -21.39
C HIS D 124 37.71 12.48 -22.58
N ALA D 125 38.49 13.56 -22.71
CA ALA D 125 38.34 14.48 -23.84
C ALA D 125 38.81 13.79 -25.14
N THR D 126 40.00 13.18 -25.11
CA THR D 126 40.55 12.50 -26.30
C THR D 126 39.79 11.24 -26.64
N ASP D 127 39.28 10.56 -25.61
CA ASP D 127 38.52 9.34 -25.81
C ASP D 127 37.21 9.64 -26.51
N ALA D 128 36.58 10.76 -26.13
CA ALA D 128 35.31 11.19 -26.73
C ALA D 128 35.56 11.65 -28.15
N TRP D 129 36.70 12.30 -28.39
CA TRP D 129 37.07 12.78 -29.73
C TRP D 129 37.25 11.62 -30.67
N ASP D 130 38.04 10.64 -30.26
CA ASP D 130 38.32 9.46 -31.08
C ASP D 130 37.06 8.63 -31.33
N THR D 131 36.14 8.64 -30.36
CA THR D 131 34.91 7.91 -30.48
C THR D 131 33.99 8.57 -31.50
N ILE D 132 33.81 9.87 -31.38
CA ILE D 132 32.97 10.62 -32.31
C ILE D 132 33.51 10.54 -33.74
N ASP D 133 34.84 10.60 -33.88
CA ASP D 133 35.46 10.53 -35.19
C ASP D 133 35.18 9.17 -35.86
N TRP D 134 35.25 8.11 -35.06
CA TRP D 134 34.99 6.77 -35.58
C TRP D 134 33.53 6.60 -35.96
N LEU D 135 32.63 7.16 -35.15
CA LEU D 135 31.19 7.03 -35.39
C LEU D 135 30.74 7.70 -36.70
N VAL D 136 31.20 8.91 -36.93
CA VAL D 136 30.80 9.66 -38.15
C VAL D 136 31.44 9.07 -39.43
N LYS D 137 32.53 8.32 -39.28
CA LYS D 137 33.23 7.72 -40.42
C LYS D 137 32.82 6.25 -40.69
N ASN D 138 32.23 5.58 -39.69
CA ASN D 138 31.87 4.15 -39.83
C ASN D 138 30.38 3.79 -39.72
N VAL D 139 29.56 4.72 -39.26
CA VAL D 139 28.11 4.49 -39.16
C VAL D 139 27.46 5.15 -40.35
N SER D 140 27.32 4.39 -41.44
CA SER D 140 26.75 4.88 -42.70
C SER D 140 25.29 5.33 -42.60
N GLU D 141 24.60 4.87 -41.56
CA GLU D 141 23.18 5.21 -41.36
C GLU D 141 23.01 6.62 -40.76
N SER D 142 24.11 7.25 -40.34
CA SER D 142 24.04 8.57 -39.72
C SER D 142 24.38 9.70 -40.67
N ASN D 143 24.03 10.92 -40.26
CA ASN D 143 24.30 12.14 -41.03
C ASN D 143 25.62 12.83 -40.58
N GLY D 144 26.39 12.16 -39.72
CA GLY D 144 27.66 12.69 -39.24
C GLY D 144 27.56 13.76 -38.15
N LYS D 145 26.37 13.91 -37.56
CA LYS D 145 26.14 14.90 -36.50
C LYS D 145 25.92 14.15 -35.20
N VAL D 146 26.53 14.64 -34.12
CA VAL D 146 26.47 13.99 -32.83
C VAL D 146 26.09 14.95 -31.72
N GLY D 147 25.26 14.47 -30.81
CA GLY D 147 24.87 15.21 -29.63
C GLY D 147 25.27 14.38 -28.44
N ILE D 149 24.83 13.60 -24.16
CA ILE D 149 23.97 13.77 -23.00
C ILE D 149 24.31 12.71 -21.94
N GLY D 150 23.93 12.98 -20.70
CA GLY D 150 24.16 12.04 -19.61
C GLY D 150 24.03 12.69 -18.27
N SER D 151 23.67 11.90 -17.26
CA SER D 151 23.50 12.40 -15.91
C SER D 151 24.58 11.87 -14.98
N SER D 152 24.97 12.68 -13.99
CA SER D 152 25.98 12.30 -13.01
C SER D 152 27.37 12.06 -13.67
N TYR D 153 27.93 10.85 -13.54
CA TYR D 153 29.22 10.50 -14.18
C TYR D 153 29.04 10.58 -15.72
N GLU D 154 27.85 10.25 -16.21
CA GLU D 154 27.56 10.30 -17.64
C GLU D 154 27.47 11.76 -18.12
N GLY D 155 27.23 12.70 -17.19
CA GLY D 155 27.23 14.12 -17.49
C GLY D 155 28.67 14.64 -17.44
N PHE D 156 29.45 14.07 -16.53
CA PHE D 156 30.86 14.43 -16.35
C PHE D 156 31.64 14.15 -17.66
N THR D 157 31.31 13.04 -18.34
CA THR D 157 31.98 12.69 -19.61
C THR D 157 31.59 13.67 -20.74
N VAL D 158 30.41 14.26 -20.64
CA VAL D 158 29.96 15.27 -21.63
C VAL D 158 30.81 16.53 -21.45
N VAL D 159 31.00 16.93 -20.20
CA VAL D 159 31.78 18.12 -19.86
C VAL D 159 33.24 17.96 -20.31
N ALA D 161 34.27 16.23 -22.86
CA ALA D 161 34.28 16.38 -24.29
C ALA D 161 34.23 17.88 -24.66
N LEU D 162 33.52 18.68 -23.86
CA LEU D 162 33.39 20.14 -24.11
C LEU D 162 34.72 20.93 -23.94
N THR D 163 35.70 20.34 -23.24
CA THR D 163 37.01 21.02 -23.05
C THR D 163 37.75 21.16 -24.39
N ASN D 164 37.51 20.20 -25.29
CA ASN D 164 38.10 20.21 -26.64
C ASN D 164 37.24 19.25 -27.51
N PRO D 165 36.10 19.75 -27.97
CA PRO D 165 35.13 18.95 -28.72
C PRO D 165 35.43 18.71 -30.19
N HIS D 166 35.09 17.51 -30.65
CA HIS D 166 35.20 17.11 -32.03
C HIS D 166 34.23 18.03 -32.81
N PRO D 167 34.60 18.46 -34.03
CA PRO D 167 33.72 19.34 -34.83
C PRO D 167 32.29 18.76 -35.09
N ALA D 168 32.16 17.44 -35.08
CA ALA D 168 30.87 16.78 -35.29
C ALA D 168 29.91 16.91 -34.08
N LEU D 169 30.45 17.26 -32.91
CA LEU D 169 29.63 17.48 -31.71
C LEU D 169 28.89 18.82 -31.85
N LYS D 170 27.60 18.76 -32.19
CA LYS D 170 26.78 19.97 -32.45
C LYS D 170 25.97 20.47 -31.24
N VAL D 171 25.82 19.64 -30.22
CA VAL D 171 25.03 20.03 -29.03
C VAL D 171 25.37 19.12 -27.84
N ALA D 172 25.26 19.65 -26.63
CA ALA D 172 25.61 18.91 -25.41
C ALA D 172 24.68 19.26 -24.26
N VAL D 173 24.35 18.26 -23.43
CA VAL D 173 23.48 18.46 -22.29
C VAL D 173 24.04 17.70 -21.07
N PRO D 174 24.94 18.33 -20.32
CA PRO D 174 25.45 17.73 -19.09
C PRO D 174 24.36 17.82 -18.00
N GLU D 175 23.87 16.68 -17.56
CA GLU D 175 22.83 16.63 -16.52
C GLU D 175 23.48 16.25 -15.22
N SER D 176 23.19 17.03 -14.17
CA SER D 176 23.77 16.83 -12.85
C SER D 176 25.22 16.31 -12.91
N PRO D 177 26.09 17.01 -13.66
CA PRO D 177 27.47 16.55 -13.82
C PRO D 177 28.31 16.68 -12.59
N ILE D 179 31.27 18.03 -11.12
CA ILE D 179 32.12 19.17 -11.46
C ILE D 179 33.20 19.40 -10.39
N ASP D 180 32.77 19.68 -9.15
CA ASP D 180 33.71 19.88 -8.06
C ASP D 180 33.31 18.97 -6.90
N GLY D 181 33.88 17.77 -6.90
CA GLY D 181 33.60 16.76 -5.88
C GLY D 181 34.00 17.08 -4.45
N TRP D 182 34.68 18.20 -4.24
CA TRP D 182 35.09 18.62 -2.91
C TRP D 182 34.21 19.78 -2.39
N GLY D 184 31.09 20.91 -3.46
CA GLY D 184 29.67 20.63 -3.26
C GLY D 184 29.02 19.55 -4.09
N ASP D 185 29.80 18.68 -4.71
CA ASP D 185 29.21 17.60 -5.48
C ASP D 185 29.25 16.24 -4.67
N ASP D 186 29.90 15.20 -5.20
CA ASP D 186 29.84 13.84 -4.60
C ASP D 186 30.66 13.51 -3.37
N TRP D 187 31.96 13.76 -3.41
CA TRP D 187 32.85 13.30 -2.32
C TRP D 187 32.78 14.08 -1.02
N PHE D 188 32.72 15.39 -1.12
CA PHE D 188 32.60 16.25 0.04
C PHE D 188 31.61 17.39 -0.29
N ASN D 189 31.23 18.11 0.75
CA ASN D 189 30.41 19.30 0.64
C ASN D 189 31.05 20.29 1.62
N TYR D 190 31.74 21.28 1.08
CA TYR D 190 32.47 22.27 1.89
C TYR D 190 33.41 21.56 2.89
N GLY D 191 34.08 20.51 2.41
CA GLY D 191 35.03 19.77 3.22
C GLY D 191 34.47 18.65 4.10
N ALA D 192 33.15 18.59 4.25
CA ALA D 192 32.49 17.53 5.04
C ALA D 192 32.38 16.29 4.19
N PHE D 193 33.00 15.19 4.64
CA PHE D 193 33.03 13.94 3.88
C PHE D 193 31.68 13.19 3.86
N ARG D 194 31.31 12.68 2.68
CA ARG D 194 30.04 11.99 2.47
C ARG D 194 30.21 10.47 2.50
N GLN D 195 29.76 9.85 3.59
CA GLN D 195 29.88 8.41 3.81
C GLN D 195 28.96 7.55 2.96
N VAL D 196 27.96 8.18 2.31
CA VAL D 196 27.04 7.46 1.43
C VAL D 196 27.78 6.80 0.24
N ASN D 197 28.93 7.35 -0.12
CA ASN D 197 29.71 6.85 -1.25
C ASN D 197 30.63 5.67 -0.97
N PHE D 198 30.69 5.21 0.27
CA PHE D 198 31.51 4.04 0.60
C PHE D 198 31.08 2.83 -0.26
N ASP D 199 29.77 2.65 -0.40
CA ASP D 199 29.21 1.54 -1.21
C ASP D 199 29.50 1.73 -2.67
N TYR D 200 29.61 2.98 -3.10
CA TYR D 200 29.94 3.31 -4.48
C TYR D 200 31.39 2.89 -4.79
N PHE D 201 32.27 3.04 -3.81
CA PHE D 201 33.69 2.68 -3.99
C PHE D 201 33.85 1.19 -4.28
N THR D 202 33.19 0.34 -3.49
CA THR D 202 33.27 -1.10 -3.73
C THR D 202 32.43 -1.50 -4.95
N GLY D 203 31.37 -0.76 -5.22
CA GLY D 203 30.49 -1.06 -6.33
C GLY D 203 31.12 -0.81 -7.69
N GLN D 204 31.97 0.20 -7.77
CA GLN D 204 32.61 0.61 -9.02
C GLN D 204 34.12 0.30 -9.11
N LEU D 205 34.78 0.11 -7.96
CA LEU D 205 36.25 -0.12 -7.95
C LEU D 205 36.69 -1.54 -7.56
N SER D 206 35.74 -2.41 -7.23
CA SER D 206 36.07 -3.80 -6.84
C SER D 206 36.52 -4.61 -8.04
N LYS D 207 35.83 -4.42 -9.16
CA LYS D 207 36.11 -5.15 -10.39
C LYS D 207 35.89 -4.28 -11.63
N ARG D 208 36.39 -4.75 -12.75
CA ARG D 208 36.21 -4.05 -14.02
C ARG D 208 34.71 -3.88 -14.29
N GLY D 209 33.96 -4.95 -14.05
CA GLY D 209 32.53 -4.97 -14.25
C GLY D 209 31.75 -4.64 -12.98
N LYS D 210 30.68 -5.40 -12.73
CA LYS D 210 29.81 -5.18 -11.59
C LYS D 210 30.48 -5.54 -10.28
N GLY D 211 30.32 -4.65 -9.30
CA GLY D 211 30.88 -4.86 -7.99
C GLY D 211 29.78 -5.15 -7.00
N ALA D 212 29.99 -4.71 -5.77
CA ALA D 212 29.01 -4.91 -4.72
C ALA D 212 29.17 -3.88 -3.64
N GLY D 213 28.18 -3.79 -2.77
CA GLY D 213 28.21 -2.88 -1.64
C GLY D 213 29.09 -3.47 -0.54
N ILE D 214 29.14 -2.78 0.59
CA ILE D 214 29.94 -3.23 1.74
C ILE D 214 29.05 -3.95 2.74
N ALA D 215 29.46 -5.14 3.16
CA ALA D 215 28.71 -5.92 4.13
C ALA D 215 28.64 -5.14 5.45
N ARG D 216 27.43 -5.04 5.99
CA ARG D 216 27.17 -4.30 7.23
C ARG D 216 27.02 -5.21 8.42
N GLN D 217 27.23 -4.66 9.62
CA GLN D 217 27.04 -5.40 10.85
C GLN D 217 25.55 -5.48 11.13
N GLY D 218 24.83 -4.40 10.79
CA GLY D 218 23.39 -4.32 11.04
C GLY D 218 22.62 -3.49 10.00
N HIS D 219 21.32 -3.34 10.27
CA HIS D 219 20.42 -2.64 9.38
C HIS D 219 20.54 -1.11 9.40
N ASP D 220 20.73 -0.56 10.58
CA ASP D 220 20.80 0.88 10.77
C ASP D 220 22.21 1.44 10.61
N ASP D 221 22.42 2.22 9.54
CA ASP D 221 23.72 2.84 9.28
C ASP D 221 24.07 3.90 10.32
N TYR D 222 23.06 4.45 10.99
CA TYR D 222 23.31 5.38 12.09
C TYR D 222 24.15 4.62 13.11
N SER D 223 23.71 3.39 13.40
CA SER D 223 24.41 2.51 14.33
C SER D 223 25.73 1.95 13.74
N ASN D 224 25.69 1.53 12.47
CA ASN D 224 26.88 0.94 11.84
C ASN D 224 28.08 1.86 11.85
N PHE D 225 27.86 3.13 11.49
CA PHE D 225 28.95 4.10 11.43
C PHE D 225 29.37 4.62 12.81
N LEU D 226 28.40 4.83 13.69
CA LEU D 226 28.69 5.33 15.05
C LEU D 226 29.53 4.30 15.81
N GLN D 227 29.16 3.02 15.66
CA GLN D 227 29.88 1.93 16.34
C GLN D 227 31.31 1.76 15.80
N ALA D 228 31.50 2.01 14.51
CA ALA D 228 32.83 1.87 13.89
C ALA D 228 33.77 2.98 14.32
N GLY D 229 33.22 4.16 14.56
CA GLY D 229 34.01 5.32 14.98
C GLY D 229 34.11 6.35 13.86
N SER D 230 35.34 6.64 13.43
CA SER D 230 35.57 7.59 12.35
C SER D 230 35.31 6.96 11.00
N ALA D 231 35.36 7.77 9.95
CA ALA D 231 35.17 7.28 8.59
C ALA D 231 36.32 6.35 8.24
N GLY D 232 37.52 6.70 8.71
CA GLY D 232 38.71 5.88 8.49
C GLY D 232 38.60 4.51 9.12
N ASP D 233 37.99 4.46 10.32
CA ASP D 233 37.82 3.17 11.04
C ASP D 233 36.87 2.27 10.27
N PHE D 234 35.77 2.84 9.78
CA PHE D 234 34.80 2.08 9.02
C PHE D 234 35.41 1.54 7.73
N ALA D 235 36.15 2.40 7.04
CA ALA D 235 36.79 2.03 5.78
C ALA D 235 37.83 0.94 5.98
N LYS D 236 38.64 1.07 7.02
CA LYS D 236 39.71 0.10 7.31
C LYS D 236 39.11 -1.28 7.62
N ALA D 237 38.05 -1.29 8.41
CA ALA D 237 37.38 -2.53 8.77
C ALA D 237 36.75 -3.19 7.55
N ALA D 238 36.30 -2.37 6.59
CA ALA D 238 35.65 -2.87 5.37
C ALA D 238 36.68 -3.33 4.29
N GLY D 239 37.98 -3.06 4.52
CA GLY D 239 39.04 -3.46 3.60
C GLY D 239 39.32 -2.43 2.50
N LEU D 240 38.81 -1.20 2.67
CA LEU D 240 38.96 -0.14 1.66
C LEU D 240 40.37 0.43 1.47
N GLU D 241 41.31 0.07 2.34
CA GLU D 241 42.69 0.53 2.19
C GLU D 241 43.38 -0.19 0.97
N GLN D 242 42.67 -1.18 0.39
CA GLN D 242 43.14 -1.89 -0.81
C GLN D 242 42.86 -1.04 -2.07
N LEU D 243 42.00 -0.02 -1.92
CA LEU D 243 41.61 0.84 -3.03
C LEU D 243 42.41 2.14 -3.03
N PRO D 244 43.17 2.39 -4.10
CA PRO D 244 43.92 3.63 -4.22
C PRO D 244 43.04 4.85 -4.08
N TRP D 245 41.79 4.78 -4.54
CA TRP D 245 40.87 5.92 -4.45
C TRP D 245 40.67 6.36 -3.01
N TRP D 246 40.56 5.39 -2.10
CA TRP D 246 40.38 5.71 -0.69
C TRP D 246 41.60 6.43 -0.14
N HIS D 247 42.79 6.02 -0.58
CA HIS D 247 44.02 6.68 -0.15
C HIS D 247 44.10 8.11 -0.72
N LYS D 248 43.61 8.31 -1.93
CA LYS D 248 43.61 9.63 -2.55
C LYS D 248 42.71 10.59 -1.76
N LEU D 249 41.57 10.08 -1.28
CA LEU D 249 40.64 10.90 -0.51
C LEU D 249 41.21 11.35 0.83
N THR D 250 41.81 10.41 1.57
CA THR D 250 42.35 10.72 2.91
C THR D 250 43.67 11.51 2.86
N GLU D 251 44.38 11.43 1.73
CA GLU D 251 45.65 12.17 1.55
C GLU D 251 45.35 13.60 1.11
N HIS D 252 44.12 13.83 0.64
CA HIS D 252 43.69 15.14 0.19
C HIS D 252 42.37 15.52 0.86
N ALA D 253 42.38 15.54 2.19
CA ALA D 253 41.19 15.89 2.97
C ALA D 253 40.81 17.36 2.76
N ALA D 254 41.81 18.22 2.56
CA ALA D 254 41.58 19.64 2.31
C ALA D 254 41.51 19.90 0.82
N TYR D 255 41.06 21.11 0.44
CA TYR D 255 40.93 21.52 -0.97
C TYR D 255 42.31 21.94 -1.54
N ASP D 256 43.22 20.98 -1.64
CA ASP D 256 44.59 21.23 -2.15
C ASP D 256 44.62 21.14 -3.70
N ALA D 257 45.84 21.07 -4.27
CA ALA D 257 46.03 21.03 -5.73
C ALA D 257 45.29 19.85 -6.40
N PHE D 258 45.21 18.73 -5.71
CA PHE D 258 44.51 17.54 -6.23
C PHE D 258 43.06 17.85 -6.64
N TRP D 259 42.35 18.59 -5.80
CA TRP D 259 40.94 18.94 -6.05
C TRP D 259 40.77 20.20 -6.92
N GLN D 260 41.65 21.19 -6.74
CA GLN D 260 41.58 22.43 -7.52
C GLN D 260 41.78 22.15 -9.01
N GLU D 261 42.70 21.23 -9.33
CA GLU D 261 43.00 20.86 -10.72
C GLU D 261 41.91 19.98 -11.36
N GLN D 262 40.96 19.51 -10.53
CA GLN D 262 39.85 18.67 -11.01
C GLN D 262 38.52 19.45 -11.12
N ALA D 263 38.47 20.67 -10.58
CA ALA D 263 37.26 21.50 -10.62
C ALA D 263 36.97 21.90 -12.06
N LEU D 264 35.99 21.23 -12.66
CA LEU D 264 35.64 21.47 -14.07
C LEU D 264 34.97 22.81 -14.34
N ASP D 265 34.40 23.45 -13.31
CA ASP D 265 33.79 24.77 -13.51
C ASP D 265 34.88 25.83 -13.77
N LYS D 266 36.08 25.61 -13.21
CA LYS D 266 37.21 26.50 -13.45
C LYS D 266 37.72 26.27 -14.89
N VAL D 267 37.64 25.03 -15.37
CA VAL D 267 38.06 24.69 -16.74
C VAL D 267 37.08 25.31 -17.75
N ALA D 269 35.44 27.96 -17.30
CA ALA D 269 35.65 29.41 -17.25
C ALA D 269 36.73 29.88 -18.27
N ARG D 270 37.60 28.94 -18.68
CA ARG D 270 38.65 29.24 -19.67
C ARG D 270 38.45 28.41 -20.97
N THR D 271 37.22 27.91 -21.16
CA THR D 271 36.87 27.13 -22.35
C THR D 271 35.99 27.98 -23.25
N PRO D 272 36.39 28.19 -24.51
CA PRO D 272 35.60 28.98 -25.45
C PRO D 272 34.20 28.38 -25.71
N LEU D 273 33.17 29.22 -25.70
CA LEU D 273 31.80 28.78 -25.99
C LEU D 273 31.71 28.50 -27.48
N LYS D 274 31.54 27.23 -27.83
CA LYS D 274 31.47 26.79 -29.23
C LYS D 274 30.28 25.86 -29.50
N VAL D 275 30.05 24.92 -28.58
CA VAL D 275 28.97 23.96 -28.70
C VAL D 275 27.79 24.39 -27.83
N PRO D 276 26.60 24.52 -28.42
CA PRO D 276 25.40 24.84 -27.64
C PRO D 276 25.29 23.86 -26.49
N THR D 277 25.38 24.36 -25.26
CA THR D 277 25.37 23.52 -24.07
C THR D 277 24.23 23.88 -23.14
N TRP D 279 23.15 23.17 -19.38
CA TRP D 279 23.49 22.71 -18.04
C TRP D 279 22.20 22.42 -17.30
N LEU D 280 22.10 21.22 -16.74
CA LEU D 280 20.89 20.80 -16.06
C LEU D 280 21.16 20.09 -14.76
N GLN D 281 20.26 20.29 -13.81
CA GLN D 281 20.30 19.60 -12.52
C GLN D 281 18.95 19.76 -11.83
N GLY D 282 18.79 19.08 -10.72
CA GLY D 282 17.59 19.19 -9.94
C GLY D 282 17.81 20.20 -8.85
N LEU D 283 16.73 20.82 -8.38
CA LEU D 283 16.81 21.78 -7.31
C LEU D 283 17.14 21.02 -6.00
N TRP D 284 16.72 19.76 -5.96
CA TRP D 284 17.00 18.90 -4.83
C TRP D 284 17.95 17.78 -5.26
N ASP D 285 19.00 18.15 -6.00
CA ASP D 285 20.00 17.19 -6.46
C ASP D 285 20.88 16.78 -5.27
N GLN D 286 20.57 15.62 -4.71
CA GLN D 286 21.26 15.13 -3.53
C GLN D 286 22.66 14.52 -3.75
N GLU D 287 23.13 14.50 -5.00
CA GLU D 287 24.48 13.96 -5.30
C GLU D 287 25.41 14.99 -5.99
N ASP D 288 24.86 15.80 -6.88
CA ASP D 288 25.66 16.82 -7.60
C ASP D 288 24.92 18.16 -7.66
N TRP D 290 26.22 21.17 -6.80
CA TRP D 290 27.12 22.26 -7.19
C TRP D 290 27.36 22.39 -8.69
N GLY D 291 27.54 21.27 -9.36
CA GLY D 291 27.92 21.20 -10.76
C GLY D 291 27.30 22.06 -11.84
N ALA D 292 26.05 21.77 -12.19
CA ALA D 292 25.38 22.46 -13.32
C ALA D 292 25.29 23.97 -13.18
N ILE D 293 24.80 24.43 -12.03
CA ILE D 293 24.62 25.86 -11.80
C ILE D 293 25.96 26.64 -11.81
N HIS D 294 27.00 26.06 -11.24
CA HIS D 294 28.31 26.73 -11.19
C HIS D 294 29.01 26.76 -12.56
N SER D 295 28.81 25.71 -13.35
CA SER D 295 29.41 25.64 -14.68
C SER D 295 28.67 26.57 -15.62
N TYR D 296 27.36 26.69 -15.44
CA TYR D 296 26.55 27.58 -16.25
C TYR D 296 26.98 29.03 -16.01
N ALA D 297 27.22 29.37 -14.74
CA ALA D 297 27.64 30.73 -14.37
C ALA D 297 29.06 31.04 -14.85
N ALA D 298 29.89 30.02 -14.98
CA ALA D 298 31.27 30.18 -15.43
C ALA D 298 31.35 30.53 -16.93
N GLU D 300 28.23 31.75 -18.80
CA GLU D 300 27.15 32.69 -19.21
C GLU D 300 27.58 34.12 -19.60
N PRO D 301 28.54 34.71 -18.88
CA PRO D 301 29.02 36.07 -19.23
C PRO D 301 29.56 36.18 -20.69
N ARG D 302 30.06 35.07 -21.25
CA ARG D 302 30.60 35.06 -22.62
C ARG D 302 29.58 34.55 -23.68
N ASP D 303 28.34 34.31 -23.25
CA ASP D 303 27.26 33.87 -24.14
C ASP D 303 26.62 35.16 -24.70
N LYS D 304 27.33 35.77 -25.67
CA LYS D 304 26.94 37.08 -26.26
C LYS D 304 25.53 37.17 -26.82
N ARG D 305 25.15 36.22 -27.67
CA ARG D 305 23.81 36.22 -28.28
C ARG D 305 22.76 35.44 -27.43
N ASN D 306 23.21 34.87 -26.30
CA ASN D 306 22.33 34.10 -25.41
C ASN D 306 21.76 32.85 -26.10
N THR D 307 22.57 32.21 -26.94
CA THR D 307 22.14 31.01 -27.70
C THR D 307 23.10 29.81 -27.62
N LEU D 308 24.12 29.88 -26.78
CA LEU D 308 25.12 28.78 -26.65
C LEU D 308 25.25 28.21 -25.22
N ASN D 309 24.60 28.84 -24.25
CA ASN D 309 24.71 28.44 -22.84
C ASN D 309 23.34 28.52 -22.15
N TYR D 310 22.80 27.36 -21.79
CA TYR D 310 21.46 27.28 -21.19
C TYR D 310 21.50 26.68 -19.78
N LEU D 311 20.42 26.93 -19.04
CA LEU D 311 20.29 26.43 -17.68
C LEU D 311 18.90 25.80 -17.50
N VAL D 312 18.85 24.65 -16.85
CA VAL D 312 17.61 23.96 -16.55
C VAL D 312 17.71 23.41 -15.13
N GLY D 314 14.97 21.65 -12.57
CA GLY D 314 13.62 21.18 -12.29
C GLY D 314 13.44 20.79 -10.83
N PRO D 315 12.22 20.42 -10.44
CA PRO D 315 11.92 20.00 -9.07
C PRO D 315 12.25 18.53 -8.97
N TRP D 316 13.54 18.23 -9.05
CA TRP D 316 14.01 16.88 -9.16
C TRP D 316 15.10 16.49 -8.20
N ARG D 317 15.16 15.20 -7.94
CA ARG D 317 16.25 14.64 -7.18
C ARG D 317 17.26 14.25 -8.25
N HIS D 318 18.42 13.80 -7.84
CA HIS D 318 19.48 13.41 -8.76
C HIS D 318 19.00 12.44 -9.85
N SER D 319 19.16 12.85 -11.11
CA SER D 319 18.78 12.03 -12.30
C SER D 319 17.27 11.77 -12.49
N GLN D 320 16.40 12.47 -11.75
CA GLN D 320 14.95 12.27 -11.90
C GLN D 320 14.47 12.78 -13.28
N VAL D 321 15.28 13.59 -13.94
CA VAL D 321 14.96 14.12 -15.26
C VAL D 321 14.74 12.99 -16.30
N ASN D 322 15.33 11.80 -16.03
CA ASN D 322 15.20 10.66 -16.94
C ASN D 322 14.15 9.62 -16.48
N TYR D 323 13.33 10.00 -15.50
CA TYR D 323 12.27 9.14 -14.99
C TYR D 323 10.97 9.98 -14.91
N ASP D 324 10.16 9.78 -13.86
CA ASP D 324 8.89 10.51 -13.70
C ASP D 324 9.05 11.66 -12.69
N GLY D 325 8.83 12.89 -13.15
CA GLY D 325 8.95 14.08 -12.31
C GLY D 325 7.60 14.63 -11.84
N SER D 326 6.61 13.74 -11.67
CA SER D 326 5.27 14.15 -11.24
C SER D 326 5.24 14.40 -9.74
N ALA D 327 6.19 13.80 -9.03
CA ALA D 327 6.27 13.93 -7.58
C ALA D 327 7.65 13.59 -7.06
N LEU D 328 7.92 13.98 -5.83
CA LEU D 328 9.16 13.67 -5.13
C LEU D 328 8.79 13.56 -3.66
N GLY D 329 8.81 12.34 -3.14
CA GLY D 329 8.40 12.11 -1.78
C GLY D 329 6.94 12.52 -1.63
N ALA D 330 6.65 13.29 -0.60
CA ALA D 330 5.29 13.76 -0.32
C ALA D 330 4.88 14.95 -1.22
N LEU D 331 5.83 15.53 -1.96
CA LEU D 331 5.55 16.67 -2.84
C LEU D 331 4.97 16.24 -4.18
N ASN D 332 3.93 16.95 -4.62
CA ASN D 332 3.29 16.69 -5.91
C ASN D 332 3.48 17.91 -6.80
N PHE D 333 3.91 17.69 -8.03
CA PHE D 333 4.15 18.76 -8.99
C PHE D 333 3.08 18.76 -10.08
N GLU D 334 3.10 19.78 -10.93
CA GLU D 334 2.10 19.93 -11.99
C GLU D 334 2.46 19.14 -13.23
N GLY D 335 2.13 17.85 -13.21
CA GLY D 335 2.39 16.96 -14.30
C GLY D 335 3.77 16.36 -14.22
N ASP D 336 4.07 15.47 -15.16
CA ASP D 336 5.37 14.83 -15.24
C ASP D 336 6.36 15.87 -15.75
N THR D 337 6.99 16.58 -14.82
CA THR D 337 7.92 17.67 -15.16
C THR D 337 9.15 17.19 -15.92
N ALA D 338 9.55 15.94 -15.70
CA ALA D 338 10.69 15.36 -16.40
C ALA D 338 10.34 15.15 -17.87
N ARG D 339 9.18 14.56 -18.12
CA ARG D 339 8.70 14.33 -19.47
C ARG D 339 8.44 15.66 -20.17
N GLN D 340 7.97 16.65 -19.41
CA GLN D 340 7.72 17.98 -19.94
C GLN D 340 9.02 18.57 -20.46
N PHE D 341 10.09 18.45 -19.69
CA PHE D 341 11.39 18.98 -20.12
C PHE D 341 11.91 18.23 -21.34
N ARG D 342 11.89 16.91 -21.28
CA ARG D 342 12.41 16.08 -22.38
C ARG D 342 11.71 16.32 -23.72
N HIS D 343 10.39 16.43 -23.70
CA HIS D 343 9.61 16.58 -24.94
C HIS D 343 9.47 18.04 -25.44
N ASP D 344 9.22 18.96 -24.51
CA ASP D 344 9.00 20.38 -24.85
C ASP D 344 10.26 21.21 -25.06
N VAL D 345 11.35 20.84 -24.37
CA VAL D 345 12.59 21.63 -24.43
C VAL D 345 13.78 20.89 -25.02
N LEU D 346 14.09 19.71 -24.48
CA LEU D 346 15.24 18.93 -24.92
C LEU D 346 15.15 18.45 -26.36
N ARG D 347 14.01 17.87 -26.74
CA ARG D 347 13.83 17.32 -28.09
C ARG D 347 14.01 18.41 -29.21
N PRO D 348 13.27 19.52 -29.16
CA PRO D 348 13.44 20.60 -30.15
C PRO D 348 14.88 21.18 -30.16
N PHE D 349 15.49 21.29 -28.98
CA PHE D 349 16.86 21.82 -28.83
C PHE D 349 17.85 20.91 -29.59
N PHE D 350 17.68 19.60 -29.44
CA PHE D 350 18.55 18.62 -30.09
C PHE D 350 18.28 18.57 -31.60
N ASP D 351 17.00 18.59 -31.97
CA ASP D 351 16.59 18.53 -33.38
C ASP D 351 17.17 19.69 -34.18
N GLN D 352 17.15 20.88 -33.58
CA GLN D 352 17.64 22.08 -34.24
C GLN D 352 19.08 21.95 -34.72
N TYR D 353 19.93 21.36 -33.90
CA TYR D 353 21.36 21.21 -34.22
C TYR D 353 21.76 19.86 -34.83
N LEU D 354 20.86 18.87 -34.80
CA LEU D 354 21.22 17.51 -35.26
C LEU D 354 20.43 16.96 -36.46
N VAL D 355 19.16 17.35 -36.59
CA VAL D 355 18.31 16.86 -37.68
C VAL D 355 18.37 17.81 -38.89
N ASP D 356 18.59 17.23 -40.08
CA ASP D 356 18.70 17.99 -41.33
C ASP D 356 17.40 18.79 -41.63
N GLY D 357 17.55 20.11 -41.78
CA GLY D 357 16.42 20.99 -42.10
C GLY D 357 15.44 21.28 -40.96
N ALA D 358 15.77 20.84 -39.73
CA ALA D 358 14.89 21.05 -38.58
C ALA D 358 14.73 22.53 -38.28
N PRO D 359 13.54 22.92 -37.81
CA PRO D 359 13.27 24.32 -37.49
C PRO D 359 13.91 24.81 -36.21
N LYS D 360 13.90 26.12 -36.05
CA LYS D 360 14.44 26.75 -34.87
C LYS D 360 13.55 26.41 -33.69
N ALA D 361 14.18 26.09 -32.57
CA ALA D 361 13.45 25.78 -31.36
C ALA D 361 13.39 27.05 -30.53
N ASP D 362 12.26 27.25 -29.85
CA ASP D 362 12.08 28.41 -28.98
C ASP D 362 12.59 28.02 -27.58
N THR D 363 13.90 27.78 -27.49
CA THR D 363 14.52 27.34 -26.26
C THR D 363 14.67 28.48 -25.28
N PRO D 364 14.09 28.35 -24.08
CA PRO D 364 14.23 29.38 -23.07
C PRO D 364 15.65 29.38 -22.54
N PRO D 365 16.31 30.54 -22.50
CA PRO D 365 17.68 30.64 -21.94
C PRO D 365 17.80 29.98 -20.58
N VAL D 366 16.74 30.10 -19.77
CA VAL D 366 16.67 29.49 -18.44
C VAL D 366 15.28 28.86 -18.28
N PHE D 367 15.25 27.58 -17.92
CA PHE D 367 14.02 26.83 -17.70
C PHE D 367 14.11 26.34 -16.26
N ILE D 368 13.42 27.02 -15.35
CA ILE D 368 13.50 26.72 -13.94
C ILE D 368 12.12 26.65 -13.28
N TYR D 369 11.92 25.60 -12.52
CA TYR D 369 10.66 25.36 -11.86
C TYR D 369 10.54 26.12 -10.55
N ASN D 370 9.37 26.69 -10.30
CA ASN D 370 9.09 27.37 -9.04
C ASN D 370 8.42 26.32 -8.13
N THR D 371 9.16 25.86 -7.13
CA THR D 371 8.68 24.80 -6.21
C THR D 371 7.58 25.23 -5.23
N GLY D 372 7.32 26.53 -5.13
CA GLY D 372 6.26 27.06 -4.27
C GLY D 372 4.95 27.34 -5.02
N GLU D 373 5.07 27.75 -6.29
CA GLU D 373 3.88 28.07 -7.12
C GLU D 373 3.52 26.90 -8.07
N ASN D 374 4.42 25.93 -8.16
CA ASN D 374 4.25 24.75 -9.00
C ASN D 374 4.03 25.01 -10.49
N HIS D 375 5.02 25.61 -11.11
CA HIS D 375 4.99 25.87 -12.56
C HIS D 375 6.38 26.23 -13.05
N TRP D 376 6.63 25.97 -14.31
CA TRP D 376 7.90 26.29 -14.92
C TRP D 376 8.01 27.79 -15.14
N ASP D 377 9.25 28.27 -15.19
CA ASP D 377 9.54 29.69 -15.48
C ASP D 377 10.46 29.70 -16.69
N ARG D 378 10.11 30.52 -17.68
CA ARG D 378 10.93 30.69 -18.87
C ARG D 378 11.56 32.09 -18.73
N LEU D 379 12.86 32.13 -18.45
CA LEU D 379 13.57 33.41 -18.24
C LEU D 379 14.75 33.58 -19.18
N LYS D 380 15.24 34.82 -19.28
CA LYS D 380 16.38 35.14 -20.12
C LYS D 380 17.69 35.06 -19.36
N ALA D 381 17.59 35.10 -18.03
CA ALA D 381 18.77 35.06 -17.18
C ALA D 381 18.49 34.50 -15.77
N TRP D 382 19.56 34.16 -15.07
CA TRP D 382 19.50 33.63 -13.71
C TRP D 382 20.88 33.88 -13.03
N PRO D 383 20.90 34.24 -11.73
CA PRO D 383 19.70 34.42 -10.89
C PRO D 383 18.96 35.72 -11.10
N ARG D 384 17.75 35.79 -10.55
CA ARG D 384 16.92 36.98 -10.64
C ARG D 384 17.27 37.94 -9.51
N SER D 385 17.83 37.41 -8.42
CA SER D 385 18.20 38.21 -7.27
C SER D 385 19.51 37.73 -6.64
N CYS D 386 20.35 38.69 -6.27
CA CYS D 386 21.64 38.41 -5.62
C CYS D 386 22.14 39.69 -4.92
N ASP D 387 23.29 39.62 -4.27
CA ASP D 387 23.84 40.77 -3.54
C ASP D 387 24.01 42.02 -4.43
N LYS D 388 24.51 41.82 -5.66
CA LYS D 388 24.70 42.96 -6.60
C LYS D 388 24.86 42.49 -8.06
N GLY D 389 24.27 43.25 -8.98
CA GLY D 389 24.36 42.95 -10.41
C GLY D 389 23.12 42.27 -10.99
N CYS D 390 22.12 42.00 -10.13
CA CYS D 390 20.88 41.34 -10.56
C CYS D 390 19.71 42.32 -10.60
N ALA D 391 18.61 41.88 -11.23
CA ALA D 391 17.39 42.70 -11.34
C ALA D 391 16.84 43.06 -9.95
N ALA D 392 16.99 42.14 -9.01
CA ALA D 392 16.56 42.35 -7.63
C ALA D 392 17.77 42.19 -6.72
N THR D 393 17.69 42.78 -5.53
CA THR D 393 18.78 42.72 -4.56
C THR D 393 18.36 41.92 -3.33
N SER D 394 19.29 41.14 -2.80
CA SER D 394 19.02 40.29 -1.65
C SER D 394 18.75 41.11 -0.39
N LYS D 395 17.92 40.55 0.49
CA LYS D 395 17.56 41.18 1.76
C LYS D 395 17.95 40.23 2.91
N PRO D 396 18.62 40.75 3.95
CA PRO D 396 19.01 39.91 5.09
C PRO D 396 17.83 39.38 5.91
N LEU D 397 17.82 38.07 6.15
CA LEU D 397 16.78 37.43 6.97
C LEU D 397 17.48 37.08 8.28
N TYR D 398 17.29 37.92 9.28
CA TYR D 398 17.94 37.76 10.56
C TYR D 398 17.37 36.71 11.48
N LEU D 399 18.26 35.91 12.06
CA LEU D 399 17.88 34.94 13.09
C LEU D 399 17.70 35.80 14.34
N GLN D 400 16.66 35.50 15.13
CA GLN D 400 16.34 36.30 16.31
C GLN D 400 16.28 35.47 17.57
N ALA D 401 16.45 36.13 18.71
CA ALA D 401 16.38 35.48 20.00
C ALA D 401 14.96 34.99 20.23
N GLY D 402 14.83 33.90 20.98
CA GLY D 402 13.54 33.32 21.25
C GLY D 402 13.02 32.48 20.09
N GLY D 403 13.94 32.07 19.21
CA GLY D 403 13.59 31.24 18.06
C GLY D 403 12.74 31.95 17.02
N LYS D 404 12.96 33.26 16.86
CA LYS D 404 12.20 34.05 15.89
C LYS D 404 13.04 34.30 14.63
N LEU D 405 12.41 34.89 13.61
CA LEU D 405 13.08 35.12 12.33
C LEU D 405 12.32 36.25 11.59
N SER D 406 13.07 37.23 11.05
CA SER D 406 12.45 38.37 10.35
C SER D 406 13.47 39.20 9.54
N PHE D 407 12.95 40.07 8.68
CA PHE D 407 13.80 40.94 7.85
C PHE D 407 14.27 42.21 8.63
N GLN D 408 13.77 42.38 9.86
CA GLN D 408 14.16 43.53 10.69
C GLN D 408 15.40 43.17 11.53
N PRO D 409 16.43 44.03 11.52
CA PRO D 409 17.64 43.78 12.32
C PRO D 409 17.30 43.55 13.81
N PRO D 410 18.08 42.75 14.52
CA PRO D 410 17.83 42.47 15.94
C PRO D 410 17.79 43.74 16.81
N VAL D 411 16.82 43.80 17.73
CA VAL D 411 16.72 44.93 18.67
C VAL D 411 17.54 44.59 19.92
N ALA D 412 17.88 45.61 20.70
CA ALA D 412 18.67 45.41 21.92
C ALA D 412 17.76 44.98 23.08
N GLY D 413 18.38 44.56 24.18
CA GLY D 413 17.64 44.15 25.39
C GLY D 413 17.26 42.66 25.45
N GLN D 414 17.64 41.90 24.43
CA GLN D 414 17.35 40.47 24.36
C GLN D 414 18.62 39.66 24.56
N ALA D 415 18.47 38.33 24.62
CA ALA D 415 19.62 37.44 24.76
C ALA D 415 20.50 37.58 23.52
N GLY D 416 21.82 37.65 23.72
CA GLY D 416 22.76 37.84 22.62
C GLY D 416 22.99 36.64 21.72
N PHE D 417 22.58 35.46 22.17
CA PHE D 417 22.76 34.23 21.39
C PHE D 417 21.84 33.10 21.86
N GLU D 418 21.78 32.05 21.05
CA GLU D 418 21.01 30.84 21.37
C GLU D 418 22.06 29.76 21.53
N GLU D 419 21.94 28.95 22.56
CA GLU D 419 22.94 27.95 22.87
C GLU D 419 22.42 26.51 22.80
N TYR D 420 23.31 25.61 22.37
CA TYR D 420 23.00 24.18 22.32
C TYR D 420 24.28 23.36 22.36
N VAL D 421 24.20 22.17 22.92
CA VAL D 421 25.35 21.30 22.99
C VAL D 421 25.30 20.29 21.85
N SER D 422 26.42 20.12 21.16
CA SER D 422 26.55 19.16 20.08
C SER D 422 27.37 18.01 20.60
N ASP D 423 26.76 16.84 20.68
CA ASP D 423 27.41 15.64 21.18
C ASP D 423 27.65 14.66 20.03
N PRO D 424 28.93 14.45 19.64
CA PRO D 424 29.27 13.49 18.56
C PRO D 424 28.82 12.04 18.84
N ALA D 425 28.74 11.66 20.10
CA ALA D 425 28.30 10.29 20.46
C ALA D 425 26.81 10.09 20.20
N LYS D 426 26.08 11.20 20.08
CA LYS D 426 24.63 11.18 19.84
C LYS D 426 24.33 12.26 18.77
N PRO D 427 24.73 11.99 17.52
CA PRO D 427 24.57 12.95 16.43
C PRO D 427 23.15 13.07 15.93
N VAL D 428 22.84 14.19 15.29
CA VAL D 428 21.53 14.43 14.74
C VAL D 428 21.40 13.65 13.43
N PRO D 429 20.36 12.82 13.29
CA PRO D 429 20.17 12.03 12.07
C PRO D 429 19.72 12.90 10.90
N PHE D 430 20.24 12.63 9.70
CA PHE D 430 19.89 13.39 8.51
C PHE D 430 18.53 12.95 7.93
N VAL D 431 18.10 11.73 8.31
CA VAL D 431 16.79 11.16 7.96
C VAL D 431 16.37 10.29 9.15
N PRO D 432 15.09 9.98 9.29
CA PRO D 432 14.63 9.13 10.41
C PRO D 432 15.34 7.76 10.48
N ARG D 433 15.68 7.33 11.69
CA ARG D 433 16.29 6.03 11.91
C ARG D 433 15.17 4.97 11.78
N PRO D 434 15.49 3.75 11.33
CA PRO D 434 16.84 3.36 10.93
C PRO D 434 17.20 3.88 9.53
N VAL D 435 18.47 4.20 9.35
CA VAL D 435 18.97 4.72 8.09
C VAL D 435 19.56 3.59 7.23
N ASP D 436 19.06 3.46 6.01
CA ASP D 436 19.54 2.42 5.09
C ASP D 436 19.96 3.11 3.79
N PHE D 437 21.29 3.30 3.61
CA PHE D 437 21.82 3.97 2.38
C PHE D 437 21.42 3.21 1.09
N ALA D 438 21.24 1.89 1.20
CA ALA D 438 20.83 1.05 0.05
C ALA D 438 19.37 1.31 -0.37
N ASP D 439 18.53 1.75 0.58
CA ASP D 439 17.13 2.07 0.29
C ASP D 439 17.08 3.33 -0.62
N ARG D 440 16.84 3.09 -1.90
CA ARG D 440 16.80 4.16 -2.91
C ARG D 440 15.70 5.18 -2.67
N ALA D 441 14.58 4.73 -2.12
CA ALA D 441 13.45 5.62 -1.82
C ALA D 441 13.85 6.66 -0.75
N TRP D 443 17.07 7.61 0.06
CA TRP D 443 18.16 8.46 -0.46
C TRP D 443 17.69 9.53 -1.46
N THR D 444 16.85 9.15 -2.40
CA THR D 444 16.38 10.07 -3.42
C THR D 444 15.43 11.17 -2.90
N THR D 445 14.79 10.91 -1.74
CA THR D 445 13.83 11.87 -1.18
C THR D 445 14.24 12.51 0.14
N TRP D 446 15.47 12.30 0.59
CA TRP D 446 15.90 12.85 1.88
C TRP D 446 15.89 14.37 1.97
N LEU D 447 16.22 15.02 0.87
CA LEU D 447 16.28 16.49 0.84
C LEU D 447 14.91 17.19 0.95
N VAL D 448 13.82 16.48 0.66
CA VAL D 448 12.46 17.07 0.76
C VAL D 448 11.68 16.53 1.96
N HIS D 449 12.33 15.69 2.76
CA HIS D 449 11.71 15.08 3.92
C HIS D 449 11.32 16.13 4.97
N ASP D 450 10.17 15.90 5.60
CA ASP D 450 9.66 16.72 6.69
C ASP D 450 10.74 16.72 7.78
N GLN D 451 11.14 17.90 8.25
CA GLN D 451 12.21 18.00 9.26
C GLN D 451 11.72 17.99 10.71
N ARG D 452 10.43 17.71 10.91
CA ARG D 452 9.88 17.67 12.27
C ARG D 452 10.43 16.50 13.11
N PHE D 453 11.02 15.49 12.43
CA PHE D 453 11.62 14.35 13.12
C PHE D 453 12.84 14.78 13.96
N VAL D 454 13.40 15.98 13.66
CA VAL D 454 14.52 16.55 14.45
C VAL D 454 14.17 17.93 15.08
N ASP D 455 13.07 18.55 14.66
CA ASP D 455 12.65 19.82 15.24
C ASP D 455 12.16 19.52 16.66
N GLY D 456 12.74 20.20 17.63
CA GLY D 456 12.40 19.96 19.00
C GLY D 456 13.52 19.21 19.73
N ARG D 457 14.56 18.82 18.99
CA ARG D 457 15.73 18.18 19.60
C ARG D 457 16.50 19.32 20.26
N PRO D 458 17.08 19.08 21.45
CA PRO D 458 17.87 20.11 22.14
C PRO D 458 19.13 20.54 21.36
N ASP D 459 19.66 19.63 20.51
CA ASP D 459 20.87 19.92 19.70
C ASP D 459 20.57 20.43 18.26
N VAL D 460 19.37 20.98 18.08
CA VAL D 460 18.95 21.59 16.81
C VAL D 460 18.20 22.89 17.16
N LEU D 461 18.69 24.02 16.67
CA LEU D 461 18.03 25.31 16.91
C LEU D 461 17.04 25.57 15.83
N THR D 462 15.90 26.14 16.19
CA THR D 462 14.84 26.44 15.25
C THR D 462 14.44 27.91 15.34
N PHE D 463 14.44 28.56 14.20
CA PHE D 463 14.06 29.96 14.08
C PHE D 463 12.92 29.99 13.07
N VAL D 464 11.84 30.70 13.38
CA VAL D 464 10.70 30.73 12.49
C VAL D 464 9.97 32.09 12.51
N THR D 465 9.39 32.45 11.36
CA THR D 465 8.63 33.70 11.23
C THR D 465 7.22 33.43 11.60
N GLU D 466 6.42 34.49 11.67
CA GLU D 466 5.01 34.36 11.89
C GLU D 466 4.45 33.93 10.52
N PRO D 467 3.21 33.46 10.47
CA PRO D 467 2.62 33.08 9.19
C PRO D 467 2.61 34.26 8.21
N LEU D 468 3.01 34.02 6.96
CA LEU D 468 3.05 35.05 5.94
C LEU D 468 1.64 35.47 5.52
N THR D 469 1.44 36.77 5.31
CA THR D 469 0.15 37.31 4.84
C THR D 469 0.20 37.57 3.33
N GLU D 470 1.42 37.71 2.79
CA GLU D 470 1.62 37.92 1.35
C GLU D 470 2.73 36.96 0.85
N PRO D 471 2.71 36.60 -0.45
CA PRO D 471 3.73 35.69 -1.00
C PRO D 471 5.13 36.28 -0.95
N LEU D 472 6.10 35.45 -0.59
CA LEU D 472 7.50 35.85 -0.53
C LEU D 472 8.27 35.00 -1.52
N GLN D 473 8.70 35.59 -2.62
CA GLN D 473 9.38 34.86 -3.67
C GLN D 473 10.90 35.04 -3.61
N ILE D 474 11.63 33.92 -3.62
CA ILE D 474 13.09 33.96 -3.68
C ILE D 474 13.53 33.31 -5.00
N ALA D 475 14.59 33.83 -5.59
CA ALA D 475 15.06 33.34 -6.87
C ALA D 475 16.56 33.58 -7.00
N GLY D 476 17.33 32.72 -6.36
CA GLY D 476 18.78 32.80 -6.41
C GLY D 476 19.42 31.85 -5.45
N ALA D 477 20.64 32.15 -5.06
CA ALA D 477 21.39 31.32 -4.14
C ALA D 477 21.51 32.03 -2.79
N PRO D 478 20.79 31.54 -1.76
CA PRO D 478 20.89 32.13 -0.43
C PRO D 478 22.31 32.00 0.07
N ASP D 479 22.76 32.99 0.84
CA ASP D 479 24.11 32.99 1.37
C ASP D 479 24.02 33.09 2.89
N VAL D 480 24.62 32.12 3.58
CA VAL D 480 24.61 32.10 5.03
C VAL D 480 25.70 33.01 5.60
N HIS D 481 25.32 33.85 6.54
CA HIS D 481 26.24 34.74 7.25
C HIS D 481 26.05 34.41 8.73
N LEU D 482 26.64 33.31 9.14
CA LEU D 482 26.50 32.82 10.49
C LEU D 482 27.59 33.32 11.45
N GLN D 483 27.16 33.89 12.56
CA GLN D 483 28.05 34.33 13.61
C GLN D 483 27.89 33.30 14.70
N ALA D 484 28.89 32.45 14.88
CA ALA D 484 28.80 31.40 15.87
C ALA D 484 30.11 31.03 16.51
N SER D 485 30.03 30.54 17.76
CA SER D 485 31.18 30.10 18.50
C SER D 485 30.99 28.65 18.95
N THR D 486 32.08 28.03 19.36
CA THR D 486 32.07 26.68 19.86
C THR D 486 33.10 26.59 20.96
N SER D 487 32.78 25.86 22.01
CA SER D 487 33.72 25.68 23.12
C SER D 487 34.89 24.76 22.71
N GLY D 488 34.71 24.02 21.61
CA GLY D 488 35.75 23.14 21.09
C GLY D 488 36.70 23.91 20.17
N SER D 489 37.46 23.18 19.36
CA SER D 489 38.41 23.82 18.42
C SER D 489 38.11 23.43 16.95
N ASP D 490 36.90 22.93 16.72
CA ASP D 490 36.42 22.57 15.38
C ASP D 490 34.91 22.31 15.50
N SER D 491 34.20 22.38 14.39
CA SER D 491 32.77 22.13 14.39
C SER D 491 32.21 22.20 12.98
N ASP D 492 31.12 21.48 12.75
CA ASP D 492 30.41 21.54 11.50
C ASP D 492 29.21 22.41 11.76
N TRP D 493 28.79 23.14 10.75
CA TRP D 493 27.62 23.99 10.85
C TRP D 493 26.69 23.64 9.72
N VAL D 494 25.49 23.23 10.07
CA VAL D 494 24.47 22.84 9.12
C VAL D 494 23.35 23.85 9.20
N VAL D 495 22.93 24.37 8.05
CA VAL D 495 21.86 25.35 8.00
C VAL D 495 20.83 24.92 6.99
N LYS D 496 19.57 24.93 7.40
CA LYS D 496 18.46 24.55 6.54
C LYS D 496 17.49 25.72 6.41
N LEU D 497 17.16 26.07 5.19
CA LEU D 497 16.16 27.10 4.90
C LEU D 497 14.91 26.29 4.59
N ILE D 498 13.88 26.49 5.40
CA ILE D 498 12.68 25.68 5.32
C ILE D 498 11.39 26.44 5.08
N ASP D 499 10.49 25.81 4.33
CA ASP D 499 9.18 26.33 4.07
C ASP D 499 8.25 25.49 4.95
N VAL D 500 7.70 26.12 5.98
CA VAL D 500 6.76 25.43 6.87
C VAL D 500 5.37 25.62 6.30
N TYR D 501 4.74 24.53 5.91
CA TYR D 501 3.40 24.59 5.35
C TYR D 501 2.42 25.04 6.44
N PRO D 502 1.26 25.58 6.02
CA PRO D 502 0.23 26.01 6.97
C PRO D 502 -0.05 24.89 7.94
N GLU D 503 -0.21 25.19 9.22
CA GLU D 503 -0.42 24.17 10.26
C GLU D 503 -1.48 23.12 9.89
N GLU D 504 -2.51 23.54 9.14
CA GLU D 504 -3.54 22.63 8.66
C GLU D 504 -3.60 22.66 7.11
N ALA D 506 -6.16 20.58 5.08
CA ALA D 506 -7.28 19.63 5.05
C ALA D 506 -7.44 18.81 3.75
N SER D 507 -7.02 19.39 2.62
CA SER D 507 -7.10 18.70 1.31
C SER D 507 -5.97 17.67 1.12
N ASN D 508 -4.92 17.79 1.93
CA ASN D 508 -3.79 16.84 1.93
C ASN D 508 -3.23 16.85 3.37
N PRO D 509 -3.98 16.22 4.30
CA PRO D 509 -3.67 16.26 5.75
C PRO D 509 -2.23 16.09 6.18
N LYS D 510 -1.46 15.21 5.53
CA LYS D 510 -0.06 14.97 5.92
C LYS D 510 0.86 16.21 5.75
N GLY D 512 0.10 19.26 6.65
CA GLY D 512 -0.17 20.23 7.70
C GLY D 512 1.04 20.41 8.61
N GLY D 513 1.67 21.58 8.55
CA GLY D 513 2.83 21.90 9.38
C GLY D 513 4.13 21.29 8.89
N TYR D 514 4.07 20.68 7.69
CA TYR D 514 5.23 20.00 7.06
C TYR D 514 6.40 20.97 6.91
N GLU D 515 7.57 20.55 7.39
CA GLU D 515 8.77 21.37 7.30
C GLU D 515 9.63 20.94 6.10
N LEU D 516 9.37 21.56 4.95
CA LEU D 516 10.08 21.24 3.72
C LEU D 516 11.37 22.04 3.60
N PRO D 517 12.53 21.36 3.53
CA PRO D 517 13.78 22.07 3.32
C PRO D 517 13.89 22.50 1.86
N VAL D 518 13.79 23.79 1.63
CA VAL D 518 13.93 24.35 0.30
C VAL D 518 15.39 24.28 -0.12
N SER D 519 16.29 24.58 0.82
CA SER D 519 17.70 24.62 0.56
C SER D 519 18.50 24.40 1.87
N LEU D 520 19.46 23.46 1.84
CA LEU D 520 20.30 23.20 3.03
C LEU D 520 21.73 22.88 2.64
N ALA D 521 22.65 23.11 3.58
CA ALA D 521 24.05 22.85 3.35
C ALA D 521 24.80 22.64 4.65
N ILE D 522 25.95 21.98 4.54
CA ILE D 522 26.82 21.76 5.69
C ILE D 522 28.16 22.43 5.39
N PHE D 523 28.81 22.93 6.42
CA PHE D 523 30.09 23.59 6.28
C PHE D 523 31.01 23.11 7.37
N ARG D 524 32.17 22.59 6.98
CA ARG D 524 33.16 22.12 7.93
C ARG D 524 33.97 23.33 8.42
N GLY D 525 33.74 23.69 9.68
CA GLY D 525 34.33 24.88 10.33
C GLY D 525 35.83 25.12 10.21
N ARG D 526 36.62 24.07 10.12
CA ARG D 526 38.09 24.21 9.99
C ARG D 526 38.50 24.99 8.72
N TYR D 527 37.60 25.06 7.73
CA TYR D 527 37.87 25.76 6.48
C TYR D 527 37.23 27.17 6.44
N ARG D 528 36.97 27.74 7.62
CA ARG D 528 36.33 29.06 7.73
C ARG D 528 37.06 30.15 6.96
N GLU D 529 38.37 30.21 7.12
CA GLU D 529 39.21 31.22 6.47
C GLU D 529 39.85 30.72 5.16
N SER D 530 39.94 29.40 5.00
CA SER D 530 40.54 28.82 3.79
C SER D 530 40.16 27.36 3.61
N PHE D 531 39.77 27.00 2.39
CA PHE D 531 39.40 25.62 2.07
C PHE D 531 40.65 24.74 1.91
N SER D 532 41.76 25.33 1.47
CA SER D 532 43.01 24.59 1.22
C SER D 532 43.87 24.42 2.49
N THR D 533 43.77 25.37 3.42
CA THR D 533 44.58 25.34 4.65
C THR D 533 43.67 25.40 5.89
N PRO D 534 43.36 24.24 6.48
CA PRO D 534 42.50 24.20 7.66
C PRO D 534 43.15 24.84 8.89
N LYS D 535 42.33 25.40 9.78
CA LYS D 535 42.81 26.08 10.96
C LYS D 535 41.83 25.87 12.14
N PRO D 536 42.36 25.67 13.35
CA PRO D 536 41.50 25.48 14.52
C PRO D 536 40.64 26.70 14.82
N LEU D 537 39.43 26.46 15.31
CA LEU D 537 38.54 27.53 15.70
C LEU D 537 38.89 27.96 17.12
N THR D 538 38.91 29.26 17.37
CA THR D 538 39.23 29.78 18.70
C THR D 538 38.06 29.45 19.63
N SER D 539 38.37 28.79 20.74
CA SER D 539 37.34 28.37 21.69
C SER D 539 36.53 29.53 22.28
N ASN D 540 35.21 29.38 22.24
CA ASN D 540 34.24 30.36 22.78
C ASN D 540 34.26 31.76 22.15
N GLN D 541 34.90 31.91 21.01
CA GLN D 541 34.96 33.19 20.33
C GLN D 541 33.99 33.19 19.14
N PRO D 542 33.09 34.19 19.08
CA PRO D 542 32.17 34.30 17.93
C PRO D 542 32.96 34.56 16.63
N LEU D 543 32.74 33.72 15.63
CA LEU D 543 33.44 33.83 14.36
C LEU D 543 32.46 33.83 13.20
N ALA D 544 32.84 34.53 12.12
CA ALA D 544 31.99 34.65 10.94
C ALA D 544 32.17 33.47 9.98
N PHE D 545 31.07 32.84 9.62
CA PHE D 545 31.07 31.73 8.68
C PHE D 545 30.19 32.12 7.52
N GLN D 546 30.75 32.14 6.31
CA GLN D 546 30.00 32.49 5.13
C GLN D 546 30.08 31.39 4.10
N PHE D 547 28.91 30.90 3.67
CA PHE D 547 28.85 29.84 2.66
C PHE D 547 27.47 29.81 1.99
N GLY D 548 27.44 29.44 0.73
CA GLY D 548 26.20 29.41 -0.02
C GLY D 548 25.34 28.17 0.19
N LEU D 549 24.03 28.37 0.14
CA LEU D 549 23.05 27.31 0.21
C LEU D 549 22.60 27.03 -1.22
N PRO D 550 22.10 25.83 -1.49
CA PRO D 550 21.59 25.49 -2.82
C PRO D 550 20.61 26.53 -3.40
N THR D 551 20.67 26.69 -4.71
CA THR D 551 19.79 27.59 -5.42
C THR D 551 18.34 27.29 -5.12
N ALA D 552 17.51 28.33 -5.11
CA ALA D 552 16.10 28.20 -4.87
C ALA D 552 15.28 29.13 -5.76
N ASN D 553 14.19 28.60 -6.29
CA ASN D 553 13.23 29.37 -7.05
C ASN D 553 11.93 28.96 -6.39
N HIS D 554 11.64 29.60 -5.27
CA HIS D 554 10.54 29.19 -4.44
C HIS D 554 9.73 30.33 -3.86
N THR D 555 8.42 30.24 -3.96
CA THR D 555 7.54 31.21 -3.38
C THR D 555 6.93 30.64 -2.10
N PHE D 556 7.25 31.27 -0.97
CA PHE D 556 6.64 30.90 0.31
C PHE D 556 5.25 31.56 0.27
N GLN D 557 4.22 30.74 0.09
CA GLN D 557 2.84 31.26 -0.07
C GLN D 557 2.24 31.72 1.25
N PRO D 558 1.16 32.53 1.19
CA PRO D 558 0.48 32.98 2.41
C PRO D 558 0.02 31.80 3.25
N GLY D 559 0.20 31.87 4.56
CA GLY D 559 -0.16 30.79 5.46
C GLY D 559 1.07 29.99 5.87
N HIS D 560 2.09 29.99 5.00
CA HIS D 560 3.33 29.30 5.27
C HIS D 560 4.20 30.17 6.15
N ARG D 561 5.24 29.57 6.69
CA ARG D 561 6.22 30.30 7.49
C ARG D 561 7.57 29.99 6.90
N VAL D 562 8.53 30.86 7.14
CA VAL D 562 9.89 30.63 6.73
C VAL D 562 10.60 30.18 8.00
N VAL D 564 14.44 28.43 9.76
CA VAL D 564 15.84 28.15 9.66
C VAL D 564 16.24 27.22 10.80
N GLN D 565 16.82 26.08 10.46
CA GLN D 565 17.31 25.15 11.46
C GLN D 565 18.83 25.16 11.41
N VAL D 566 19.46 25.14 12.57
CA VAL D 566 20.91 25.10 12.67
C VAL D 566 21.32 23.94 13.59
N GLN D 567 22.27 23.14 13.14
CA GLN D 567 22.77 22.01 13.93
C GLN D 567 24.26 21.81 13.58
N SER D 568 24.91 20.86 14.25
CA SER D 568 26.34 20.64 14.04
C SER D 568 26.71 19.22 13.61
N SER D 569 25.71 18.44 13.23
CA SER D 569 25.91 17.12 12.67
C SER D 569 24.75 16.79 11.72
N LEU D 570 25.01 15.88 10.80
CA LEU D 570 24.04 15.45 9.77
C LEU D 570 24.52 14.04 9.41
N PHE D 571 24.21 13.12 10.32
CA PHE D 571 24.73 11.74 10.35
C PHE D 571 23.68 10.64 10.00
N PRO D 572 24.11 9.52 9.37
CA PRO D 572 25.50 9.24 8.97
C PRO D 572 25.96 9.72 7.57
N LEU D 573 25.16 10.55 6.89
CA LEU D 573 25.56 11.04 5.55
C LEU D 573 26.95 11.69 5.61
N TYR D 574 27.18 12.52 6.63
CA TYR D 574 28.46 13.20 6.82
C TYR D 574 29.13 12.66 8.04
N ASP D 575 30.43 12.38 7.96
CA ASP D 575 31.14 11.91 9.12
C ASP D 575 31.12 13.01 10.19
N ARG D 576 31.19 12.60 11.43
CA ARG D 576 31.11 13.52 12.55
C ARG D 576 32.37 14.31 12.75
N ASN D 577 32.21 15.60 12.93
CA ASN D 577 33.31 16.45 13.25
C ASN D 577 33.58 16.14 14.73
N PRO D 578 34.82 15.78 15.08
CA PRO D 578 35.15 15.43 16.49
C PRO D 578 35.01 16.61 17.45
N GLN D 579 35.05 17.82 16.91
CA GLN D 579 34.90 19.05 17.69
C GLN D 579 36.13 19.46 18.50
N THR D 580 37.23 18.73 18.30
CA THR D 580 38.55 19.10 18.80
C THR D 580 39.37 19.04 17.51
N TYR D 581 40.23 20.03 17.30
CA TYR D 581 41.01 20.08 16.07
C TYR D 581 42.01 18.94 15.97
N VAL D 582 41.90 18.17 14.88
CA VAL D 582 42.82 17.07 14.58
C VAL D 582 43.36 17.30 13.16
N PRO D 583 44.55 16.80 12.87
CA PRO D 583 45.16 16.98 11.54
C PRO D 583 44.30 16.45 10.39
N ASN D 584 43.67 15.29 10.61
CA ASN D 584 42.84 14.65 9.61
C ASN D 584 41.62 13.96 10.28
N ILE D 585 40.43 14.49 10.03
CA ILE D 585 39.19 13.96 10.63
C ILE D 585 38.91 12.50 10.20
N PHE D 586 39.40 12.09 9.03
CA PHE D 586 39.25 10.71 8.56
C PHE D 586 39.84 9.73 9.61
N PHE D 587 40.95 10.12 10.22
CA PHE D 587 41.62 9.28 11.22
C PHE D 587 41.51 9.77 12.66
N ALA D 588 40.39 10.41 13.00
CA ALA D 588 40.18 10.90 14.34
C ALA D 588 40.13 9.70 15.31
N LYS D 589 40.69 9.88 16.48
CA LYS D 589 40.74 8.84 17.52
C LYS D 589 39.52 8.97 18.44
N PRO D 590 39.15 7.88 19.14
CA PRO D 590 37.99 7.90 20.04
C PRO D 590 37.99 9.08 21.05
N GLY D 591 39.16 9.39 21.60
CA GLY D 591 39.30 10.47 22.58
C GLY D 591 39.19 11.88 22.00
N ASP D 592 39.31 12.00 20.68
CA ASP D 592 39.21 13.31 20.00
C ASP D 592 37.76 13.81 19.95
N TYR D 593 36.80 12.89 19.99
CA TYR D 593 35.39 13.26 19.95
C TYR D 593 34.95 13.77 21.31
N GLN D 594 34.50 15.02 21.36
CA GLN D 594 34.09 15.64 22.60
C GLN D 594 32.87 16.53 22.38
N LYS D 595 32.03 16.62 23.40
CA LYS D 595 30.88 17.50 23.37
C LYS D 595 31.41 18.94 23.27
N ALA D 596 30.59 19.82 22.72
CA ALA D 596 30.96 21.22 22.59
C ALA D 596 29.73 22.11 22.71
N THR D 597 29.89 23.21 23.43
CA THR D 597 28.82 24.16 23.61
C THR D 597 28.82 25.14 22.44
N GLN D 598 27.77 25.09 21.63
CA GLN D 598 27.64 25.92 20.43
C GLN D 598 26.76 27.11 20.72
N ARG D 599 27.09 28.25 20.10
CA ARG D 599 26.31 29.46 20.27
C ARG D 599 26.10 30.17 18.94
N VAL D 600 24.85 30.44 18.60
CA VAL D 600 24.50 31.15 17.39
C VAL D 600 24.10 32.56 17.79
N TYR D 601 24.92 33.52 17.44
CA TYR D 601 24.69 34.90 17.82
C TYR D 601 23.60 35.57 16.99
N VAL D 602 22.73 36.31 17.68
CA VAL D 602 21.59 36.98 17.08
C VAL D 602 21.43 38.42 17.64
N SER D 603 22.54 39.03 18.05
CA SER D 603 22.55 40.38 18.63
C SER D 603 22.73 41.44 17.53
N PRO D 604 22.40 42.71 17.84
CA PRO D 604 22.59 43.79 16.87
C PRO D 604 24.06 43.94 16.43
N GLU D 605 24.98 43.64 17.35
CA GLU D 605 26.43 43.75 17.09
C GLU D 605 26.99 42.59 16.24
N GLN D 606 26.49 41.37 16.49
CA GLN D 606 26.93 40.17 15.75
C GLN D 606 25.70 39.35 15.32
N PRO D 607 24.98 39.85 14.33
CA PRO D 607 23.74 39.22 13.87
C PRO D 607 23.94 38.11 12.86
N SER D 608 23.34 36.95 13.11
CA SER D 608 23.39 35.84 12.16
C SER D 608 22.24 36.07 11.23
N TYR D 609 22.45 35.85 9.94
CA TYR D 609 21.41 36.04 8.96
C TYR D 609 21.69 35.31 7.68
N ILE D 610 20.69 35.22 6.84
CA ILE D 610 20.83 34.61 5.55
C ILE D 610 20.48 35.67 4.51
N SER D 611 21.42 35.94 3.61
CA SER D 611 21.18 36.86 2.51
C SER D 611 20.24 36.13 1.57
N LEU D 612 18.97 36.49 1.64
CA LEU D 612 17.92 35.84 0.86
C LEU D 612 17.70 36.55 -0.49
N PRO D 613 17.71 35.80 -1.59
CA PRO D 613 17.51 36.38 -2.93
C PRO D 613 16.03 36.67 -3.23
N VAL D 614 15.48 37.65 -2.52
CA VAL D 614 14.08 38.01 -2.67
C VAL D 614 13.88 38.83 -3.96
N ARG D 615 12.68 38.75 -4.53
CA ARG D 615 12.34 39.50 -5.73
C ARG D 615 10.88 40.01 -5.68
#